data_6MXB
#
_entry.id   6MXB
#
_cell.length_a   61.113
_cell.length_b   107.394
_cell.length_c   117.097
_cell.angle_alpha   90.00
_cell.angle_beta   96.96
_cell.angle_gamma   90.00
#
_symmetry.space_group_name_H-M   'P 1 21 1'
#
loop_
_entity.id
_entity.type
_entity.pdbx_description
1 polymer 'Hypoxanthine-guanine phosphoribosyltransferase, putative'
2 non-polymer "XANTHOSINE-5'-MONOPHOSPHATE"
3 non-polymer 'MAGNESIUM ION'
4 water water
#
_entity_poly.entity_id   1
_entity_poly.type   'polypeptide(L)'
_entity_poly.pdbx_seq_one_letter_code
;MGSSHHHHHHDYDIPTTENLYFQGHMASMTGGQQMGRGSHSGHPLKPNFVGRDADGNVTVDGRSYPMAESVVATESTIHR
SMKEMAQTLANAYKTLKHRDTHNKGNSALAPITDENPLIIISVLKGSYIFTADMVRYLGDCGLPNVVDFIRITSYRGTTK
SSGTVQVLDNLRFTELTGKHVLIMEDIADTGRTMKLLVEKIRREYRPASLKVCVLVDKPGGRVVDFKPEFVCLTAPTRYV
VGYGFEVNDRYRNYRHVFVLKPEYAKRYPSKL
;
_entity_poly.pdbx_strand_id   A,B,C,D,E,F
#
loop_
_chem_comp.id
_chem_comp.type
_chem_comp.name
_chem_comp.formula
MG non-polymer 'MAGNESIUM ION' 'Mg 2'
XMP non-polymer XANTHOSINE-5'-MONOPHOSPHATE 'C10 H14 N4 O9 P 1'
#
# COMPACT_ATOMS: atom_id res chain seq x y z
N PRO A 44 -0.45 -1.57 1.01
CA PRO A 44 -1.39 -2.60 1.43
C PRO A 44 -1.22 -3.87 0.60
N LEU A 45 -0.89 -3.70 -0.68
CA LEU A 45 -0.74 -4.81 -1.62
C LEU A 45 0.62 -5.49 -1.53
N LYS A 46 1.35 -5.32 -0.42
CA LYS A 46 2.63 -5.99 -0.24
C LYS A 46 2.41 -7.40 0.29
N PRO A 47 3.15 -8.40 -0.22
CA PRO A 47 2.92 -9.78 0.20
C PRO A 47 3.20 -9.98 1.69
N ASN A 48 2.24 -10.58 2.38
CA ASN A 48 2.32 -10.80 3.81
C ASN A 48 2.69 -12.25 4.10
N PHE A 49 3.53 -12.46 5.11
CA PHE A 49 3.97 -13.79 5.50
C PHE A 49 3.18 -14.26 6.70
N VAL A 50 2.50 -15.40 6.56
CA VAL A 50 1.76 -16.01 7.65
C VAL A 50 2.65 -17.04 8.32
N GLY A 51 2.77 -16.95 9.65
CA GLY A 51 3.60 -17.88 10.40
C GLY A 51 3.11 -18.16 11.80
N ARG A 52 3.97 -18.73 12.63
CA ARG A 52 3.64 -19.02 14.03
C ARG A 52 4.84 -18.72 14.90
N ASP A 53 4.61 -18.03 16.01
CA ASP A 53 5.69 -17.65 16.91
C ASP A 53 6.05 -18.84 17.82
N ALA A 54 6.96 -18.61 18.78
CA ALA A 54 7.37 -19.66 19.69
C ALA A 54 6.25 -20.10 20.61
N ASP A 55 5.26 -19.24 20.86
CA ASP A 55 4.12 -19.58 21.70
C ASP A 55 3.03 -20.32 20.93
N GLY A 56 3.23 -20.59 19.63
CA GLY A 56 2.21 -21.22 18.83
C GLY A 56 1.12 -20.29 18.35
N ASN A 57 1.28 -18.98 18.54
CA ASN A 57 0.27 -18.01 18.11
C ASN A 57 0.48 -17.64 16.65
N VAL A 58 -0.63 -17.32 15.98
CA VAL A 58 -0.57 -16.91 14.58
C VAL A 58 0.19 -15.60 14.49
N THR A 59 1.11 -15.52 13.53
CA THR A 59 1.80 -14.28 13.20
C THR A 59 1.57 -13.94 11.74
N VAL A 60 1.43 -12.65 11.47
CA VAL A 60 1.40 -12.11 10.11
C VAL A 60 2.43 -11.00 10.03
N ASP A 61 3.46 -11.20 9.22
CA ASP A 61 4.58 -10.25 9.10
C ASP A 61 5.27 -10.03 10.45
N GLY A 62 5.43 -11.12 11.21
CA GLY A 62 6.14 -11.06 12.47
C GLY A 62 5.32 -10.58 13.65
N ARG A 63 4.11 -10.06 13.42
CA ARG A 63 3.26 -9.57 14.51
C ARG A 63 2.36 -10.70 14.99
N SER A 64 2.36 -10.95 16.30
CA SER A 64 1.59 -12.04 16.86
C SER A 64 0.13 -11.64 17.08
N TYR A 65 -0.78 -12.58 16.81
CA TYR A 65 -2.20 -12.38 16.99
C TYR A 65 -2.74 -13.51 17.85
N PRO A 66 -2.66 -13.37 19.17
CA PRO A 66 -3.06 -14.48 20.06
C PRO A 66 -4.51 -14.87 19.94
N MET A 67 -5.38 -13.97 19.48
CA MET A 67 -6.81 -14.28 19.36
C MET A 67 -7.16 -15.05 18.10
N ALA A 68 -6.22 -15.20 17.17
CA ALA A 68 -6.49 -15.78 15.86
C ALA A 68 -6.24 -17.29 15.88
N GLU A 69 -7.19 -18.04 15.34
CA GLU A 69 -7.00 -19.47 15.12
C GLU A 69 -6.36 -19.75 13.77
N SER A 70 -6.67 -18.95 12.75
CA SER A 70 -6.10 -19.08 11.43
C SER A 70 -6.34 -17.77 10.69
N VAL A 71 -5.84 -17.69 9.46
CA VAL A 71 -5.95 -16.49 8.64
C VAL A 71 -6.92 -16.76 7.50
N VAL A 72 -7.94 -15.91 7.38
CA VAL A 72 -8.86 -16.00 6.25
C VAL A 72 -8.32 -15.27 5.04
N ALA A 73 -7.78 -14.06 5.25
CA ALA A 73 -7.21 -13.26 4.18
C ALA A 73 -6.32 -12.20 4.79
N THR A 74 -5.08 -12.11 4.32
CA THR A 74 -4.18 -11.05 4.74
C THR A 74 -4.53 -9.75 4.02
N GLU A 75 -3.81 -8.68 4.34
CA GLU A 75 -4.15 -7.36 3.82
C GLU A 75 -3.99 -7.30 2.31
N SER A 76 -2.92 -7.89 1.77
CA SER A 76 -2.72 -7.84 0.32
C SER A 76 -3.80 -8.64 -0.41
N THR A 77 -4.19 -9.80 0.13
CA THR A 77 -5.31 -10.54 -0.42
C THR A 77 -6.59 -9.69 -0.37
N ILE A 78 -6.80 -9.01 0.76
CA ILE A 78 -8.00 -8.19 0.92
C ILE A 78 -8.04 -7.10 -0.15
N HIS A 79 -6.94 -6.37 -0.31
CA HIS A 79 -6.94 -5.22 -1.20
C HIS A 79 -6.92 -5.62 -2.67
N ARG A 80 -6.33 -6.78 -2.99
CA ARG A 80 -6.40 -7.28 -4.36
C ARG A 80 -7.85 -7.52 -4.77
N SER A 81 -8.63 -8.18 -3.91
CA SER A 81 -10.02 -8.45 -4.23
C SER A 81 -10.84 -7.17 -4.29
N MET A 82 -10.50 -6.18 -3.46
CA MET A 82 -11.24 -4.92 -3.47
C MET A 82 -10.98 -4.13 -4.74
N LYS A 83 -9.72 -4.11 -5.20
CA LYS A 83 -9.40 -3.40 -6.44
C LYS A 83 -10.10 -4.02 -7.63
N GLU A 84 -10.09 -5.36 -7.72
CA GLU A 84 -10.80 -6.03 -8.80
C GLU A 84 -12.31 -5.81 -8.66
N MET A 85 -12.83 -5.82 -7.43
CA MET A 85 -14.25 -5.58 -7.23
C MET A 85 -14.63 -4.16 -7.64
N ALA A 86 -13.74 -3.20 -7.43
CA ALA A 86 -14.02 -1.83 -7.85
C ALA A 86 -14.11 -1.73 -9.37
N GLN A 87 -13.27 -2.47 -10.09
CA GLN A 87 -13.40 -2.54 -11.53
C GLN A 87 -14.69 -3.24 -11.94
N THR A 88 -15.07 -4.29 -11.21
CA THR A 88 -16.35 -4.93 -11.45
C THR A 88 -17.51 -3.96 -11.21
N LEU A 89 -17.44 -3.19 -10.12
CA LEU A 89 -18.47 -2.19 -9.84
C LEU A 89 -18.51 -1.12 -10.92
N ALA A 90 -17.33 -0.66 -11.36
CA ALA A 90 -17.28 0.40 -12.37
C ALA A 90 -17.89 -0.07 -13.69
N ASN A 91 -17.53 -1.29 -14.13
CA ASN A 91 -18.07 -1.80 -15.39
C ASN A 91 -19.58 -2.00 -15.31
N ALA A 92 -20.11 -2.28 -14.12
CA ALA A 92 -21.53 -2.55 -13.99
C ALA A 92 -22.38 -1.29 -13.98
N TYR A 93 -21.83 -0.17 -13.50
CA TYR A 93 -22.62 1.05 -13.30
C TYR A 93 -22.23 2.20 -14.22
N LYS A 94 -21.12 2.11 -14.95
CA LYS A 94 -20.59 3.28 -15.64
C LYS A 94 -21.55 3.82 -16.71
N THR A 95 -22.19 2.91 -17.45
CA THR A 95 -23.05 3.32 -18.56
C THR A 95 -24.52 3.38 -18.19
N LEU A 96 -24.88 3.15 -16.94
CA LEU A 96 -26.28 3.17 -16.54
C LEU A 96 -26.78 4.60 -16.40
N LYS A 97 -28.10 4.76 -16.47
CA LYS A 97 -28.75 6.04 -16.30
C LYS A 97 -29.83 5.91 -15.22
N HIS A 98 -30.09 7.02 -14.53
CA HIS A 98 -31.13 7.08 -13.52
C HIS A 98 -31.70 8.49 -13.47
N ARG A 99 -32.65 8.71 -12.57
CA ARG A 99 -33.40 9.96 -12.55
C ARG A 99 -32.50 11.14 -12.19
N ASP A 100 -32.65 12.23 -12.92
CA ASP A 100 -31.87 13.45 -12.72
C ASP A 100 -32.48 14.24 -11.56
N THR A 101 -31.77 14.29 -10.43
CA THR A 101 -32.14 15.17 -9.32
C THR A 101 -31.26 16.41 -9.25
N HIS A 102 -30.16 16.45 -9.99
CA HIS A 102 -29.35 17.67 -10.06
C HIS A 102 -30.12 18.79 -10.75
N ASN A 103 -30.83 18.46 -11.84
CA ASN A 103 -31.65 19.42 -12.57
C ASN A 103 -33.09 18.90 -12.54
N LYS A 104 -33.89 19.44 -11.63
CA LYS A 104 -35.27 18.99 -11.49
C LYS A 104 -36.13 19.40 -12.68
N GLY A 105 -35.67 20.34 -13.51
CA GLY A 105 -36.40 20.67 -14.71
C GLY A 105 -36.23 19.67 -15.83
N ASN A 106 -35.26 18.78 -15.73
CA ASN A 106 -35.03 17.77 -16.75
C ASN A 106 -35.96 16.58 -16.54
N SER A 107 -36.46 16.03 -17.65
CA SER A 107 -37.33 14.87 -17.61
C SER A 107 -36.67 13.58 -18.08
N ALA A 108 -35.57 13.67 -18.82
CA ALA A 108 -34.89 12.48 -19.30
C ALA A 108 -33.98 11.90 -18.22
N LEU A 109 -33.77 10.59 -18.30
CA LEU A 109 -32.81 9.94 -17.41
C LEU A 109 -31.41 10.49 -17.67
N ALA A 110 -30.59 10.50 -16.63
CA ALA A 110 -29.26 11.09 -16.73
C ALA A 110 -28.19 10.05 -16.40
N PRO A 111 -27.02 10.17 -17.03
CA PRO A 111 -25.93 9.22 -16.73
C PRO A 111 -25.40 9.42 -15.31
N ILE A 112 -24.58 8.47 -14.89
CA ILE A 112 -23.96 8.51 -13.57
C ILE A 112 -22.75 9.42 -13.64
N THR A 113 -22.88 10.63 -13.10
CA THR A 113 -21.82 11.64 -13.12
C THR A 113 -21.72 12.27 -11.74
N ASP A 114 -20.86 13.28 -11.63
CA ASP A 114 -20.81 14.08 -10.40
C ASP A 114 -22.16 14.73 -10.10
N GLU A 115 -22.91 15.10 -11.14
CA GLU A 115 -24.21 15.72 -10.95
C GLU A 115 -25.22 14.74 -10.38
N ASN A 116 -25.18 13.49 -10.85
CA ASN A 116 -26.11 12.44 -10.40
C ASN A 116 -25.30 11.17 -10.11
N PRO A 117 -24.62 11.12 -8.97
CA PRO A 117 -23.68 10.03 -8.71
C PRO A 117 -24.38 8.76 -8.26
N LEU A 118 -23.60 7.68 -8.21
CA LEU A 118 -24.05 6.44 -7.61
C LEU A 118 -24.27 6.65 -6.12
N ILE A 119 -25.40 6.19 -5.61
CA ILE A 119 -25.72 6.33 -4.19
C ILE A 119 -25.26 5.07 -3.48
N ILE A 120 -24.32 5.23 -2.55
CA ILE A 120 -23.78 4.13 -1.77
C ILE A 120 -24.28 4.25 -0.34
N ILE A 121 -24.93 3.20 0.16
CA ILE A 121 -25.42 3.14 1.53
C ILE A 121 -24.50 2.20 2.30
N SER A 122 -23.72 2.75 3.21
CA SER A 122 -22.78 1.99 4.03
C SER A 122 -23.42 1.68 5.38
N VAL A 123 -23.30 0.42 5.81
CA VAL A 123 -23.97 -0.06 7.02
C VAL A 123 -22.98 0.03 8.18
N LEU A 124 -23.26 0.91 9.13
CA LEU A 124 -22.43 1.07 10.32
C LEU A 124 -22.71 -0.06 11.31
N LYS A 125 -21.70 -0.43 12.11
CA LYS A 125 -20.37 0.20 12.09
C LYS A 125 -19.37 -0.59 11.27
N GLY A 126 -19.72 -1.85 10.98
CA GLY A 126 -18.74 -2.80 10.45
C GLY A 126 -18.23 -2.48 9.07
N SER A 127 -18.91 -1.62 8.32
CA SER A 127 -18.57 -1.40 6.92
C SER A 127 -17.75 -0.14 6.67
N TYR A 128 -17.45 0.66 7.69
CA TYR A 128 -16.87 1.97 7.42
C TYR A 128 -15.43 1.87 6.93
N ILE A 129 -14.66 0.90 7.40
CA ILE A 129 -13.30 0.73 6.90
C ILE A 129 -13.31 0.14 5.50
N PHE A 130 -14.14 -0.89 5.29
CA PHE A 130 -14.38 -1.43 3.95
C PHE A 130 -14.81 -0.31 3.00
N THR A 131 -15.76 0.52 3.44
CA THR A 131 -16.28 1.58 2.59
C THR A 131 -15.22 2.61 2.27
N ALA A 132 -14.41 3.00 3.26
CA ALA A 132 -13.39 4.03 3.03
C ALA A 132 -12.40 3.58 1.96
N ASP A 133 -11.96 2.32 2.02
CA ASP A 133 -11.03 1.82 1.00
C ASP A 133 -11.74 1.65 -0.34
N MET A 134 -13.00 1.23 -0.31
CA MET A 134 -13.71 0.90 -1.55
C MET A 134 -14.00 2.15 -2.38
N VAL A 135 -14.50 3.21 -1.75
CA VAL A 135 -14.86 4.40 -2.52
C VAL A 135 -13.63 5.04 -3.13
N ARG A 136 -12.45 4.86 -2.52
CA ARG A 136 -11.23 5.38 -3.11
C ARG A 136 -10.79 4.54 -4.30
N TYR A 137 -11.00 3.22 -4.24
CA TYR A 137 -10.76 2.40 -5.42
C TYR A 137 -11.76 2.70 -6.52
N LEU A 138 -13.00 3.03 -6.15
CA LEU A 138 -13.99 3.43 -7.15
C LEU A 138 -13.58 4.73 -7.84
N GLY A 139 -12.96 5.65 -7.09
CA GLY A 139 -12.44 6.86 -7.69
C GLY A 139 -11.32 6.59 -8.67
N ASP A 140 -10.45 5.62 -8.34
CA ASP A 140 -9.43 5.19 -9.29
C ASP A 140 -10.06 4.73 -10.59
N CYS A 141 -11.23 4.07 -10.50
CA CYS A 141 -11.94 3.59 -11.69
C CYS A 141 -12.84 4.65 -12.30
N GLY A 142 -12.92 5.84 -11.72
CA GLY A 142 -13.72 6.91 -12.29
C GLY A 142 -15.22 6.70 -12.17
N LEU A 143 -15.68 6.07 -11.09
CA LEU A 143 -17.11 5.90 -10.85
C LEU A 143 -17.56 6.93 -9.83
N PRO A 144 -18.24 8.00 -10.23
CA PRO A 144 -18.68 9.01 -9.26
C PRO A 144 -19.71 8.43 -8.30
N ASN A 145 -19.53 8.70 -7.01
CA ASN A 145 -20.37 8.10 -5.98
C ASN A 145 -20.43 9.03 -4.77
N VAL A 146 -21.52 8.90 -4.02
CA VAL A 146 -21.69 9.57 -2.74
C VAL A 146 -22.10 8.53 -1.71
N VAL A 147 -21.69 8.75 -0.46
CA VAL A 147 -21.87 7.79 0.62
C VAL A 147 -22.76 8.39 1.69
N ASP A 148 -23.79 7.64 2.09
CA ASP A 148 -24.54 7.92 3.30
C ASP A 148 -24.55 6.66 4.16
N PHE A 149 -24.68 6.85 5.48
CA PHE A 149 -24.59 5.76 6.42
C PHE A 149 -25.95 5.46 7.02
N ILE A 150 -26.18 4.18 7.31
CA ILE A 150 -27.33 3.73 8.08
C ILE A 150 -26.82 2.78 9.15
N ARG A 151 -27.46 2.82 10.32
CA ARG A 151 -27.09 1.95 11.43
C ARG A 151 -28.32 1.16 11.85
N ILE A 152 -28.23 -0.16 11.77
CA ILE A 152 -29.34 -1.05 12.07
C ILE A 152 -28.92 -2.00 13.17
N THR A 153 -29.91 -2.53 13.88
CA THR A 153 -29.67 -3.47 14.97
C THR A 153 -29.61 -4.91 14.46
N VAL A 167 -33.62 -0.06 12.86
CA VAL A 167 -32.83 1.09 12.46
C VAL A 167 -32.57 2.01 13.65
N LEU A 168 -31.30 2.24 13.96
CA LEU A 168 -30.90 3.13 15.04
C LEU A 168 -30.54 4.53 14.55
N ASP A 169 -29.87 4.62 13.40
CA ASP A 169 -29.53 5.90 12.78
C ASP A 169 -29.92 5.81 11.31
N ASN A 170 -30.84 6.70 10.90
CA ASN A 170 -31.43 6.59 9.57
C ASN A 170 -30.63 7.40 8.55
N LEU A 171 -30.92 7.14 7.28
CA LEU A 171 -30.31 7.89 6.19
C LEU A 171 -30.73 9.36 6.24
N ARG A 172 -29.80 10.23 5.84
CA ARG A 172 -30.12 11.63 5.61
C ARG A 172 -30.39 11.93 4.14
N PHE A 173 -29.91 11.07 3.24
CA PHE A 173 -30.32 11.16 1.84
C PHE A 173 -31.82 10.92 1.73
N THR A 174 -32.48 11.72 0.90
CA THR A 174 -33.93 11.59 0.72
C THR A 174 -34.35 11.40 -0.73
N GLU A 175 -33.46 11.56 -1.70
CA GLU A 175 -33.80 11.42 -3.11
C GLU A 175 -33.18 10.15 -3.66
N LEU A 176 -33.78 9.02 -3.28
CA LEU A 176 -33.32 7.70 -3.72
C LEU A 176 -34.24 7.06 -4.74
N THR A 177 -35.46 7.58 -4.93
CA THR A 177 -36.39 7.01 -5.88
C THR A 177 -35.85 7.11 -7.29
N GLY A 178 -35.89 5.99 -8.02
CA GLY A 178 -35.37 5.99 -9.37
C GLY A 178 -33.88 6.17 -9.48
N LYS A 179 -33.15 5.99 -8.38
CA LYS A 179 -31.70 6.10 -8.38
C LYS A 179 -31.07 4.70 -8.33
N HIS A 180 -29.85 4.60 -8.84
CA HIS A 180 -29.08 3.38 -8.69
C HIS A 180 -28.40 3.41 -7.32
N VAL A 181 -28.75 2.45 -6.46
CA VAL A 181 -28.30 2.42 -5.08
C VAL A 181 -27.51 1.14 -4.85
N LEU A 182 -26.34 1.29 -4.23
CA LEU A 182 -25.46 0.16 -3.91
C LEU A 182 -25.27 0.12 -2.40
N ILE A 183 -25.71 -0.96 -1.78
CA ILE A 183 -25.51 -1.17 -0.34
C ILE A 183 -24.13 -1.80 -0.14
N MET A 184 -23.36 -1.25 0.79
CA MET A 184 -22.04 -1.77 1.11
C MET A 184 -22.07 -2.29 2.55
N GLU A 185 -21.92 -3.60 2.68
CA GLU A 185 -22.03 -4.30 3.95
C GLU A 185 -20.75 -5.10 4.19
N ASP A 186 -20.42 -5.31 5.47
CA ASP A 186 -19.21 -6.05 5.80
C ASP A 186 -19.35 -7.52 5.44
N ILE A 187 -20.45 -8.16 5.82
CA ILE A 187 -20.56 -9.60 5.69
C ILE A 187 -22.03 -9.99 5.58
N ALA A 188 -22.28 -11.06 4.82
CA ALA A 188 -23.59 -11.70 4.73
C ALA A 188 -23.47 -13.10 5.33
N ASP A 189 -24.12 -13.32 6.47
CA ASP A 189 -24.02 -14.58 7.18
C ASP A 189 -25.34 -15.31 7.02
N THR A 190 -26.29 -15.17 7.96
CA THR A 190 -27.59 -15.79 7.80
C THR A 190 -28.42 -15.12 6.71
N GLY A 191 -28.08 -13.88 6.36
CA GLY A 191 -28.79 -13.15 5.32
C GLY A 191 -30.07 -12.48 5.76
N ARG A 192 -30.53 -12.70 7.00
CA ARG A 192 -31.78 -12.10 7.45
C ARG A 192 -31.69 -10.58 7.52
N THR A 193 -30.59 -10.06 8.08
CA THR A 193 -30.43 -8.62 8.24
C THR A 193 -30.44 -7.91 6.89
N MET A 194 -29.65 -8.43 5.94
CA MET A 194 -29.59 -7.80 4.62
C MET A 194 -30.91 -7.97 3.88
N LYS A 195 -31.56 -9.13 4.02
CA LYS A 195 -32.84 -9.34 3.37
C LYS A 195 -33.87 -8.33 3.87
N LEU A 196 -33.95 -8.12 5.19
CA LEU A 196 -34.85 -7.10 5.71
C LEU A 196 -34.42 -5.71 5.29
N LEU A 197 -33.11 -5.47 5.23
CA LEU A 197 -32.61 -4.15 4.82
C LEU A 197 -32.99 -3.85 3.38
N VAL A 198 -32.73 -4.80 2.47
CA VAL A 198 -33.07 -4.60 1.06
C VAL A 198 -34.56 -4.35 0.90
N GLU A 199 -35.39 -5.12 1.60
CA GLU A 199 -36.83 -4.94 1.50
C GLU A 199 -37.28 -3.59 2.06
N LYS A 200 -36.61 -3.10 3.11
CA LYS A 200 -36.96 -1.79 3.65
C LYS A 200 -36.60 -0.68 2.69
N ILE A 201 -35.41 -0.74 2.09
CA ILE A 201 -35.00 0.29 1.14
C ILE A 201 -35.91 0.29 -0.08
N ARG A 202 -36.27 -0.90 -0.56
CA ARG A 202 -37.12 -1.01 -1.75
C ARG A 202 -38.49 -0.40 -1.48
N ARG A 203 -39.10 -0.74 -0.33
CA ARG A 203 -40.45 -0.27 -0.04
C ARG A 203 -40.48 1.24 0.21
N GLU A 204 -39.49 1.75 0.95
CA GLU A 204 -39.54 3.15 1.39
C GLU A 204 -39.11 4.12 0.30
N TYR A 205 -38.26 3.70 -0.63
CA TYR A 205 -37.69 4.62 -1.61
C TYR A 205 -37.95 4.22 -3.06
N ARG A 206 -38.05 2.92 -3.36
CA ARG A 206 -38.20 2.41 -4.72
C ARG A 206 -37.09 2.92 -5.62
N PRO A 207 -35.84 2.51 -5.41
CA PRO A 207 -34.77 2.91 -6.33
C PRO A 207 -34.91 2.22 -7.68
N ALA A 208 -34.19 2.74 -8.66
CA ALA A 208 -34.18 2.12 -9.99
C ALA A 208 -33.51 0.75 -9.94
N SER A 209 -32.47 0.60 -9.12
CA SER A 209 -31.84 -0.68 -8.88
C SER A 209 -31.23 -0.66 -7.50
N LEU A 210 -31.24 -1.81 -6.83
CA LEU A 210 -30.73 -1.95 -5.48
C LEU A 210 -29.93 -3.24 -5.41
N LYS A 211 -28.62 -3.12 -5.21
CA LYS A 211 -27.74 -4.28 -5.15
C LYS A 211 -26.86 -4.18 -3.91
N VAL A 212 -26.31 -5.33 -3.52
CA VAL A 212 -25.53 -5.45 -2.29
C VAL A 212 -24.11 -5.87 -2.63
N CYS A 213 -23.14 -5.12 -2.12
CA CYS A 213 -21.72 -5.48 -2.19
C CYS A 213 -21.24 -5.78 -0.78
N VAL A 214 -20.78 -7.00 -0.55
CA VAL A 214 -20.27 -7.40 0.75
C VAL A 214 -18.78 -7.70 0.62
N LEU A 215 -18.02 -7.38 1.68
CA LEU A 215 -16.61 -7.73 1.69
C LEU A 215 -16.44 -9.24 1.84
N VAL A 216 -17.25 -9.87 2.69
CA VAL A 216 -17.13 -11.29 3.00
C VAL A 216 -18.51 -11.92 2.88
N ASP A 217 -18.59 -13.04 2.20
CA ASP A 217 -19.79 -13.85 2.16
C ASP A 217 -19.55 -15.13 2.95
N LYS A 218 -20.48 -15.46 3.83
CA LYS A 218 -20.48 -16.76 4.49
C LYS A 218 -21.69 -17.54 3.98
N PRO A 219 -21.61 -18.13 2.78
CA PRO A 219 -22.76 -18.83 2.22
C PRO A 219 -23.17 -20.07 3.01
N GLY A 220 -22.24 -20.68 3.74
CA GLY A 220 -22.58 -21.83 4.56
C GLY A 220 -23.45 -21.52 5.75
N GLY A 221 -23.71 -20.25 6.04
CA GLY A 221 -24.52 -19.85 7.17
C GLY A 221 -25.90 -19.36 6.85
N ARG A 222 -26.39 -19.57 5.63
CA ARG A 222 -27.66 -19.00 5.21
C ARG A 222 -28.83 -19.63 5.96
N VAL A 223 -29.65 -18.78 6.58
CA VAL A 223 -30.95 -19.18 7.09
C VAL A 223 -32.04 -18.84 6.08
N VAL A 224 -32.09 -17.59 5.64
CA VAL A 224 -32.98 -17.17 4.56
C VAL A 224 -32.21 -17.25 3.25
N ASP A 225 -32.91 -17.03 2.14
CA ASP A 225 -32.30 -17.07 0.81
C ASP A 225 -31.95 -15.65 0.41
N PHE A 226 -30.65 -15.34 0.41
CA PHE A 226 -30.17 -14.01 0.06
C PHE A 226 -28.82 -14.16 -0.62
N LYS A 227 -28.69 -13.54 -1.80
CA LYS A 227 -27.47 -13.62 -2.60
C LYS A 227 -26.99 -12.22 -2.92
N PRO A 228 -25.95 -11.73 -2.26
CA PRO A 228 -25.39 -10.41 -2.62
C PRO A 228 -24.79 -10.46 -4.02
N GLU A 229 -25.09 -9.43 -4.81
CA GLU A 229 -24.63 -9.42 -6.20
C GLU A 229 -23.12 -9.36 -6.29
N PHE A 230 -22.46 -8.68 -5.35
CA PHE A 230 -21.02 -8.48 -5.39
C PHE A 230 -20.40 -8.99 -4.10
N VAL A 231 -19.41 -9.87 -4.22
CA VAL A 231 -18.75 -10.48 -3.08
C VAL A 231 -17.25 -10.43 -3.30
N CYS A 232 -16.54 -9.76 -2.39
CA CYS A 232 -15.08 -9.68 -2.51
C CYS A 232 -14.41 -10.98 -2.08
N LEU A 233 -14.74 -11.47 -0.89
CA LEU A 233 -14.13 -12.67 -0.33
C LEU A 233 -15.21 -13.57 0.25
N THR A 234 -14.86 -14.84 0.40
CA THR A 234 -15.71 -15.83 1.05
C THR A 234 -14.98 -16.37 2.27
N ALA A 235 -15.71 -16.66 3.33
CA ALA A 235 -15.15 -17.15 4.57
C ALA A 235 -15.83 -18.44 4.98
N PRO A 236 -15.16 -19.28 5.78
CA PRO A 236 -15.83 -20.43 6.35
C PRO A 236 -16.88 -19.99 7.37
N THR A 237 -17.78 -20.91 7.69
CA THR A 237 -18.82 -20.62 8.68
C THR A 237 -18.22 -20.58 10.08
N ARG A 238 -17.37 -19.58 10.33
CA ARG A 238 -16.75 -19.35 11.61
C ARG A 238 -16.91 -17.88 11.97
N TYR A 239 -16.66 -17.55 13.24
CA TYR A 239 -16.63 -16.16 13.63
C TYR A 239 -15.30 -15.55 13.22
N VAL A 240 -15.37 -14.45 12.47
CA VAL A 240 -14.18 -13.78 11.95
C VAL A 240 -13.99 -12.46 12.67
N VAL A 241 -12.74 -12.03 12.77
CA VAL A 241 -12.39 -10.73 13.33
C VAL A 241 -11.31 -10.10 12.46
N GLY A 242 -11.15 -8.81 12.61
CA GLY A 242 -10.18 -8.07 11.84
C GLY A 242 -10.80 -7.36 10.66
N TYR A 243 -10.22 -6.22 10.29
CA TYR A 243 -10.64 -5.41 9.15
C TYR A 243 -12.15 -5.21 9.12
N GLY A 244 -12.65 -4.57 10.17
CA GLY A 244 -14.07 -4.31 10.31
C GLY A 244 -14.81 -5.26 11.22
N PHE A 245 -14.37 -6.52 11.28
CA PHE A 245 -14.98 -7.52 12.14
C PHE A 245 -14.36 -7.47 13.53
N GLU A 246 -15.19 -7.73 14.55
CA GLU A 246 -14.78 -7.44 15.91
C GLU A 246 -15.49 -8.34 16.91
N VAL A 247 -14.99 -8.32 18.14
CA VAL A 247 -15.72 -8.82 19.31
C VAL A 247 -15.81 -7.67 20.30
N ASN A 248 -17.02 -7.16 20.51
CA ASN A 248 -17.25 -5.98 21.34
C ASN A 248 -16.29 -4.85 20.95
N ASP A 249 -16.19 -4.61 19.65
CA ASP A 249 -15.40 -3.56 19.00
C ASP A 249 -13.89 -3.82 19.02
N ARG A 250 -13.42 -4.88 19.68
CA ARG A 250 -12.00 -5.20 19.67
C ARG A 250 -11.59 -5.83 18.34
N TYR A 251 -10.35 -5.55 17.92
CA TYR A 251 -9.70 -6.11 16.74
C TYR A 251 -10.24 -5.55 15.43
N ARG A 252 -11.10 -4.52 15.47
CA ARG A 252 -11.67 -3.99 14.25
C ARG A 252 -10.61 -3.35 13.35
N ASN A 253 -9.58 -2.77 13.95
CA ASN A 253 -8.57 -2.02 13.20
C ASN A 253 -7.42 -2.87 12.69
N TYR A 254 -7.52 -4.19 12.82
CA TYR A 254 -6.47 -5.05 12.30
C TYR A 254 -6.56 -5.12 10.77
N ARG A 255 -5.42 -5.34 10.12
CA ARG A 255 -5.35 -5.28 8.67
C ARG A 255 -5.69 -6.59 7.99
N HIS A 256 -5.82 -7.68 8.74
CA HIS A 256 -6.13 -8.98 8.17
C HIS A 256 -7.41 -9.54 8.82
N VAL A 257 -8.01 -10.51 8.14
CA VAL A 257 -9.21 -11.19 8.62
C VAL A 257 -8.81 -12.57 9.10
N PHE A 258 -9.08 -12.86 10.38
CA PHE A 258 -8.75 -14.13 11.00
C PHE A 258 -10.01 -14.84 11.45
N VAL A 259 -9.91 -16.16 11.57
CA VAL A 259 -10.92 -16.92 12.30
C VAL A 259 -10.60 -16.80 13.78
N LEU A 260 -11.60 -16.41 14.57
CA LEU A 260 -11.38 -16.18 15.99
C LEU A 260 -11.29 -17.50 16.74
N LYS A 261 -10.41 -17.55 17.73
CA LYS A 261 -10.37 -18.70 18.63
C LYS A 261 -11.69 -18.77 19.40
N PRO A 262 -12.33 -19.94 19.48
CA PRO A 262 -13.58 -20.05 20.26
C PRO A 262 -13.46 -19.54 21.69
N GLU A 263 -12.27 -19.65 22.28
CA GLU A 263 -12.05 -19.18 23.65
C GLU A 263 -12.10 -17.67 23.77
N TYR A 264 -12.05 -16.94 22.65
CA TYR A 264 -12.08 -15.49 22.65
C TYR A 264 -13.45 -14.91 22.34
N ALA A 265 -14.48 -15.75 22.19
CA ALA A 265 -15.79 -15.26 21.81
C ALA A 265 -16.42 -14.41 22.91
N LYS A 266 -16.29 -14.84 24.16
CA LYS A 266 -16.89 -14.15 25.30
C LYS A 266 -15.86 -13.37 26.11
N ARG A 267 -14.76 -12.95 25.48
CA ARG A 267 -13.65 -12.38 26.22
C ARG A 267 -13.92 -10.97 26.74
N TYR A 268 -14.84 -10.22 26.11
CA TYR A 268 -15.12 -8.83 26.48
C TYR A 268 -16.61 -8.65 26.65
N PRO A 269 -17.18 -9.09 27.78
CA PRO A 269 -18.63 -8.99 28.00
C PRO A 269 -19.11 -7.65 28.53
N SER A 270 -18.21 -6.78 28.97
CA SER A 270 -18.61 -5.53 29.60
C SER A 270 -19.07 -4.51 28.55
N LYS A 271 -20.08 -3.73 28.91
CA LYS A 271 -20.63 -2.73 28.00
C LYS A 271 -19.62 -1.60 27.80
N LEU A 272 -19.44 -1.20 26.54
CA LEU A 272 -18.58 -0.07 26.22
C LEU A 272 -19.32 1.25 26.45
N LYS B 46 5.68 5.48 -4.59
CA LYS B 46 4.82 6.06 -3.55
C LYS B 46 4.57 7.57 -3.73
N PRO B 47 5.62 8.37 -3.99
CA PRO B 47 5.37 9.80 -4.20
C PRO B 47 4.47 10.04 -5.39
N ASN B 48 3.50 10.95 -5.20
CA ASN B 48 2.55 11.27 -6.26
C ASN B 48 3.08 12.43 -7.10
N PHE B 49 2.96 12.29 -8.41
CA PHE B 49 3.41 13.32 -9.34
C PHE B 49 2.28 14.33 -9.56
N VAL B 50 2.56 15.60 -9.24
CA VAL B 50 1.60 16.68 -9.43
C VAL B 50 2.06 17.53 -10.61
N GLY B 51 1.15 17.82 -11.51
CA GLY B 51 1.45 18.66 -12.65
C GLY B 51 0.21 19.36 -13.18
N ARG B 52 0.25 19.68 -14.47
CA ARG B 52 -0.88 20.27 -15.15
C ARG B 52 -1.03 19.61 -16.52
N ASP B 53 -2.28 19.41 -16.94
CA ASP B 53 -2.54 18.70 -18.20
C ASP B 53 -2.48 19.69 -19.37
N ALA B 54 -3.06 19.31 -20.51
CA ALA B 54 -3.03 20.19 -21.68
C ALA B 54 -3.81 21.47 -21.41
N ASP B 55 -4.95 21.36 -20.73
CA ASP B 55 -5.67 22.53 -20.23
C ASP B 55 -4.96 23.01 -18.97
N GLY B 56 -5.56 23.95 -18.25
CA GLY B 56 -4.92 24.41 -17.04
C GLY B 56 -5.17 23.55 -15.82
N ASN B 57 -5.72 22.36 -15.99
CA ASN B 57 -6.25 21.59 -14.87
C ASN B 57 -5.15 20.92 -14.06
N VAL B 58 -5.34 20.91 -12.74
CA VAL B 58 -4.47 20.17 -11.85
C VAL B 58 -4.53 18.68 -12.19
N THR B 59 -3.37 18.04 -12.22
CA THR B 59 -3.30 16.60 -12.41
C THR B 59 -2.44 15.98 -11.32
N VAL B 60 -2.84 14.78 -10.88
CA VAL B 60 -2.09 14.00 -9.91
C VAL B 60 -2.01 12.58 -10.41
N ASP B 61 -0.79 12.10 -10.68
CA ASP B 61 -0.56 10.76 -11.24
C ASP B 61 -1.31 10.58 -12.56
N GLY B 62 -1.31 11.62 -13.40
CA GLY B 62 -1.91 11.55 -14.71
C GLY B 62 -3.40 11.80 -14.77
N ARG B 63 -4.11 11.74 -13.64
CA ARG B 63 -5.54 11.97 -13.62
C ARG B 63 -5.83 13.45 -13.36
N SER B 64 -6.71 14.03 -14.18
CA SER B 64 -7.02 15.45 -14.10
C SER B 64 -8.14 15.70 -13.10
N TYR B 65 -7.99 16.79 -12.35
CA TYR B 65 -8.97 17.21 -11.35
C TYR B 65 -9.45 18.60 -11.71
N PRO B 66 -10.48 18.72 -12.56
CA PRO B 66 -10.92 20.05 -13.03
C PRO B 66 -11.47 20.93 -11.93
N MET B 67 -11.90 20.36 -10.80
CA MET B 67 -12.45 21.15 -9.71
C MET B 67 -11.38 21.79 -8.84
N ALA B 68 -10.12 21.39 -9.00
CA ALA B 68 -9.05 21.79 -8.09
C ALA B 68 -8.37 23.06 -8.57
N GLU B 69 -8.16 24.01 -7.65
CA GLU B 69 -7.31 25.15 -7.94
C GLU B 69 -5.84 24.79 -7.75
N SER B 70 -5.52 24.03 -6.71
CA SER B 70 -4.18 23.54 -6.46
C SER B 70 -4.28 22.34 -5.52
N VAL B 71 -3.13 21.72 -5.26
CA VAL B 71 -3.06 20.56 -4.37
C VAL B 71 -2.56 21.02 -3.00
N VAL B 72 -3.32 20.70 -1.96
CA VAL B 72 -2.88 21.00 -0.60
C VAL B 72 -1.90 19.94 -0.11
N ALA B 73 -2.23 18.67 -0.28
CA ALA B 73 -1.36 17.57 0.13
C ALA B 73 -1.78 16.33 -0.63
N THR B 74 -0.80 15.65 -1.22
CA THR B 74 -1.08 14.40 -1.91
C THR B 74 -1.24 13.26 -0.91
N GLU B 75 -1.65 12.10 -1.43
CA GLU B 75 -1.94 10.95 -0.58
C GLU B 75 -0.72 10.50 0.20
N SER B 76 0.43 10.41 -0.47
CA SER B 76 1.65 10.00 0.21
C SER B 76 2.03 10.96 1.32
N THR B 77 1.88 12.27 1.06
CA THR B 77 2.10 13.26 2.11
C THR B 77 1.10 13.10 3.24
N ILE B 78 -0.17 12.85 2.91
CA ILE B 78 -1.21 12.70 3.92
C ILE B 78 -0.89 11.51 4.83
N HIS B 79 -0.50 10.38 4.22
CA HIS B 79 -0.29 9.17 5.00
C HIS B 79 0.99 9.25 5.82
N ARG B 80 2.03 9.92 5.32
CA ARG B 80 3.26 10.07 6.10
C ARG B 80 2.99 10.83 7.39
N SER B 81 2.27 11.95 7.30
CA SER B 81 1.96 12.71 8.51
C SER B 81 1.05 11.92 9.44
N MET B 82 0.14 11.11 8.90
CA MET B 82 -0.74 10.32 9.75
C MET B 82 0.02 9.19 10.42
N LYS B 83 1.00 8.60 9.73
CA LYS B 83 1.85 7.60 10.37
C LYS B 83 2.64 8.20 11.52
N GLU B 84 3.14 9.42 11.34
CA GLU B 84 3.89 10.08 12.41
C GLU B 84 2.95 10.49 13.55
N MET B 85 1.74 10.94 13.21
CA MET B 85 0.76 11.24 14.25
C MET B 85 0.39 10.00 15.04
N ALA B 86 0.32 8.85 14.37
CA ALA B 86 0.03 7.59 15.07
C ALA B 86 1.07 7.29 16.13
N GLN B 87 2.35 7.46 15.80
CA GLN B 87 3.39 7.29 16.80
C GLN B 87 3.29 8.34 17.89
N THR B 88 2.92 9.56 17.52
CA THR B 88 2.72 10.61 18.52
C THR B 88 1.58 10.24 19.46
N LEU B 89 0.46 9.78 18.91
CA LEU B 89 -0.67 9.36 19.75
C LEU B 89 -0.28 8.18 20.63
N ALA B 90 0.43 7.21 20.06
CA ALA B 90 0.83 6.03 20.84
C ALA B 90 1.71 6.44 22.01
N ASN B 91 2.69 7.31 21.76
CA ASN B 91 3.57 7.75 22.84
C ASN B 91 2.80 8.50 23.92
N ALA B 92 1.76 9.24 23.54
CA ALA B 92 1.02 10.05 24.50
C ALA B 92 0.05 9.24 25.36
N TYR B 93 -0.35 8.05 24.92
CA TYR B 93 -1.38 7.30 25.59
C TYR B 93 -0.96 5.92 26.10
N LYS B 94 0.12 5.33 25.56
CA LYS B 94 0.39 3.92 25.83
C LYS B 94 0.70 3.64 27.29
N THR B 95 1.17 4.63 28.05
CA THR B 95 1.49 4.44 29.46
C THR B 95 0.42 4.99 30.39
N LEU B 96 -0.63 5.61 29.87
CA LEU B 96 -1.65 6.20 30.72
C LEU B 96 -2.55 5.12 31.32
N LYS B 97 -3.25 5.50 32.39
CA LYS B 97 -4.17 4.63 33.08
C LYS B 97 -5.52 5.32 33.24
N HIS B 98 -6.58 4.52 33.27
CA HIS B 98 -7.93 5.04 33.42
C HIS B 98 -8.80 3.96 34.05
N ARG B 99 -10.10 4.21 34.13
CA ARG B 99 -11.00 3.36 34.88
C ARG B 99 -11.13 1.98 34.26
N ASP B 100 -11.12 0.96 35.13
CA ASP B 100 -11.25 -0.44 34.70
C ASP B 100 -12.73 -0.80 34.65
N THR B 101 -13.30 -0.85 33.45
CA THR B 101 -14.65 -1.34 33.25
C THR B 101 -14.70 -2.79 32.78
N HIS B 102 -13.54 -3.36 32.42
CA HIS B 102 -13.49 -4.79 32.10
C HIS B 102 -13.67 -5.62 33.36
N ASN B 103 -12.94 -5.29 34.42
CA ASN B 103 -13.07 -5.93 35.73
C ASN B 103 -13.57 -4.87 36.69
N LYS B 104 -14.90 -4.79 36.83
CA LYS B 104 -15.50 -3.76 37.69
C LYS B 104 -15.21 -3.97 39.17
N GLY B 105 -14.76 -5.16 39.55
CA GLY B 105 -14.38 -5.42 40.92
C GLY B 105 -13.00 -4.94 41.31
N ASN B 106 -12.32 -4.21 40.42
CA ASN B 106 -10.97 -3.71 40.65
C ASN B 106 -11.04 -2.19 40.80
N SER B 107 -10.71 -1.70 42.00
CA SER B 107 -10.79 -0.27 42.28
C SER B 107 -9.64 0.52 41.69
N ALA B 108 -8.57 -0.14 41.25
CA ALA B 108 -7.39 0.56 40.78
C ALA B 108 -7.55 0.94 39.31
N LEU B 109 -6.90 2.05 38.93
CA LEU B 109 -6.86 2.43 37.53
C LEU B 109 -6.09 1.39 36.73
N ALA B 110 -6.52 1.18 35.48
CA ALA B 110 -5.94 0.13 34.66
C ALA B 110 -5.26 0.72 33.43
N PRO B 111 -4.22 0.05 32.92
CA PRO B 111 -3.55 0.54 31.71
C PRO B 111 -4.43 0.39 30.49
N ILE B 112 -4.03 1.05 29.41
CA ILE B 112 -4.76 1.00 28.15
C ILE B 112 -4.40 -0.32 27.46
N THR B 113 -5.36 -1.24 27.45
CA THR B 113 -5.19 -2.56 26.85
C THR B 113 -6.42 -2.89 26.04
N ASP B 114 -6.45 -4.09 25.45
CA ASP B 114 -7.68 -4.55 24.80
C ASP B 114 -8.83 -4.65 25.79
N GLU B 115 -8.53 -4.86 27.06
CA GLU B 115 -9.57 -4.94 28.08
C GLU B 115 -10.16 -3.57 28.39
N ASN B 116 -9.32 -2.53 28.37
CA ASN B 116 -9.77 -1.15 28.60
C ASN B 116 -9.11 -0.25 27.57
N PRO B 117 -9.61 -0.26 26.34
CA PRO B 117 -8.93 0.47 25.26
C PRO B 117 -9.19 1.97 25.33
N LEU B 118 -8.41 2.70 24.54
CA LEU B 118 -8.66 4.12 24.34
C LEU B 118 -9.95 4.30 23.56
N ILE B 119 -10.83 5.17 24.03
CA ILE B 119 -12.11 5.39 23.40
C ILE B 119 -11.95 6.49 22.35
N ILE B 120 -12.24 6.16 21.10
CA ILE B 120 -12.12 7.09 19.98
C ILE B 120 -13.52 7.44 19.50
N ILE B 121 -13.83 8.73 19.47
CA ILE B 121 -15.10 9.24 18.96
C ILE B 121 -14.83 9.90 17.61
N SER B 122 -15.44 9.35 16.56
CA SER B 122 -15.25 9.82 15.20
C SER B 122 -16.48 10.58 14.73
N VAL B 123 -16.27 11.71 14.06
CA VAL B 123 -17.33 12.64 13.70
C VAL B 123 -17.73 12.38 12.26
N LEU B 124 -18.91 11.76 12.07
CA LEU B 124 -19.47 11.57 10.74
C LEU B 124 -20.03 12.89 10.21
N LYS B 125 -19.99 13.05 8.88
CA LYS B 125 -19.51 12.05 7.92
C LYS B 125 -18.05 12.25 7.56
N GLY B 126 -17.53 13.45 7.81
CA GLY B 126 -16.27 13.87 7.23
C GLY B 126 -15.05 13.09 7.69
N SER B 127 -15.13 12.44 8.86
CA SER B 127 -13.95 11.86 9.47
C SER B 127 -13.82 10.35 9.26
N TYR B 128 -14.76 9.71 8.55
CA TYR B 128 -14.76 8.25 8.54
C TYR B 128 -13.61 7.67 7.73
N ILE B 129 -13.17 8.35 6.67
CA ILE B 129 -12.01 7.87 5.92
C ILE B 129 -10.73 8.13 6.71
N PHE B 130 -10.60 9.35 7.25
CA PHE B 130 -9.52 9.67 8.17
C PHE B 130 -9.46 8.69 9.33
N THR B 131 -10.62 8.39 9.91
CA THR B 131 -10.66 7.45 11.03
C THR B 131 -10.25 6.04 10.61
N ALA B 132 -10.69 5.59 9.44
CA ALA B 132 -10.39 4.24 8.99
C ALA B 132 -8.89 4.04 8.82
N ASP B 133 -8.22 5.02 8.20
CA ASP B 133 -6.77 4.93 8.03
C ASP B 133 -6.05 5.07 9.37
N MET B 134 -6.54 5.96 10.23
CA MET B 134 -5.83 6.29 11.46
C MET B 134 -5.79 5.11 12.43
N VAL B 135 -6.93 4.45 12.64
CA VAL B 135 -6.96 3.35 13.59
C VAL B 135 -6.13 2.17 13.10
N ARG B 136 -5.92 2.05 11.79
CA ARG B 136 -5.03 1.01 11.29
C ARG B 136 -3.58 1.33 11.64
N TYR B 137 -3.19 2.60 11.50
CA TYR B 137 -1.85 2.99 11.92
C TYR B 137 -1.68 2.89 13.42
N LEU B 138 -2.75 3.14 14.19
CA LEU B 138 -2.70 2.95 15.63
C LEU B 138 -2.45 1.50 15.98
N GLY B 139 -3.08 0.58 15.23
CA GLY B 139 -2.78 -0.83 15.42
C GLY B 139 -1.35 -1.17 15.08
N ASP B 140 -0.78 -0.50 14.08
CA ASP B 140 0.64 -0.70 13.77
C ASP B 140 1.51 -0.30 14.96
N CYS B 141 1.11 0.74 15.68
CA CYS B 141 1.85 1.23 16.84
C CYS B 141 1.43 0.53 18.14
N GLY B 142 0.55 -0.47 18.05
CA GLY B 142 0.18 -1.25 19.22
C GLY B 142 -0.61 -0.51 20.27
N LEU B 143 -1.46 0.44 19.87
CA LEU B 143 -2.29 1.19 20.80
C LEU B 143 -3.72 0.70 20.74
N PRO B 144 -4.19 -0.06 21.73
CA PRO B 144 -5.57 -0.58 21.68
C PRO B 144 -6.58 0.55 21.71
N ASN B 145 -7.58 0.46 20.82
CA ASN B 145 -8.58 1.50 20.69
C ASN B 145 -9.88 0.89 20.18
N VAL B 146 -11.00 1.55 20.51
CA VAL B 146 -12.29 1.24 19.93
C VAL B 146 -12.91 2.55 19.45
N VAL B 147 -13.76 2.45 18.43
CA VAL B 147 -14.31 3.61 17.75
C VAL B 147 -15.84 3.56 17.82
N ASP B 148 -16.44 4.67 18.23
CA ASP B 148 -17.86 4.91 18.01
C ASP B 148 -18.01 6.24 17.29
N PHE B 149 -19.17 6.44 16.68
CA PHE B 149 -19.41 7.56 15.78
C PHE B 149 -20.48 8.48 16.35
N ILE B 150 -20.27 9.78 16.17
CA ILE B 150 -21.28 10.79 16.45
C ILE B 150 -21.47 11.61 15.18
N ARG B 151 -22.73 11.98 14.89
CA ARG B 151 -23.07 12.68 13.67
C ARG B 151 -23.59 14.07 14.03
N ILE B 152 -22.95 15.10 13.47
CA ILE B 152 -23.37 16.48 13.68
C ILE B 152 -23.31 17.23 12.37
N GLN B 166 -25.51 20.81 17.10
CA GLN B 166 -26.67 19.95 16.87
C GLN B 166 -26.26 18.50 16.65
N VAL B 167 -26.72 17.61 17.54
CA VAL B 167 -26.38 16.20 17.47
C VAL B 167 -27.50 15.47 16.73
N LEU B 168 -27.16 14.85 15.60
CA LEU B 168 -28.13 14.09 14.81
C LEU B 168 -28.17 12.62 15.20
N ASP B 169 -27.01 11.96 15.27
CA ASP B 169 -26.91 10.58 15.72
C ASP B 169 -26.00 10.54 16.94
N ASN B 170 -26.58 10.17 18.08
CA ASN B 170 -25.85 10.14 19.34
C ASN B 170 -24.90 8.95 19.39
N LEU B 171 -23.91 9.04 20.28
CA LEU B 171 -23.05 7.91 20.57
C LEU B 171 -23.87 6.78 21.18
N ARG B 172 -23.43 5.55 20.91
CA ARG B 172 -24.00 4.38 21.59
C ARG B 172 -23.14 3.91 22.74
N PHE B 173 -21.87 4.31 22.78
CA PHE B 173 -21.04 4.05 23.96
C PHE B 173 -21.61 4.81 25.15
N THR B 174 -21.68 4.12 26.30
CA THR B 174 -22.28 4.68 27.50
C THR B 174 -21.31 4.86 28.66
N GLU B 175 -20.19 4.13 28.67
CA GLU B 175 -19.31 4.08 29.84
C GLU B 175 -18.01 4.81 29.52
N LEU B 176 -18.09 6.14 29.45
CA LEU B 176 -16.92 6.98 29.19
C LEU B 176 -16.38 7.65 30.44
N THR B 177 -17.05 7.52 31.57
CA THR B 177 -16.62 8.18 32.79
C THR B 177 -15.25 7.66 33.21
N GLY B 178 -14.33 8.59 33.48
CA GLY B 178 -12.99 8.21 33.90
C GLY B 178 -12.17 7.47 32.86
N LYS B 179 -12.55 7.60 31.59
CA LYS B 179 -11.81 7.00 30.48
C LYS B 179 -11.08 8.08 29.70
N HIS B 180 -9.96 7.68 29.09
CA HIS B 180 -9.26 8.54 28.16
C HIS B 180 -9.98 8.48 26.83
N VAL B 181 -10.40 9.65 26.32
CA VAL B 181 -11.24 9.74 25.13
C VAL B 181 -10.54 10.65 24.14
N LEU B 182 -10.50 10.21 22.87
CA LEU B 182 -9.92 10.98 21.80
C LEU B 182 -10.97 11.20 20.72
N ILE B 183 -11.11 12.45 20.29
CA ILE B 183 -12.04 12.83 19.22
C ILE B 183 -11.25 12.93 17.93
N MET B 184 -11.75 12.26 16.88
CA MET B 184 -11.14 12.31 15.56
C MET B 184 -12.07 13.11 14.64
N GLU B 185 -11.60 14.28 14.21
CA GLU B 185 -12.37 15.17 13.35
C GLU B 185 -11.56 15.46 12.10
N ASP B 186 -12.27 15.74 11.00
CA ASP B 186 -11.59 16.03 9.73
C ASP B 186 -10.87 17.37 9.75
N ILE B 187 -11.51 18.41 10.31
CA ILE B 187 -11.00 19.77 10.15
C ILE B 187 -11.44 20.62 11.33
N ALA B 188 -10.58 21.57 11.70
CA ALA B 188 -10.91 22.62 12.66
C ALA B 188 -10.65 23.96 11.98
N ASP B 189 -11.72 24.73 11.77
CA ASP B 189 -11.61 26.03 11.11
C ASP B 189 -11.94 27.10 12.14
N THR B 190 -13.19 27.56 12.24
CA THR B 190 -13.53 28.52 13.28
C THR B 190 -13.40 27.93 14.67
N GLY B 191 -13.50 26.61 14.80
CA GLY B 191 -13.44 25.95 16.08
C GLY B 191 -14.76 25.86 16.81
N ARG B 192 -15.83 26.41 16.25
CA ARG B 192 -17.12 26.42 16.95
C ARG B 192 -17.66 25.00 17.13
N THR B 193 -17.60 24.19 16.08
CA THR B 193 -18.16 22.84 16.13
C THR B 193 -17.47 22.01 17.20
N MET B 194 -16.14 22.03 17.22
CA MET B 194 -15.41 21.20 18.17
C MET B 194 -15.43 21.76 19.58
N LYS B 195 -15.56 23.09 19.72
CA LYS B 195 -15.70 23.67 21.06
C LYS B 195 -16.96 23.15 21.74
N LEU B 196 -18.10 23.22 21.04
CA LEU B 196 -19.35 22.76 21.63
C LEU B 196 -19.37 21.25 21.79
N LEU B 197 -18.75 20.52 20.88
CA LEU B 197 -18.70 19.06 21.02
C LEU B 197 -17.88 18.65 22.24
N VAL B 198 -16.71 19.28 22.43
CA VAL B 198 -15.89 18.99 23.60
C VAL B 198 -16.64 19.35 24.87
N GLU B 199 -17.31 20.51 24.87
CA GLU B 199 -18.11 20.90 26.04
C GLU B 199 -19.20 19.88 26.34
N LYS B 200 -19.87 19.40 25.30
CA LYS B 200 -20.97 18.45 25.51
C LYS B 200 -20.46 17.12 26.05
N ILE B 201 -19.36 16.62 25.50
CA ILE B 201 -18.84 15.33 25.94
C ILE B 201 -18.29 15.41 27.36
N ARG B 202 -17.60 16.51 27.67
CA ARG B 202 -17.11 16.71 29.04
C ARG B 202 -18.26 16.76 30.04
N ARG B 203 -19.33 17.47 29.70
CA ARG B 203 -20.43 17.66 30.65
C ARG B 203 -21.23 16.37 30.83
N GLU B 204 -21.51 15.66 29.75
CA GLU B 204 -22.42 14.52 29.81
C GLU B 204 -21.74 13.21 30.15
N TYR B 205 -20.45 13.05 29.83
CA TYR B 205 -19.77 11.78 30.00
C TYR B 205 -18.66 11.79 31.03
N ARG B 206 -18.12 12.96 31.35
CA ARG B 206 -17.10 13.13 32.38
C ARG B 206 -15.88 12.21 32.17
N PRO B 207 -15.16 12.36 31.06
CA PRO B 207 -14.00 11.51 30.82
C PRO B 207 -12.84 11.88 31.71
N ALA B 208 -11.90 10.94 31.84
CA ALA B 208 -10.66 11.23 32.56
C ALA B 208 -9.84 12.27 31.82
N SER B 209 -9.75 12.14 30.50
CA SER B 209 -9.15 13.17 29.65
C SER B 209 -9.89 13.17 28.32
N LEU B 210 -9.91 14.34 27.68
CA LEU B 210 -10.60 14.51 26.41
C LEU B 210 -9.72 15.36 25.51
N LYS B 211 -9.22 14.78 24.43
CA LYS B 211 -8.36 15.48 23.48
C LYS B 211 -8.92 15.31 22.08
N VAL B 212 -8.44 16.16 21.17
CA VAL B 212 -8.94 16.22 19.80
C VAL B 212 -7.78 16.00 18.84
N CYS B 213 -7.98 15.13 17.86
CA CYS B 213 -7.02 14.92 16.78
C CYS B 213 -7.72 15.26 15.47
N VAL B 214 -7.24 16.30 14.81
CA VAL B 214 -7.79 16.72 13.53
C VAL B 214 -6.80 16.38 12.42
N LEU B 215 -7.33 16.12 11.23
CA LEU B 215 -6.48 15.91 10.07
C LEU B 215 -5.95 17.22 9.51
N VAL B 216 -6.83 18.22 9.41
CA VAL B 216 -6.48 19.53 8.86
C VAL B 216 -6.84 20.60 9.89
N ASP B 217 -5.88 21.44 10.23
CA ASP B 217 -6.13 22.61 11.07
C ASP B 217 -5.98 23.86 10.23
N LYS B 218 -6.95 24.77 10.34
CA LYS B 218 -6.85 26.09 9.75
C LYS B 218 -6.71 27.12 10.85
N PRO B 219 -5.50 27.37 11.35
CA PRO B 219 -5.35 28.33 12.46
C PRO B 219 -5.83 29.73 12.13
N GLY B 220 -5.74 30.14 10.86
CA GLY B 220 -6.17 31.47 10.47
C GLY B 220 -7.65 31.72 10.64
N GLY B 221 -8.45 30.67 10.80
CA GLY B 221 -9.88 30.81 10.93
C GLY B 221 -10.43 30.75 12.34
N ARG B 222 -9.58 30.51 13.34
CA ARG B 222 -10.06 30.32 14.70
C ARG B 222 -10.64 31.62 15.27
N VAL B 223 -11.86 31.55 15.78
CA VAL B 223 -12.53 32.72 16.33
C VAL B 223 -13.13 32.40 17.69
N VAL B 224 -12.89 31.19 18.20
CA VAL B 224 -13.27 30.83 19.55
C VAL B 224 -12.09 30.12 20.21
N ASP B 225 -12.17 30.00 21.54
CA ASP B 225 -11.10 29.39 22.34
C ASP B 225 -11.15 27.87 22.17
N PHE B 226 -10.56 27.40 21.08
CA PHE B 226 -10.37 25.98 20.86
C PHE B 226 -9.02 25.75 20.20
N LYS B 227 -8.29 24.77 20.69
CA LYS B 227 -6.96 24.44 20.18
C LYS B 227 -6.79 22.92 20.17
N PRO B 228 -6.81 22.29 19.00
CA PRO B 228 -6.70 20.83 18.93
C PRO B 228 -5.30 20.37 19.37
N GLU B 229 -5.28 19.34 20.23
CA GLU B 229 -4.02 18.85 20.76
C GLU B 229 -3.15 18.25 19.66
N PHE B 230 -3.76 17.48 18.75
CA PHE B 230 -3.02 16.76 17.72
C PHE B 230 -3.50 17.22 16.35
N VAL B 231 -2.55 17.64 15.51
CA VAL B 231 -2.85 18.16 14.17
C VAL B 231 -1.91 17.48 13.18
N CYS B 232 -2.50 16.85 12.16
CA CYS B 232 -1.68 16.23 11.11
C CYS B 232 -1.18 17.28 10.13
N LEU B 233 -2.10 18.03 9.51
CA LEU B 233 -1.74 19.00 8.48
C LEU B 233 -2.30 20.37 8.83
N THR B 234 -1.56 21.41 8.45
CA THR B 234 -1.96 22.80 8.63
C THR B 234 -2.18 23.42 7.27
N ALA B 235 -3.35 24.02 7.07
CA ALA B 235 -3.77 24.51 5.77
C ALA B 235 -4.17 25.98 5.86
N PRO B 236 -4.16 26.71 4.73
CA PRO B 236 -4.67 28.09 4.75
C PRO B 236 -6.18 28.13 4.82
N THR B 237 -6.75 29.34 4.91
CA THR B 237 -8.19 29.51 5.05
C THR B 237 -8.87 29.50 3.68
N ARG B 238 -8.75 28.37 3.00
CA ARG B 238 -9.42 28.12 1.73
C ARG B 238 -10.29 26.87 1.86
N TYR B 239 -11.31 26.79 1.01
CA TYR B 239 -12.16 25.61 1.01
C TYR B 239 -11.44 24.44 0.36
N VAL B 240 -11.35 23.32 1.07
CA VAL B 240 -10.63 22.15 0.59
C VAL B 240 -11.63 21.02 0.34
N VAL B 241 -11.29 20.15 -0.62
CA VAL B 241 -12.08 18.97 -0.95
C VAL B 241 -11.15 17.79 -1.14
N GLY B 242 -11.70 16.59 -0.98
CA GLY B 242 -10.92 15.38 -1.10
C GLY B 242 -10.55 14.79 0.25
N TYR B 243 -10.36 13.47 0.26
CA TYR B 243 -10.01 12.71 1.46
C TYR B 243 -10.88 13.11 2.65
N GLY B 244 -12.19 12.93 2.48
CA GLY B 244 -13.17 13.23 3.51
C GLY B 244 -13.86 14.57 3.34
N PHE B 245 -13.18 15.55 2.75
CA PHE B 245 -13.76 16.86 2.52
C PHE B 245 -14.51 16.88 1.19
N GLU B 246 -15.58 17.66 1.14
CA GLU B 246 -16.52 17.57 0.02
C GLU B 246 -17.23 18.90 -0.19
N VAL B 247 -17.94 18.99 -1.31
CA VAL B 247 -18.96 20.00 -1.54
C VAL B 247 -20.23 19.27 -1.93
N ASN B 248 -21.26 19.35 -1.09
CA ASN B 248 -22.49 18.57 -1.23
C ASN B 248 -22.17 17.09 -1.49
N ASP B 249 -21.26 16.55 -0.69
CA ASP B 249 -20.85 15.14 -0.67
C ASP B 249 -19.99 14.74 -1.88
N ARG B 250 -19.74 15.64 -2.82
CA ARG B 250 -18.91 15.30 -3.97
C ARG B 250 -17.43 15.44 -3.63
N TYR B 251 -16.61 14.62 -4.29
CA TYR B 251 -15.14 14.61 -4.16
C TYR B 251 -14.66 14.04 -2.83
N ARG B 252 -15.55 13.49 -2.02
CA ARG B 252 -15.13 12.97 -0.72
C ARG B 252 -14.18 11.78 -0.84
N ASN B 253 -14.29 11.01 -1.92
CA ASN B 253 -13.53 9.78 -2.07
C ASN B 253 -12.19 9.98 -2.77
N TYR B 254 -11.80 11.22 -3.04
CA TYR B 254 -10.51 11.45 -3.69
C TYR B 254 -9.38 11.24 -2.69
N ARG B 255 -8.24 10.78 -3.19
CA ARG B 255 -7.13 10.41 -2.33
C ARG B 255 -6.27 11.60 -1.90
N HIS B 256 -6.48 12.78 -2.49
CA HIS B 256 -5.69 13.96 -2.18
C HIS B 256 -6.61 15.08 -1.70
N VAL B 257 -6.01 16.10 -1.10
CA VAL B 257 -6.72 17.28 -0.64
C VAL B 257 -6.37 18.43 -1.58
N PHE B 258 -7.40 19.04 -2.17
CA PHE B 258 -7.23 20.13 -3.12
C PHE B 258 -7.89 21.40 -2.59
N VAL B 259 -7.34 22.55 -3.00
CA VAL B 259 -8.09 23.79 -2.90
C VAL B 259 -9.17 23.78 -3.97
N LEU B 260 -10.42 23.99 -3.57
CA LEU B 260 -11.52 24.01 -4.52
C LEU B 260 -11.56 25.35 -5.26
N LYS B 261 -11.80 25.29 -6.56
CA LYS B 261 -12.07 26.50 -7.31
C LYS B 261 -13.32 27.16 -6.77
N PRO B 262 -13.34 28.48 -6.60
CA PRO B 262 -14.55 29.14 -6.10
C PRO B 262 -15.78 28.92 -6.97
N GLU B 263 -15.61 28.78 -8.29
CA GLU B 263 -16.75 28.58 -9.17
C GLU B 263 -17.38 27.20 -9.01
N TYR B 264 -16.69 26.26 -8.35
CA TYR B 264 -17.24 24.94 -8.08
C TYR B 264 -17.95 24.86 -6.74
N ALA B 265 -17.89 25.93 -5.92
CA ALA B 265 -18.45 25.89 -4.59
C ALA B 265 -19.97 25.76 -4.60
N LYS B 266 -20.63 26.34 -5.60
CA LYS B 266 -22.08 26.28 -5.72
C LYS B 266 -22.51 25.45 -6.93
N ARG B 267 -21.74 24.40 -7.24
CA ARG B 267 -21.99 23.62 -8.45
C ARG B 267 -23.12 22.62 -8.27
N TYR B 268 -23.34 22.12 -7.07
CA TYR B 268 -24.35 21.10 -6.79
C TYR B 268 -25.27 21.62 -5.69
N PRO B 269 -26.23 22.49 -6.03
CA PRO B 269 -27.16 22.99 -5.02
C PRO B 269 -28.29 22.02 -4.71
N SER B 270 -28.49 21.00 -5.53
CA SER B 270 -29.63 20.12 -5.35
C SER B 270 -29.42 19.18 -4.17
N LYS B 271 -30.53 18.76 -3.59
CA LYS B 271 -30.56 18.04 -2.33
C LYS B 271 -30.32 16.55 -2.56
N LEU B 272 -29.59 15.93 -1.65
CA LEU B 272 -29.35 14.49 -1.73
C LEU B 272 -30.29 13.72 -0.82
N PRO C 47 -17.61 -34.30 15.69
CA PRO C 47 -16.40 -34.44 16.50
C PRO C 47 -16.12 -35.89 16.88
N ASN C 48 -14.86 -36.31 16.74
CA ASN C 48 -14.46 -37.67 17.05
C ASN C 48 -14.08 -37.77 18.53
N PHE C 49 -14.48 -38.88 19.16
CA PHE C 49 -14.23 -39.09 20.57
C PHE C 49 -12.96 -39.90 20.77
N VAL C 50 -12.07 -39.40 21.62
CA VAL C 50 -10.79 -40.03 21.90
C VAL C 50 -10.82 -40.59 23.33
N GLY C 51 -10.22 -41.75 23.51
CA GLY C 51 -10.14 -42.36 24.83
C GLY C 51 -9.07 -43.43 24.84
N ARG C 52 -9.27 -44.43 25.72
CA ARG C 52 -8.33 -45.53 25.89
C ARG C 52 -9.10 -46.84 26.02
N ASP C 53 -8.53 -47.91 25.46
CA ASP C 53 -9.17 -49.21 25.49
C ASP C 53 -8.75 -49.98 26.74
N ALA C 54 -9.14 -51.26 26.81
CA ALA C 54 -8.83 -52.06 27.99
C ALA C 54 -7.33 -52.30 28.12
N ASP C 55 -6.62 -52.39 27.01
CA ASP C 55 -5.16 -52.56 27.03
C ASP C 55 -4.40 -51.26 27.19
N GLY C 56 -5.11 -50.14 27.35
CA GLY C 56 -4.47 -48.84 27.43
C GLY C 56 -4.15 -48.19 26.11
N ASN C 57 -4.50 -48.82 25.00
CA ASN C 57 -4.21 -48.27 23.68
C ASN C 57 -5.18 -47.15 23.33
N VAL C 58 -4.74 -46.29 22.41
CA VAL C 58 -5.55 -45.16 21.99
C VAL C 58 -6.79 -45.64 21.24
N THR C 59 -7.93 -45.02 21.52
CA THR C 59 -9.15 -45.28 20.78
C THR C 59 -9.71 -43.98 20.22
N VAL C 60 -10.30 -44.07 19.03
CA VAL C 60 -11.00 -42.96 18.40
C VAL C 60 -12.31 -43.49 17.83
N ASP C 61 -13.43 -43.01 18.36
CA ASP C 61 -14.76 -43.47 17.95
C ASP C 61 -14.90 -44.97 18.13
N GLY C 62 -14.32 -45.51 19.21
CA GLY C 62 -14.42 -46.92 19.53
C GLY C 62 -13.37 -47.80 18.89
N ARG C 63 -12.66 -47.32 17.87
CA ARG C 63 -11.66 -48.12 17.18
C ARG C 63 -10.32 -48.03 17.89
N SER C 64 -9.73 -49.18 18.17
CA SER C 64 -8.42 -49.21 18.83
C SER C 64 -7.30 -48.95 17.83
N TYR C 65 -6.25 -48.28 18.31
CA TYR C 65 -5.07 -47.97 17.51
C TYR C 65 -3.84 -48.28 18.33
N PRO C 66 -3.41 -49.55 18.37
CA PRO C 66 -2.27 -49.92 19.21
C PRO C 66 -0.96 -49.27 18.79
N MET C 67 -0.85 -48.83 17.52
CA MET C 67 0.38 -48.17 17.07
C MET C 67 0.51 -46.75 17.59
N ALA C 68 -0.54 -46.19 18.17
CA ALA C 68 -0.60 -44.77 18.48
C ALA C 68 -0.15 -44.49 19.91
N GLU C 69 0.79 -43.55 20.05
CA GLU C 69 1.14 -43.02 21.36
C GLU C 69 0.13 -41.98 21.83
N SER C 70 -0.39 -41.18 20.90
CA SER C 70 -1.41 -40.18 21.18
C SER C 70 -1.99 -39.73 19.84
N VAL C 71 -3.02 -38.89 19.91
CA VAL C 71 -3.70 -38.39 18.72
C VAL C 71 -3.23 -36.97 18.45
N VAL C 72 -2.73 -36.72 17.25
CA VAL C 72 -2.38 -35.37 16.85
C VAL C 72 -3.63 -34.61 16.40
N ALA C 73 -4.40 -35.19 15.49
CA ALA C 73 -5.59 -34.55 14.97
C ALA C 73 -6.55 -35.61 14.45
N THR C 74 -7.78 -35.57 14.91
CA THR C 74 -8.81 -36.47 14.42
C THR C 74 -9.31 -36.01 13.06
N GLU C 75 -10.14 -36.85 12.43
CA GLU C 75 -10.61 -36.57 11.07
C GLU C 75 -11.38 -35.27 11.00
N SER C 76 -12.28 -35.03 11.97
CA SER C 76 -13.07 -33.80 11.96
C SER C 76 -12.18 -32.57 12.13
N THR C 77 -11.16 -32.66 12.98
CA THR C 77 -10.20 -31.57 13.10
C THR C 77 -9.45 -31.35 11.79
N ILE C 78 -9.07 -32.43 11.12
CA ILE C 78 -8.29 -32.33 9.89
C ILE C 78 -9.12 -31.70 8.78
N HIS C 79 -10.35 -32.20 8.59
CA HIS C 79 -11.16 -31.70 7.48
C HIS C 79 -11.65 -30.28 7.71
N ARG C 80 -11.89 -29.91 8.97
CA ARG C 80 -12.26 -28.52 9.25
C ARG C 80 -11.13 -27.56 8.90
N SER C 81 -9.90 -27.91 9.26
CA SER C 81 -8.77 -27.05 8.93
C SER C 81 -8.48 -27.05 7.44
N MET C 82 -8.77 -28.16 6.75
CA MET C 82 -8.56 -28.21 5.30
C MET C 82 -9.63 -27.43 4.55
N LYS C 83 -10.88 -27.49 5.01
CA LYS C 83 -11.92 -26.68 4.42
C LYS C 83 -11.62 -25.20 4.57
N GLU C 84 -11.11 -24.80 5.73
CA GLU C 84 -10.77 -23.40 5.95
C GLU C 84 -9.56 -23.00 5.12
N MET C 85 -8.57 -23.90 5.01
CA MET C 85 -7.39 -23.61 4.19
C MET C 85 -7.75 -23.50 2.71
N ALA C 86 -8.70 -24.34 2.26
CA ALA C 86 -9.14 -24.26 0.87
C ALA C 86 -9.73 -22.90 0.56
N GLN C 87 -10.48 -22.32 1.49
CA GLN C 87 -11.04 -20.99 1.28
C GLN C 87 -9.96 -19.92 1.36
N THR C 88 -8.95 -20.11 2.22
CA THR C 88 -7.80 -19.21 2.24
C THR C 88 -7.08 -19.23 0.89
N LEU C 89 -6.96 -20.41 0.29
CA LEU C 89 -6.30 -20.53 -1.01
C LEU C 89 -7.12 -19.83 -2.10
N ALA C 90 -8.43 -20.10 -2.14
CA ALA C 90 -9.28 -19.46 -3.14
C ALA C 90 -9.27 -17.95 -3.00
N ASN C 91 -9.28 -17.45 -1.76
CA ASN C 91 -9.20 -16.02 -1.55
C ASN C 91 -7.88 -15.45 -2.06
N ALA C 92 -6.77 -16.14 -1.75
CA ALA C 92 -5.46 -15.61 -2.10
C ALA C 92 -5.23 -15.64 -3.61
N TYR C 93 -5.74 -16.65 -4.29
CA TYR C 93 -5.50 -16.82 -5.72
C TYR C 93 -6.59 -16.23 -6.60
N LYS C 94 -7.69 -15.74 -6.01
CA LYS C 94 -8.83 -15.27 -6.79
C LYS C 94 -8.42 -14.24 -7.84
N THR C 95 -7.54 -13.32 -7.47
CA THR C 95 -7.20 -12.15 -8.29
C THR C 95 -5.98 -12.35 -9.16
N LEU C 96 -5.08 -13.26 -8.80
CA LEU C 96 -3.77 -13.34 -9.43
C LEU C 96 -3.89 -13.68 -10.92
N LYS C 97 -2.88 -13.24 -11.68
CA LYS C 97 -2.83 -13.45 -13.11
C LYS C 97 -1.47 -14.02 -13.49
N HIS C 98 -1.45 -14.82 -14.56
CA HIS C 98 -0.23 -15.44 -15.06
C HIS C 98 -0.33 -15.58 -16.57
N ARG C 99 0.69 -16.19 -17.17
CA ARG C 99 0.80 -16.23 -18.61
C ARG C 99 -0.32 -17.06 -19.24
N ASP C 100 -0.87 -16.54 -20.34
CA ASP C 100 -1.96 -17.20 -21.05
C ASP C 100 -1.39 -18.30 -21.94
N THR C 101 -1.75 -19.55 -21.65
CA THR C 101 -1.46 -20.66 -22.54
C THR C 101 -2.67 -21.11 -23.36
N HIS C 102 -3.87 -20.77 -22.91
CA HIS C 102 -5.07 -21.06 -23.71
C HIS C 102 -5.01 -20.33 -25.05
N ASN C 103 -4.70 -19.03 -25.01
N ASN C 103 -4.70 -19.03 -25.01
CA ASN C 103 -4.51 -18.23 -26.22
CA ASN C 103 -4.50 -18.22 -26.21
C ASN C 103 -3.06 -17.73 -26.17
C ASN C 103 -3.06 -17.73 -26.17
N LYS C 104 -2.15 -18.49 -26.80
CA LYS C 104 -0.74 -18.15 -26.76
C LYS C 104 -0.43 -16.82 -27.44
N GLY C 105 -1.27 -16.37 -28.35
CA GLY C 105 -1.09 -15.07 -28.95
C GLY C 105 -1.34 -13.90 -28.02
N ASN C 106 -1.90 -14.15 -26.84
CA ASN C 106 -2.19 -13.10 -25.88
C ASN C 106 -0.90 -12.67 -25.18
N SER C 107 -0.52 -11.40 -25.36
CA SER C 107 0.66 -10.87 -24.70
C SER C 107 0.40 -10.45 -23.26
N ALA C 108 -0.85 -10.15 -22.91
CA ALA C 108 -1.20 -9.72 -21.57
C ALA C 108 -1.44 -10.92 -20.66
N LEU C 109 -1.24 -10.70 -19.37
CA LEU C 109 -1.48 -11.75 -18.39
C LEU C 109 -2.96 -12.09 -18.34
N ALA C 110 -3.26 -13.33 -17.97
CA ALA C 110 -4.62 -13.83 -17.92
C ALA C 110 -4.98 -14.25 -16.50
N PRO C 111 -6.24 -14.11 -16.10
CA PRO C 111 -6.65 -14.54 -14.75
C PRO C 111 -6.62 -16.06 -14.66
N ILE C 112 -6.75 -16.53 -13.41
CA ILE C 112 -6.82 -17.96 -13.14
C ILE C 112 -8.23 -18.43 -13.45
N THR C 113 -8.38 -19.22 -14.51
CA THR C 113 -9.67 -19.70 -15.00
C THR C 113 -9.54 -21.16 -15.39
N ASP C 114 -10.65 -21.75 -15.84
CA ASP C 114 -10.56 -23.08 -16.46
C ASP C 114 -9.65 -23.04 -17.68
N GLU C 115 -9.56 -21.90 -18.35
CA GLU C 115 -8.67 -21.78 -19.51
C GLU C 115 -7.21 -21.78 -19.09
N ASN C 116 -6.89 -21.12 -17.98
CA ASN C 116 -5.53 -21.05 -17.45
C ASN C 116 -5.58 -21.32 -15.94
N PRO C 117 -5.69 -22.59 -15.54
CA PRO C 117 -5.91 -22.91 -14.14
C PRO C 117 -4.63 -22.79 -13.31
N LEU C 118 -4.83 -22.75 -12.00
CA LEU C 118 -3.71 -22.88 -11.09
C LEU C 118 -3.11 -24.28 -11.21
N ILE C 119 -1.79 -24.33 -11.26
N ILE C 119 -1.78 -24.34 -11.25
CA ILE C 119 -1.06 -25.59 -11.40
CA ILE C 119 -1.07 -25.60 -11.41
C ILE C 119 -0.72 -26.11 -10.00
C ILE C 119 -0.70 -26.12 -10.03
N ILE C 120 -1.14 -27.34 -9.72
CA ILE C 120 -0.90 -27.97 -8.42
C ILE C 120 0.05 -29.14 -8.63
N ILE C 121 1.14 -29.16 -7.87
CA ILE C 121 2.11 -30.25 -7.90
C ILE C 121 1.94 -31.05 -6.62
N SER C 122 1.51 -32.30 -6.75
CA SER C 122 1.26 -33.17 -5.61
C SER C 122 2.46 -34.11 -5.43
N VAL C 123 2.96 -34.20 -4.20
CA VAL C 123 4.17 -34.96 -3.90
C VAL C 123 3.75 -36.37 -3.47
N LEU C 124 4.09 -37.36 -4.29
CA LEU C 124 3.84 -38.76 -3.96
C LEU C 124 4.92 -39.26 -2.99
N LYS C 125 4.55 -40.21 -2.14
CA LYS C 125 3.23 -40.83 -2.09
C LYS C 125 2.33 -40.21 -1.02
N GLY C 126 2.96 -39.58 -0.03
CA GLY C 126 2.26 -39.26 1.21
C GLY C 126 1.17 -38.21 1.10
N SER C 127 1.13 -37.46 0.01
CA SER C 127 0.20 -36.34 -0.09
C SER C 127 -0.98 -36.61 -1.01
N TYR C 128 -1.16 -37.85 -1.48
CA TYR C 128 -2.22 -38.10 -2.46
C TYR C 128 -3.60 -38.05 -1.81
N ILE C 129 -3.72 -38.51 -0.57
CA ILE C 129 -4.99 -38.40 0.15
C ILE C 129 -5.28 -36.95 0.50
N PHE C 130 -4.28 -36.25 1.03
CA PHE C 130 -4.40 -34.82 1.30
C PHE C 130 -4.82 -34.05 0.06
N THR C 131 -4.24 -34.39 -1.09
CA THR C 131 -4.57 -33.68 -2.32
C THR C 131 -5.97 -34.03 -2.82
N ALA C 132 -6.36 -35.30 -2.71
CA ALA C 132 -7.69 -35.70 -3.15
C ALA C 132 -8.78 -34.95 -2.39
N ASP C 133 -8.60 -34.79 -1.07
CA ASP C 133 -9.55 -34.01 -0.29
C ASP C 133 -9.48 -32.53 -0.65
N MET C 134 -8.26 -32.00 -0.82
N MET C 134 -8.26 -32.02 -0.81
CA MET C 134 -8.11 -30.55 -0.94
CA MET C 134 -8.05 -30.58 -0.96
C MET C 134 -8.63 -30.04 -2.28
C MET C 134 -8.64 -30.06 -2.27
N VAL C 135 -8.38 -30.76 -3.37
CA VAL C 135 -8.83 -30.28 -4.68
C VAL C 135 -10.34 -30.27 -4.77
N ARG C 136 -11.02 -31.16 -4.04
CA ARG C 136 -12.47 -31.14 -4.03
C ARG C 136 -12.99 -29.98 -3.21
N TYR C 137 -12.33 -29.64 -2.10
CA TYR C 137 -12.67 -28.43 -1.36
C TYR C 137 -12.41 -27.19 -2.21
N LEU C 138 -11.32 -27.20 -2.98
CA LEU C 138 -11.03 -26.08 -3.87
C LEU C 138 -12.10 -25.94 -4.95
N GLY C 139 -12.67 -27.05 -5.41
CA GLY C 139 -13.78 -26.97 -6.34
C GLY C 139 -15.02 -26.38 -5.71
N ASP C 140 -15.26 -26.69 -4.44
CA ASP C 140 -16.34 -26.05 -3.71
C ASP C 140 -16.16 -24.54 -3.66
N CYS C 141 -14.91 -24.08 -3.47
CA CYS C 141 -14.61 -22.67 -3.36
C CYS C 141 -14.41 -21.99 -4.71
N GLY C 142 -14.49 -22.73 -5.81
CA GLY C 142 -14.45 -22.13 -7.13
C GLY C 142 -13.08 -21.74 -7.62
N LEU C 143 -12.02 -22.40 -7.13
CA LEU C 143 -10.68 -22.11 -7.61
C LEU C 143 -10.29 -23.15 -8.65
N PRO C 144 -10.27 -22.80 -9.94
CA PRO C 144 -9.93 -23.80 -10.97
C PRO C 144 -8.47 -24.22 -10.85
N ASN C 145 -8.23 -25.53 -10.94
CA ASN C 145 -6.90 -26.07 -10.73
C ASN C 145 -6.76 -27.36 -11.53
N VAL C 146 -5.52 -27.69 -11.86
CA VAL C 146 -5.16 -28.98 -12.43
C VAL C 146 -4.02 -29.55 -11.62
N VAL C 147 -4.02 -30.88 -11.48
CA VAL C 147 -3.10 -31.58 -10.60
C VAL C 147 -2.23 -32.52 -11.41
N ASP C 148 -0.92 -32.46 -11.17
CA ASP C 148 0.02 -33.46 -11.65
C ASP C 148 0.89 -33.88 -10.46
N PHE C 149 1.53 -35.05 -10.60
CA PHE C 149 2.24 -35.66 -9.50
C PHE C 149 3.74 -35.69 -9.78
N ILE C 150 4.51 -35.67 -8.69
CA ILE C 150 5.96 -35.88 -8.76
C ILE C 150 6.36 -36.77 -7.59
N ARG C 151 7.31 -37.67 -7.85
CA ARG C 151 7.87 -38.55 -6.84
C ARG C 151 9.36 -38.30 -6.77
N ILE C 152 9.89 -38.11 -5.56
CA ILE C 152 11.27 -37.67 -5.37
C ILE C 152 11.97 -38.60 -4.40
N THR C 153 13.29 -38.45 -4.31
CA THR C 153 14.10 -39.20 -3.38
C THR C 153 14.15 -38.50 -2.02
N THR C 164 21.43 -32.61 -2.27
CA THR C 164 20.78 -32.85 -3.55
C THR C 164 19.57 -33.77 -3.38
N VAL C 165 18.69 -33.76 -4.38
CA VAL C 165 17.46 -34.56 -4.40
C VAL C 165 17.16 -34.90 -5.85
N GLN C 166 16.68 -36.13 -6.08
CA GLN C 166 16.45 -36.64 -7.43
C GLN C 166 15.00 -37.02 -7.63
N VAL C 167 14.48 -36.70 -8.81
CA VAL C 167 13.10 -37.02 -9.16
C VAL C 167 13.05 -38.45 -9.69
N LEU C 168 12.24 -39.29 -9.05
CA LEU C 168 12.02 -40.64 -9.55
C LEU C 168 11.02 -40.65 -10.69
N ASP C 169 9.87 -40.01 -10.49
CA ASP C 169 8.85 -39.86 -11.54
C ASP C 169 8.55 -38.37 -11.68
N ASN C 170 8.83 -37.82 -12.87
CA ASN C 170 8.72 -36.39 -13.09
C ASN C 170 7.32 -36.00 -13.55
N LEU C 171 7.05 -34.70 -13.48
CA LEU C 171 5.80 -34.16 -13.99
C LEU C 171 5.67 -34.42 -15.49
N ARG C 172 4.44 -34.67 -15.93
CA ARG C 172 4.14 -34.66 -17.35
C ARG C 172 3.74 -33.28 -17.85
N PHE C 173 3.38 -32.37 -16.94
CA PHE C 173 3.16 -30.98 -17.29
C PHE C 173 4.46 -30.36 -17.78
N THR C 174 4.38 -29.61 -18.89
CA THR C 174 5.55 -29.00 -19.49
C THR C 174 5.49 -27.48 -19.60
N GLU C 175 4.35 -26.86 -19.28
CA GLU C 175 4.14 -25.42 -19.44
C GLU C 175 3.89 -24.82 -18.05
N LEU C 176 4.94 -24.72 -17.24
CA LEU C 176 4.84 -24.08 -15.93
C LEU C 176 5.46 -22.69 -15.91
N THR C 177 6.23 -22.33 -16.93
CA THR C 177 6.91 -21.05 -16.96
C THR C 177 5.91 -19.90 -16.99
N GLY C 178 6.06 -18.97 -16.05
CA GLY C 178 5.14 -17.85 -15.96
C GLY C 178 3.78 -18.18 -15.39
N LYS C 179 3.61 -19.36 -14.81
CA LYS C 179 2.35 -19.78 -14.22
C LYS C 179 2.45 -19.78 -12.69
N HIS C 180 1.30 -19.67 -12.05
CA HIS C 180 1.22 -19.82 -10.61
C HIS C 180 1.18 -21.31 -10.27
N VAL C 181 2.11 -21.75 -9.43
CA VAL C 181 2.28 -23.16 -9.11
C VAL C 181 2.18 -23.32 -7.60
N LEU C 182 1.42 -24.31 -7.16
CA LEU C 182 1.26 -24.62 -5.74
C LEU C 182 1.65 -26.07 -5.50
N ILE C 183 2.62 -26.27 -4.60
CA ILE C 183 3.06 -27.61 -4.22
C ILE C 183 2.21 -28.09 -3.07
N MET C 184 1.69 -29.31 -3.18
CA MET C 184 0.93 -29.96 -2.11
C MET C 184 1.81 -31.03 -1.48
N GLU C 185 2.25 -30.78 -0.25
CA GLU C 185 3.12 -31.70 0.49
C GLU C 185 2.44 -32.09 1.80
N ASP C 186 2.68 -33.33 2.24
CA ASP C 186 2.02 -33.81 3.44
C ASP C 186 2.60 -33.17 4.69
N ILE C 187 3.93 -33.06 4.79
CA ILE C 187 4.55 -32.55 6.01
C ILE C 187 5.90 -31.93 5.67
N ALA C 188 6.29 -30.94 6.47
CA ALA C 188 7.62 -30.35 6.44
C ALA C 188 8.25 -30.56 7.83
N ASP C 189 9.42 -31.20 7.85
CA ASP C 189 10.08 -31.50 9.11
C ASP C 189 11.37 -30.71 9.17
N THR C 190 12.49 -31.25 8.69
CA THR C 190 13.74 -30.48 8.66
C THR C 190 13.71 -29.40 7.59
N GLY C 191 12.79 -29.49 6.62
CA GLY C 191 12.75 -28.55 5.52
C GLY C 191 13.73 -28.84 4.41
N ARG C 192 14.67 -29.78 4.59
CA ARG C 192 15.68 -30.04 3.58
C ARG C 192 15.05 -30.50 2.27
N THR C 193 14.11 -31.46 2.35
CA THR C 193 13.52 -32.02 1.14
C THR C 193 12.72 -30.97 0.37
N MET C 194 11.90 -30.20 1.08
CA MET C 194 11.06 -29.21 0.42
C MET C 194 11.88 -28.07 -0.16
N LYS C 195 12.94 -27.65 0.56
CA LYS C 195 13.81 -26.60 0.03
C LYS C 195 14.42 -27.02 -1.30
N LEU C 196 14.85 -28.29 -1.40
CA LEU C 196 15.46 -28.75 -2.64
C LEU C 196 14.42 -28.91 -3.75
N LEU C 197 13.20 -29.34 -3.41
CA LEU C 197 12.16 -29.46 -4.44
C LEU C 197 11.71 -28.09 -4.92
N VAL C 198 11.56 -27.14 -4.01
CA VAL C 198 11.23 -25.77 -4.41
C VAL C 198 12.31 -25.21 -5.32
N GLU C 199 13.58 -25.46 -4.97
CA GLU C 199 14.69 -24.96 -5.78
C GLU C 199 14.70 -25.62 -7.16
N LYS C 200 14.37 -26.90 -7.24
CA LYS C 200 14.38 -27.57 -8.54
C LYS C 200 13.26 -27.07 -9.43
N ILE C 201 12.04 -26.95 -8.87
CA ILE C 201 10.92 -26.44 -9.65
C ILE C 201 11.21 -25.04 -10.14
N ARG C 202 11.82 -24.21 -9.29
CA ARG C 202 12.15 -22.84 -9.67
C ARG C 202 13.15 -22.82 -10.83
N ARG C 203 14.22 -23.62 -10.73
CA ARG C 203 15.26 -23.57 -11.75
C ARG C 203 14.82 -24.24 -13.05
N GLU C 204 13.98 -25.27 -12.96
CA GLU C 204 13.63 -26.03 -14.17
C GLU C 204 12.49 -25.37 -14.94
N TYR C 205 11.59 -24.66 -14.27
CA TYR C 205 10.39 -24.13 -14.94
C TYR C 205 10.25 -22.62 -14.85
N ARG C 206 10.78 -21.98 -13.81
CA ARG C 206 10.64 -20.54 -13.59
C ARG C 206 9.18 -20.12 -13.55
N PRO C 207 8.40 -20.59 -12.58
CA PRO C 207 6.99 -20.19 -12.52
C PRO C 207 6.86 -18.73 -12.10
N ALA C 208 5.68 -18.17 -12.35
CA ALA C 208 5.41 -16.80 -11.92
C ALA C 208 5.44 -16.70 -10.41
N SER C 209 4.93 -17.73 -9.72
CA SER C 209 5.01 -17.81 -8.28
C SER C 209 4.99 -19.27 -7.88
N LEU C 210 5.72 -19.61 -6.82
CA LEU C 210 5.81 -20.97 -6.32
C LEU C 210 5.57 -20.94 -4.82
N LYS C 211 4.47 -21.55 -4.38
CA LYS C 211 4.11 -21.59 -2.98
C LYS C 211 3.88 -23.05 -2.56
N VAL C 212 4.04 -23.31 -1.27
CA VAL C 212 3.90 -24.65 -0.72
C VAL C 212 2.74 -24.65 0.27
N CYS C 213 1.84 -25.61 0.10
CA CYS C 213 0.77 -25.88 1.06
C CYS C 213 1.04 -27.23 1.70
N VAL C 214 1.25 -27.23 3.02
CA VAL C 214 1.49 -28.47 3.75
C VAL C 214 0.30 -28.72 4.68
N LEU C 215 0.00 -30.00 4.86
CA LEU C 215 -1.05 -30.38 5.82
C LEU C 215 -0.55 -30.25 7.25
N VAL C 216 0.69 -30.67 7.51
CA VAL C 216 1.28 -30.65 8.83
C VAL C 216 2.65 -29.99 8.76
N ASP C 217 2.87 -28.98 9.59
CA ASP C 217 4.18 -28.38 9.76
C ASP C 217 4.68 -28.68 11.17
N LYS C 218 5.96 -29.07 11.26
CA LYS C 218 6.62 -29.30 12.54
C LYS C 218 7.81 -28.35 12.61
N PRO C 219 7.57 -27.07 12.92
CA PRO C 219 8.65 -26.08 12.83
C PRO C 219 9.75 -26.29 13.86
N GLY C 220 9.51 -27.08 14.91
CA GLY C 220 10.55 -27.35 15.88
C GLY C 220 11.69 -28.20 15.36
N GLY C 221 11.53 -28.84 14.20
CA GLY C 221 12.55 -29.67 13.62
C GLY C 221 13.30 -29.06 12.46
N ARG C 222 13.20 -27.76 12.24
CA ARG C 222 13.79 -27.13 11.08
C ARG C 222 15.32 -27.25 11.11
N VAL C 223 15.87 -27.78 10.02
CA VAL C 223 17.31 -27.76 9.79
C VAL C 223 17.72 -26.60 8.90
N VAL C 224 16.95 -26.36 7.84
CA VAL C 224 17.23 -25.28 6.90
C VAL C 224 16.10 -24.27 7.01
N ASP C 225 16.29 -23.13 6.32
CA ASP C 225 15.28 -22.07 6.29
C ASP C 225 14.26 -22.42 5.20
N PHE C 226 13.17 -23.05 5.61
CA PHE C 226 12.03 -23.30 4.74
C PHE C 226 10.75 -22.95 5.47
N LYS C 227 9.98 -22.02 4.90
CA LYS C 227 8.74 -21.55 5.51
C LYS C 227 7.59 -21.76 4.55
N PRO C 228 6.83 -22.83 4.67
CA PRO C 228 5.66 -23.02 3.80
C PRO C 228 4.64 -21.92 4.03
N GLU C 229 4.05 -21.44 2.93
CA GLU C 229 3.17 -20.27 3.01
C GLU C 229 1.77 -20.64 3.49
N PHE C 230 1.32 -21.86 3.28
CA PHE C 230 0.01 -22.32 3.72
C PHE C 230 0.19 -23.57 4.56
N VAL C 231 -0.20 -23.49 5.84
CA VAL C 231 0.00 -24.57 6.80
C VAL C 231 -1.36 -24.90 7.42
N CYS C 232 -1.82 -26.13 7.24
CA CYS C 232 -3.10 -26.53 7.82
C CYS C 232 -2.96 -26.73 9.33
N LEU C 233 -2.05 -27.60 9.76
CA LEU C 233 -1.90 -27.93 11.16
C LEU C 233 -0.43 -27.88 11.57
N THR C 234 -0.20 -27.48 12.80
CA THR C 234 1.14 -27.46 13.40
C THR C 234 1.22 -28.55 14.46
N ALA C 235 2.24 -29.38 14.37
CA ALA C 235 2.43 -30.54 15.23
C ALA C 235 3.74 -30.45 15.99
N PRO C 236 3.89 -31.21 17.08
CA PRO C 236 5.20 -31.28 17.74
C PRO C 236 6.18 -32.12 16.94
N THR C 237 7.44 -32.07 17.37
CA THR C 237 8.53 -32.78 16.67
C THR C 237 8.50 -34.26 17.06
N ARG C 238 7.50 -34.95 16.51
CA ARG C 238 7.36 -36.39 16.69
C ARG C 238 6.97 -37.03 15.37
N TYR C 239 7.32 -38.30 15.20
CA TYR C 239 6.96 -39.03 13.99
C TYR C 239 5.48 -39.39 14.04
N VAL C 240 4.76 -39.08 12.95
CA VAL C 240 3.32 -39.23 12.92
C VAL C 240 2.93 -40.23 11.83
N VAL C 241 1.74 -40.82 12.00
CA VAL C 241 1.18 -41.78 11.07
C VAL C 241 -0.30 -41.50 10.91
N GLY C 242 -0.85 -41.99 9.81
CA GLY C 242 -2.26 -41.81 9.50
C GLY C 242 -2.49 -40.68 8.51
N TYR C 243 -3.57 -40.80 7.74
CA TYR C 243 -3.97 -39.82 6.72
C TYR C 243 -2.79 -39.41 5.84
N GLY C 244 -2.23 -40.40 5.15
CA GLY C 244 -1.11 -40.21 4.26
C GLY C 244 0.23 -40.50 4.87
N PHE C 245 0.39 -40.26 6.18
CA PHE C 245 1.65 -40.56 6.85
C PHE C 245 1.70 -42.04 7.23
N GLU C 246 2.89 -42.61 7.17
CA GLU C 246 3.04 -44.06 7.30
C GLU C 246 4.39 -44.39 7.91
N VAL C 247 4.56 -45.69 8.19
CA VAL C 247 5.87 -46.28 8.43
C VAL C 247 5.90 -47.62 7.69
N ASN C 248 6.79 -47.73 6.71
CA ASN C 248 6.82 -48.89 5.81
C ASN C 248 5.47 -49.12 5.15
N ASP C 249 4.84 -48.02 4.73
CA ASP C 249 3.57 -47.96 4.01
C ASP C 249 2.36 -48.34 4.87
N ARG C 250 2.55 -48.70 6.13
CA ARG C 250 1.43 -49.05 6.98
C ARG C 250 0.78 -47.81 7.59
N TYR C 251 -0.52 -47.92 7.89
CA TYR C 251 -1.34 -46.90 8.54
C TYR C 251 -1.60 -45.70 7.66
N ARG C 252 -1.33 -45.78 6.35
CA ARG C 252 -1.54 -44.63 5.48
C ARG C 252 -3.01 -44.30 5.32
N ASN C 253 -3.88 -45.31 5.32
CA ASN C 253 -5.30 -45.14 5.02
C ASN C 253 -6.14 -44.78 6.23
N TYR C 254 -5.52 -44.55 7.39
CA TYR C 254 -6.28 -44.16 8.57
C TYR C 254 -6.77 -42.72 8.43
N ARG C 255 -7.88 -42.42 9.09
CA ARG C 255 -8.51 -41.11 8.96
C ARG C 255 -7.99 -40.09 9.96
N HIS C 256 -7.16 -40.49 10.92
CA HIS C 256 -6.62 -39.60 11.92
C HIS C 256 -5.10 -39.64 11.88
N VAL C 257 -4.48 -38.58 12.41
CA VAL C 257 -3.04 -38.48 12.51
C VAL C 257 -2.64 -38.73 13.96
N PHE C 258 -1.82 -39.75 14.19
CA PHE C 258 -1.38 -40.12 15.52
C PHE C 258 0.11 -39.92 15.66
N VAL C 259 0.56 -39.76 16.91
CA VAL C 259 1.96 -39.91 17.24
C VAL C 259 2.28 -41.40 17.29
N LEU C 260 3.36 -41.81 16.64
CA LEU C 260 3.71 -43.22 16.56
C LEU C 260 4.46 -43.66 17.81
N LYS C 261 4.07 -44.79 18.38
CA LYS C 261 4.82 -45.37 19.48
C LYS C 261 6.22 -45.74 18.98
N PRO C 262 7.28 -45.38 19.72
CA PRO C 262 8.63 -45.71 19.24
C PRO C 262 8.86 -47.19 19.05
N GLU C 263 8.12 -48.06 19.75
CA GLU C 263 8.26 -49.50 19.57
C GLU C 263 7.78 -49.95 18.20
N TYR C 264 6.89 -49.18 17.56
CA TYR C 264 6.36 -49.53 16.25
C TYR C 264 7.17 -48.95 15.11
N ALA C 265 8.31 -48.31 15.41
CA ALA C 265 9.07 -47.63 14.37
C ALA C 265 9.65 -48.61 13.35
N LYS C 266 10.05 -49.80 13.79
CA LYS C 266 10.65 -50.80 12.91
C LYS C 266 9.98 -52.15 13.11
N ARG C 267 8.64 -52.16 13.09
CA ARG C 267 7.92 -53.43 13.25
C ARG C 267 8.01 -54.27 11.98
N TYR C 268 8.00 -53.62 10.81
CA TYR C 268 8.09 -54.30 9.52
C TYR C 268 9.37 -53.87 8.82
N PRO C 269 10.48 -54.56 9.04
CA PRO C 269 11.72 -54.21 8.32
C PRO C 269 11.74 -54.73 6.90
N SER C 270 10.99 -55.81 6.63
CA SER C 270 11.05 -56.47 5.34
C SER C 270 10.36 -55.63 4.27
N LYS C 271 10.93 -55.64 3.07
CA LYS C 271 10.40 -54.87 1.95
C LYS C 271 9.11 -55.48 1.41
N PRO D 47 9.71 14.84 -7.95
CA PRO D 47 9.08 14.36 -6.71
C PRO D 47 10.08 13.71 -5.78
N ASN D 48 10.23 14.26 -4.57
CA ASN D 48 11.20 13.76 -3.60
C ASN D 48 10.60 12.64 -2.77
N PHE D 49 11.42 11.64 -2.47
CA PHE D 49 11.02 10.49 -1.67
C PHE D 49 11.43 10.72 -0.23
N VAL D 50 10.44 10.77 0.67
CA VAL D 50 10.69 10.94 2.10
C VAL D 50 10.61 9.58 2.77
N GLY D 51 11.60 9.28 3.61
CA GLY D 51 11.63 8.02 4.32
C GLY D 51 12.23 8.17 5.71
N ARG D 52 12.64 7.06 6.31
CA ARG D 52 13.22 7.08 7.64
C ARG D 52 14.43 6.16 7.68
N ASP D 53 15.46 6.57 8.43
CA ASP D 53 16.68 5.81 8.57
C ASP D 53 16.41 4.49 9.30
N ALA D 54 17.42 3.63 9.29
CA ALA D 54 17.43 2.51 10.23
C ALA D 54 17.50 3.01 11.66
N ASP D 55 18.21 4.11 11.88
CA ASP D 55 18.25 4.79 13.18
C ASP D 55 16.99 5.60 13.45
N GLY D 56 16.07 5.67 12.50
CA GLY D 56 14.85 6.44 12.66
C GLY D 56 14.94 7.88 12.20
N ASN D 57 16.06 8.29 11.63
CA ASN D 57 16.22 9.66 11.18
C ASN D 57 15.47 9.91 9.88
N VAL D 58 15.00 11.15 9.70
CA VAL D 58 14.34 11.53 8.47
C VAL D 58 15.31 11.43 7.30
N THR D 59 14.83 10.86 6.20
CA THR D 59 15.57 10.82 4.94
C THR D 59 14.74 11.44 3.83
N VAL D 60 15.39 12.20 2.96
CA VAL D 60 14.79 12.69 1.73
C VAL D 60 15.73 12.32 0.59
N ASP D 61 15.23 11.49 -0.33
CA ASP D 61 16.02 11.01 -1.48
C ASP D 61 17.29 10.32 -1.02
N GLY D 62 17.17 9.47 0.01
CA GLY D 62 18.30 8.70 0.51
C GLY D 62 19.20 9.43 1.48
N ARG D 63 19.16 10.76 1.51
CA ARG D 63 20.01 11.54 2.40
C ARG D 63 19.32 11.71 3.75
N SER D 64 20.01 11.34 4.82
CA SER D 64 19.45 11.42 6.16
C SER D 64 19.67 12.80 6.77
N TYR D 65 18.71 13.25 7.57
CA TYR D 65 18.73 14.55 8.22
C TYR D 65 18.47 14.34 9.70
N PRO D 66 19.53 14.12 10.49
CA PRO D 66 19.32 13.78 11.91
C PRO D 66 18.77 14.94 12.73
N MET D 67 18.92 16.18 12.28
CA MET D 67 18.39 17.31 13.04
C MET D 67 16.90 17.52 12.85
N ALA D 68 16.27 16.75 11.96
CA ALA D 68 14.89 16.97 11.56
C ALA D 68 13.95 16.05 12.33
N GLU D 69 12.86 16.62 12.85
CA GLU D 69 11.80 15.82 13.45
C GLU D 69 10.87 15.25 12.40
N SER D 70 10.54 16.05 11.38
CA SER D 70 9.72 15.60 10.26
C SER D 70 9.92 16.58 9.11
N VAL D 71 9.32 16.26 7.97
CA VAL D 71 9.42 17.07 6.76
C VAL D 71 8.18 17.94 6.66
N VAL D 72 8.39 19.26 6.55
CA VAL D 72 7.28 20.17 6.29
C VAL D 72 6.92 20.17 4.81
N ALA D 73 7.90 20.41 3.95
CA ALA D 73 7.68 20.40 2.51
C ALA D 73 8.99 20.06 1.82
N THR D 74 8.94 19.14 0.86
CA THR D 74 10.10 18.81 0.05
C THR D 74 10.33 19.89 -0.99
N GLU D 75 11.52 19.85 -1.60
CA GLU D 75 11.87 20.80 -2.65
C GLU D 75 10.85 20.75 -3.79
N SER D 76 10.42 19.54 -4.14
CA SER D 76 9.38 19.39 -5.17
C SER D 76 8.10 20.13 -4.79
N THR D 77 7.69 20.01 -3.52
CA THR D 77 6.49 20.70 -3.08
C THR D 77 6.69 22.20 -3.02
N ILE D 78 7.86 22.64 -2.54
CA ILE D 78 8.13 24.07 -2.41
C ILE D 78 8.09 24.76 -3.77
N HIS D 79 8.77 24.18 -4.76
CA HIS D 79 8.87 24.83 -6.05
C HIS D 79 7.55 24.80 -6.81
N ARG D 80 6.70 23.80 -6.56
CA ARG D 80 5.38 23.80 -7.19
C ARG D 80 4.52 24.94 -6.66
N SER D 81 4.53 25.14 -5.34
CA SER D 81 3.76 26.23 -4.77
C SER D 81 4.33 27.59 -5.17
N MET D 82 5.65 27.67 -5.36
CA MET D 82 6.27 28.92 -5.78
C MET D 82 5.96 29.23 -7.24
N LYS D 83 5.92 28.20 -8.10
CA LYS D 83 5.52 28.42 -9.48
C LYS D 83 4.06 28.85 -9.57
N GLU D 84 3.20 28.27 -8.74
CA GLU D 84 1.81 28.70 -8.69
C GLU D 84 1.70 30.12 -8.13
N MET D 85 2.50 30.44 -7.11
CA MET D 85 2.50 31.79 -6.58
C MET D 85 3.01 32.80 -7.61
N ALA D 86 3.98 32.39 -8.44
CA ALA D 86 4.49 33.29 -9.47
C ALA D 86 3.41 33.67 -10.46
N GLN D 87 2.59 32.70 -10.88
CA GLN D 87 1.48 33.01 -11.77
C GLN D 87 0.42 33.85 -11.07
N THR D 88 0.20 33.59 -9.78
CA THR D 88 -0.73 34.42 -9.01
C THR D 88 -0.23 35.85 -8.91
N LEU D 89 1.08 36.03 -8.70
CA LEU D 89 1.64 37.37 -8.66
C LEU D 89 1.56 38.05 -10.02
N ALA D 90 1.82 37.31 -11.10
CA ALA D 90 1.73 37.88 -12.43
C ALA D 90 0.32 38.33 -12.76
N ASN D 91 -0.67 37.49 -12.43
CA ASN D 91 -2.06 37.85 -12.72
C ASN D 91 -2.48 39.11 -11.97
N ALA D 92 -1.97 39.28 -10.74
CA ALA D 92 -2.37 40.41 -9.92
C ALA D 92 -1.67 41.71 -10.29
N TYR D 93 -0.57 41.65 -11.04
CA TYR D 93 0.25 42.83 -11.29
C TYR D 93 0.38 43.21 -12.76
N LYS D 94 0.22 42.26 -13.70
CA LYS D 94 0.57 42.53 -15.08
C LYS D 94 -0.29 43.63 -15.71
N THR D 95 -1.48 43.88 -15.18
CA THR D 95 -2.38 44.90 -15.72
C THR D 95 -2.40 46.17 -14.90
N LEU D 96 -1.65 46.24 -13.80
CA LEU D 96 -1.66 47.41 -12.94
C LEU D 96 -0.77 48.51 -13.50
N LYS D 97 -1.07 49.74 -13.10
CA LYS D 97 -0.32 50.91 -13.51
C LYS D 97 0.22 51.64 -12.28
N HIS D 98 1.35 52.31 -12.46
CA HIS D 98 1.95 53.11 -11.39
C HIS D 98 2.78 54.23 -12.02
N ARG D 99 3.53 54.94 -11.17
CA ARG D 99 4.19 56.16 -11.59
C ARG D 99 5.25 55.90 -12.65
N ASP D 100 5.27 56.76 -13.67
CA ASP D 100 6.25 56.68 -14.76
C ASP D 100 7.48 57.48 -14.37
N THR D 101 8.52 56.79 -13.91
CA THR D 101 9.81 57.42 -13.66
C THR D 101 10.78 57.27 -14.83
N HIS D 102 10.46 56.41 -15.81
CA HIS D 102 11.27 56.34 -17.01
C HIS D 102 11.11 57.61 -17.84
N ASN D 103 9.87 58.00 -18.13
CA ASN D 103 9.57 59.27 -18.79
C ASN D 103 9.07 60.22 -17.71
N LYS D 104 9.99 60.98 -17.13
CA LYS D 104 9.66 61.84 -15.99
C LYS D 104 8.63 62.91 -16.36
N GLY D 105 8.51 63.26 -17.63
CA GLY D 105 7.50 64.21 -18.06
C GLY D 105 6.11 63.64 -18.27
N ASN D 106 5.96 62.32 -18.16
CA ASN D 106 4.67 61.68 -18.35
C ASN D 106 3.77 61.92 -17.14
N SER D 107 2.56 62.40 -17.38
CA SER D 107 1.61 62.67 -16.31
C SER D 107 0.80 61.43 -15.93
N ALA D 108 0.38 60.66 -16.92
CA ALA D 108 -0.46 59.49 -16.64
C ALA D 108 0.36 58.36 -16.03
N LEU D 109 -0.34 57.45 -15.37
CA LEU D 109 0.31 56.26 -14.84
C LEU D 109 0.74 55.35 -15.97
N ALA D 110 1.78 54.55 -15.71
CA ALA D 110 2.37 53.72 -16.75
C ALA D 110 2.28 52.25 -16.36
N PRO D 111 2.16 51.35 -17.34
CA PRO D 111 2.10 49.92 -17.03
C PRO D 111 3.44 49.42 -16.50
N ILE D 112 3.39 48.23 -15.91
CA ILE D 112 4.58 47.61 -15.34
C ILE D 112 5.37 46.97 -16.49
N THR D 113 6.49 47.59 -16.84
CA THR D 113 7.35 47.13 -17.93
C THR D 113 8.80 47.20 -17.45
N ASP D 114 9.74 46.90 -18.35
CA ASP D 114 11.15 47.09 -18.02
C ASP D 114 11.46 48.55 -17.76
N GLU D 115 10.69 49.46 -18.37
CA GLU D 115 10.88 50.89 -18.11
C GLU D 115 10.43 51.26 -16.70
N ASN D 116 9.34 50.64 -16.22
CA ASN D 116 8.81 50.89 -14.88
C ASN D 116 8.49 49.56 -14.22
N PRO D 117 9.50 48.85 -13.73
CA PRO D 117 9.27 47.49 -13.23
C PRO D 117 8.68 47.47 -11.83
N LEU D 118 8.16 46.30 -11.49
CA LEU D 118 7.72 46.05 -10.11
C LEU D 118 8.92 46.09 -9.18
N ILE D 119 8.78 46.82 -8.08
CA ILE D 119 9.84 46.91 -7.08
C ILE D 119 9.68 45.76 -6.09
N ILE D 120 10.75 45.01 -5.89
CA ILE D 120 10.76 43.87 -4.99
C ILE D 120 11.76 44.13 -3.87
N ILE D 121 11.27 44.15 -2.63
CA ILE D 121 12.11 44.32 -1.45
C ILE D 121 12.29 42.96 -0.81
N SER D 122 13.51 42.43 -0.88
CA SER D 122 13.85 41.14 -0.29
C SER D 122 14.49 41.36 1.07
N VAL D 123 14.01 40.63 2.07
CA VAL D 123 14.45 40.80 3.45
C VAL D 123 15.56 39.80 3.74
N LEU D 124 16.79 40.31 3.90
CA LEU D 124 17.93 39.48 4.25
C LEU D 124 17.96 39.25 5.76
N LYS D 125 18.51 38.09 6.16
CA LYS D 125 19.18 37.11 5.31
C LYS D 125 18.24 36.03 4.77
N GLY D 126 17.10 35.85 5.44
CA GLY D 126 16.35 34.61 5.31
C GLY D 126 15.59 34.41 4.01
N SER D 127 15.49 35.45 3.17
N SER D 127 15.48 35.45 3.17
CA SER D 127 14.67 35.37 1.97
CA SER D 127 14.67 35.38 1.97
C SER D 127 15.49 35.41 0.68
C SER D 127 15.49 35.37 0.69
N TYR D 128 16.82 35.37 0.76
CA TYR D 128 17.62 35.51 -0.45
C TYR D 128 17.52 34.28 -1.35
N ILE D 129 17.43 33.09 -0.76
CA ILE D 129 17.21 31.90 -1.58
C ILE D 129 15.80 31.90 -2.15
N PHE D 130 14.81 32.23 -1.30
CA PHE D 130 13.43 32.34 -1.75
C PHE D 130 13.30 33.36 -2.88
N THR D 131 13.92 34.53 -2.72
CA THR D 131 13.84 35.57 -3.73
C THR D 131 14.53 35.14 -5.03
N ALA D 132 15.70 34.49 -4.92
CA ALA D 132 16.43 34.07 -6.11
C ALA D 132 15.60 33.14 -6.97
N ASP D 133 14.87 32.20 -6.36
CA ASP D 133 14.03 31.32 -7.15
C ASP D 133 12.78 32.02 -7.65
N MET D 134 12.20 32.91 -6.83
CA MET D 134 10.91 33.49 -7.19
C MET D 134 11.04 34.47 -8.35
N VAL D 135 12.10 35.30 -8.35
CA VAL D 135 12.23 36.28 -9.43
C VAL D 135 12.47 35.59 -10.76
N ARG D 136 13.04 34.39 -10.75
CA ARG D 136 13.21 33.64 -11.99
C ARG D 136 11.89 33.05 -12.46
N TYR D 137 11.05 32.59 -11.53
CA TYR D 137 9.70 32.15 -11.90
C TYR D 137 8.86 33.32 -12.39
N LEU D 138 9.05 34.51 -11.80
CA LEU D 138 8.37 35.70 -12.27
C LEU D 138 8.79 36.04 -13.70
N GLY D 139 10.07 35.82 -14.03
CA GLY D 139 10.51 36.01 -15.40
C GLY D 139 9.83 35.06 -16.37
N ASP D 140 9.65 33.80 -15.95
CA ASP D 140 8.90 32.85 -16.77
C ASP D 140 7.49 33.36 -17.05
N CYS D 141 6.87 34.00 -16.05
CA CYS D 141 5.53 34.55 -16.20
C CYS D 141 5.52 35.92 -16.89
N GLY D 142 6.68 36.47 -17.20
CA GLY D 142 6.74 37.73 -17.92
C GLY D 142 6.42 38.96 -17.09
N LEU D 143 6.73 38.94 -15.80
CA LEU D 143 6.50 40.10 -14.94
C LEU D 143 7.81 40.83 -14.73
N PRO D 144 8.04 41.99 -15.36
CA PRO D 144 9.30 42.71 -15.15
C PRO D 144 9.42 43.20 -13.72
N ASN D 145 10.61 43.01 -13.14
CA ASN D 145 10.83 43.34 -11.74
C ASN D 145 12.30 43.64 -11.52
N VAL D 146 12.56 44.43 -10.47
CA VAL D 146 13.90 44.68 -9.97
C VAL D 146 13.89 44.43 -8.47
N VAL D 147 15.06 44.08 -7.93
CA VAL D 147 15.18 43.64 -6.54
C VAL D 147 16.21 44.50 -5.81
N ASP D 148 15.83 44.97 -4.62
CA ASP D 148 16.78 45.52 -3.67
C ASP D 148 16.58 44.81 -2.34
N PHE D 149 17.52 45.01 -1.42
CA PHE D 149 17.57 44.22 -0.21
C PHE D 149 17.51 45.11 1.02
N ILE D 150 16.78 44.62 2.03
CA ILE D 150 16.74 45.20 3.37
C ILE D 150 17.23 44.15 4.35
N ARG D 151 17.98 44.55 5.36
CA ARG D 151 18.45 43.65 6.40
C ARG D 151 17.98 44.16 7.75
N ILE D 152 17.18 43.36 8.44
CA ILE D 152 16.62 43.75 9.73
C ILE D 152 17.01 42.74 10.79
N GLN D 166 14.36 47.91 13.66
CA GLN D 166 15.66 47.27 13.84
C GLN D 166 16.27 46.93 12.48
N VAL D 167 16.59 47.95 11.70
CA VAL D 167 17.13 47.79 10.35
C VAL D 167 18.65 47.94 10.42
N LEU D 168 19.36 46.92 9.93
CA LEU D 168 20.81 46.95 9.88
C LEU D 168 21.31 47.59 8.59
N ASP D 169 20.78 47.16 7.46
CA ASP D 169 21.20 47.65 6.15
C ASP D 169 19.96 48.18 5.43
N ASN D 170 20.01 49.44 5.00
CA ASN D 170 18.87 50.10 4.40
C ASN D 170 18.79 49.83 2.89
N LEU D 171 17.64 50.15 2.31
CA LEU D 171 17.48 50.09 0.87
C LEU D 171 18.41 51.09 0.19
N ARG D 172 18.80 50.76 -1.04
CA ARG D 172 19.51 51.71 -1.88
C ARG D 172 18.61 52.36 -2.93
N PHE D 173 17.53 51.69 -3.33
CA PHE D 173 16.51 52.34 -4.13
C PHE D 173 15.89 53.50 -3.36
N THR D 174 15.67 54.62 -4.04
CA THR D 174 15.10 55.80 -3.41
C THR D 174 13.81 56.28 -4.07
N GLU D 175 13.47 55.79 -5.24
CA GLU D 175 12.34 56.29 -6.01
C GLU D 175 11.20 55.27 -5.98
N LEU D 176 10.66 55.05 -4.78
CA LEU D 176 9.57 54.12 -4.57
C LEU D 176 8.21 54.79 -4.49
N THR D 177 8.17 56.13 -4.45
CA THR D 177 6.90 56.82 -4.30
C THR D 177 5.99 56.57 -5.50
N GLY D 178 4.75 56.18 -5.22
CA GLY D 178 3.81 55.91 -6.29
C GLY D 178 4.09 54.65 -7.09
N LYS D 179 4.92 53.76 -6.57
CA LYS D 179 5.24 52.51 -7.24
C LYS D 179 4.53 51.35 -6.56
N HIS D 180 4.34 50.28 -7.33
CA HIS D 180 3.89 49.02 -6.77
C HIS D 180 5.11 48.30 -6.19
N VAL D 181 5.07 48.04 -4.89
CA VAL D 181 6.19 47.42 -4.17
C VAL D 181 5.72 46.12 -3.55
N LEU D 182 6.51 45.07 -3.71
CA LEU D 182 6.22 43.75 -3.16
C LEU D 182 7.36 43.37 -2.22
N ILE D 183 7.01 42.98 -1.00
CA ILE D 183 7.97 42.58 0.02
C ILE D 183 8.07 41.06 0.02
N MET D 184 9.28 40.54 -0.12
CA MET D 184 9.55 39.11 -0.04
C MET D 184 10.14 38.78 1.31
N GLU D 185 9.43 37.99 2.10
CA GLU D 185 9.88 37.60 3.43
C GLU D 185 9.81 36.08 3.56
N ASP D 186 10.74 35.53 4.36
CA ASP D 186 10.84 34.08 4.50
C ASP D 186 9.64 33.51 5.25
N ILE D 187 9.26 34.12 6.38
CA ILE D 187 8.23 33.54 7.24
C ILE D 187 7.47 34.66 7.94
N ALA D 188 6.20 34.40 8.25
CA ALA D 188 5.37 35.25 9.08
C ALA D 188 4.87 34.43 10.26
N ASP D 189 5.28 34.81 11.46
CA ASP D 189 4.93 34.06 12.66
C ASP D 189 4.04 34.90 13.58
N THR D 190 4.65 35.61 14.53
CA THR D 190 3.87 36.53 15.37
C THR D 190 3.32 37.69 14.57
N GLY D 191 3.93 38.02 13.44
CA GLY D 191 3.51 39.15 12.63
C GLY D 191 4.11 40.48 13.03
N ARG D 192 4.79 40.55 14.18
CA ARG D 192 5.35 41.82 14.64
C ARG D 192 6.35 42.39 13.64
N THR D 193 7.24 41.54 13.12
CA THR D 193 8.31 42.02 12.26
C THR D 193 7.77 42.62 10.97
N MET D 194 6.87 41.90 10.30
CA MET D 194 6.35 42.39 9.03
C MET D 194 5.41 43.57 9.22
N LYS D 195 4.67 43.59 10.33
CA LYS D 195 3.80 44.74 10.60
C LYS D 195 4.62 46.01 10.79
N LEU D 196 5.76 45.91 11.47
CA LEU D 196 6.62 47.07 11.66
C LEU D 196 7.34 47.46 10.37
N LEU D 197 7.70 46.48 9.54
CA LEU D 197 8.42 46.79 8.30
C LEU D 197 7.49 47.40 7.25
N VAL D 198 6.25 46.92 7.19
CA VAL D 198 5.31 47.46 6.22
C VAL D 198 4.97 48.92 6.55
N GLU D 199 4.73 49.19 7.83
CA GLU D 199 4.44 50.57 8.25
C GLU D 199 5.65 51.46 8.03
N LYS D 200 6.85 50.93 8.25
CA LYS D 200 8.07 51.70 8.02
C LYS D 200 8.22 52.05 6.55
N ILE D 201 8.02 51.07 5.67
CA ILE D 201 8.25 51.31 4.24
C ILE D 201 7.19 52.24 3.66
N ARG D 202 5.92 52.08 4.08
CA ARG D 202 4.86 52.91 3.52
C ARG D 202 5.01 54.36 3.99
N ARG D 203 5.43 54.57 5.22
CA ARG D 203 5.63 55.93 5.72
C ARG D 203 6.85 56.57 5.07
N GLU D 204 7.94 55.82 4.93
CA GLU D 204 9.21 56.41 4.49
C GLU D 204 9.30 56.50 2.98
N TYR D 205 8.61 55.64 2.23
CA TYR D 205 8.71 55.62 0.78
C TYR D 205 7.41 55.92 0.06
N ARG D 206 6.27 55.80 0.74
CA ARG D 206 4.97 56.14 0.18
C ARG D 206 4.69 55.49 -1.17
N PRO D 207 4.70 54.15 -1.24
CA PRO D 207 4.42 53.49 -2.51
C PRO D 207 2.94 53.53 -2.84
N ALA D 208 2.64 53.34 -4.14
CA ALA D 208 1.25 53.24 -4.55
C ALA D 208 0.57 52.04 -3.91
N SER D 209 1.26 50.89 -3.90
CA SER D 209 0.77 49.70 -3.23
C SER D 209 1.95 48.99 -2.59
N LEU D 210 1.67 48.32 -1.46
CA LEU D 210 2.69 47.60 -0.70
C LEU D 210 2.07 46.30 -0.22
N LYS D 211 2.55 45.18 -0.76
CA LYS D 211 2.02 43.87 -0.43
C LYS D 211 3.16 42.94 -0.06
N VAL D 212 2.82 41.88 0.68
CA VAL D 212 3.79 40.97 1.28
C VAL D 212 3.56 39.58 0.70
N CYS D 213 4.60 39.01 0.09
CA CYS D 213 4.61 37.63 -0.35
C CYS D 213 5.57 36.86 0.55
N VAL D 214 5.05 35.85 1.27
CA VAL D 214 5.82 35.11 2.25
C VAL D 214 5.90 33.66 1.82
N LEU D 215 7.05 33.03 2.09
CA LEU D 215 7.23 31.63 1.76
C LEU D 215 6.45 30.73 2.71
N VAL D 216 6.57 30.98 4.00
CA VAL D 216 5.92 30.18 5.03
C VAL D 216 5.10 31.10 5.93
N ASP D 217 3.82 30.78 6.08
CA ASP D 217 2.96 31.45 7.04
C ASP D 217 2.62 30.50 8.17
N LYS D 218 2.66 31.01 9.40
CA LYS D 218 2.25 30.27 10.59
C LYS D 218 1.17 31.09 11.27
N PRO D 219 -0.06 31.06 10.75
CA PRO D 219 -1.12 31.90 11.30
C PRO D 219 -1.47 31.59 12.75
N GLY D 220 -1.11 30.40 13.24
CA GLY D 220 -1.35 30.08 14.64
C GLY D 220 -0.48 30.82 15.62
N GLY D 221 0.58 31.50 15.14
CA GLY D 221 1.48 32.24 16.00
C GLY D 221 1.21 33.71 16.11
N ARG D 222 0.18 34.23 15.44
CA ARG D 222 -0.08 35.66 15.41
C ARG D 222 -0.31 36.21 16.81
N VAL D 223 0.41 37.28 17.13
CA VAL D 223 0.11 38.08 18.31
C VAL D 223 -0.39 39.47 17.95
N VAL D 224 -0.17 39.93 16.71
CA VAL D 224 -0.75 41.16 16.20
C VAL D 224 -1.42 40.84 14.86
N ASP D 225 -2.27 41.76 14.41
CA ASP D 225 -3.06 41.55 13.20
C ASP D 225 -2.21 41.87 11.98
N PHE D 226 -1.80 40.84 11.25
CA PHE D 226 -1.10 41.00 9.99
C PHE D 226 -1.38 39.79 9.12
N LYS D 227 -1.86 40.05 7.90
CA LYS D 227 -2.21 38.99 6.96
C LYS D 227 -1.48 39.24 5.65
N PRO D 228 -0.42 38.50 5.36
CA PRO D 228 0.25 38.65 4.06
C PRO D 228 -0.68 38.25 2.93
N GLU D 229 -0.68 39.07 1.88
CA GLU D 229 -1.60 38.84 0.77
C GLU D 229 -1.28 37.57 0.00
N PHE D 230 0.00 37.21 -0.09
CA PHE D 230 0.44 36.06 -0.87
C PHE D 230 1.23 35.13 0.04
N VAL D 231 0.76 33.88 0.17
CA VAL D 231 1.38 32.87 1.01
C VAL D 231 1.61 31.62 0.16
N CYS D 232 2.83 31.10 0.22
CA CYS D 232 3.14 29.87 -0.51
C CYS D 232 2.77 28.64 0.32
N LEU D 233 3.33 28.54 1.53
CA LEU D 233 3.12 27.39 2.40
C LEU D 233 2.60 27.84 3.76
N THR D 234 1.73 27.03 4.33
CA THR D 234 1.23 27.24 5.69
C THR D 234 1.76 26.12 6.58
N ALA D 235 2.25 26.48 7.75
CA ALA D 235 2.94 25.56 8.64
C ALA D 235 2.44 25.72 10.06
N PRO D 236 2.59 24.69 10.90
CA PRO D 236 2.23 24.83 12.31
C PRO D 236 3.25 25.69 13.05
N THR D 237 2.92 25.99 14.31
CA THR D 237 3.78 26.84 15.14
C THR D 237 4.95 26.00 15.68
N ARG D 238 5.80 25.57 14.74
CA ARG D 238 6.99 24.80 15.06
C ARG D 238 8.19 25.47 14.41
N TYR D 239 9.34 25.39 15.08
CA TYR D 239 10.56 25.92 14.51
C TYR D 239 10.99 25.08 13.31
N VAL D 240 11.18 25.73 12.17
CA VAL D 240 11.53 25.04 10.93
C VAL D 240 12.91 25.47 10.49
N VAL D 241 13.60 24.56 9.78
CA VAL D 241 14.92 24.82 9.24
C VAL D 241 14.97 24.29 7.81
N GLY D 242 15.91 24.82 7.04
CA GLY D 242 16.07 24.43 5.66
C GLY D 242 15.47 25.44 4.71
N TYR D 243 16.03 25.49 3.50
CA TYR D 243 15.60 26.39 2.43
C TYR D 243 15.39 27.81 2.95
N GLY D 244 16.46 28.37 3.50
CA GLY D 244 16.47 29.73 4.01
C GLY D 244 16.32 29.84 5.51
N PHE D 245 15.70 28.86 6.15
CA PHE D 245 15.54 28.85 7.59
C PHE D 245 16.70 28.10 8.24
N GLU D 246 17.09 28.54 9.43
CA GLU D 246 18.35 28.10 9.99
C GLU D 246 18.33 28.17 11.52
N VAL D 247 19.38 27.59 12.11
CA VAL D 247 19.71 27.75 13.52
C VAL D 247 21.17 28.20 13.56
N ASN D 248 21.40 29.47 13.91
CA ASN D 248 22.73 30.08 13.85
C ASN D 248 23.37 29.83 12.49
N ASP D 249 22.57 30.07 11.43
CA ASP D 249 22.95 30.01 10.02
C ASP D 249 23.16 28.58 9.52
N ARG D 250 23.06 27.57 10.37
CA ARG D 250 23.17 26.19 9.92
C ARG D 250 21.88 25.74 9.25
N TYR D 251 22.02 24.90 8.23
CA TYR D 251 20.95 24.19 7.51
C TYR D 251 20.20 25.05 6.51
N ARG D 252 20.53 26.32 6.34
CA ARG D 252 19.73 27.17 5.47
C ARG D 252 19.93 26.88 3.99
N ASN D 253 20.97 26.13 3.61
CA ASN D 253 21.18 25.74 2.23
C ASN D 253 20.54 24.40 1.88
N TYR D 254 19.78 23.81 2.80
CA TYR D 254 19.09 22.56 2.50
C TYR D 254 17.93 22.81 1.54
N ARG D 255 17.61 21.80 0.73
CA ARG D 255 16.61 21.95 -0.30
C ARG D 255 15.18 21.74 0.20
N HIS D 256 15.01 21.28 1.43
CA HIS D 256 13.69 21.01 1.98
C HIS D 256 13.54 21.73 3.31
N VAL D 257 12.29 21.90 3.73
CA VAL D 257 11.97 22.54 5.00
C VAL D 257 11.57 21.46 5.99
N PHE D 258 12.28 21.40 7.12
CA PHE D 258 12.06 20.40 8.14
C PHE D 258 11.57 21.06 9.43
N VAL D 259 10.84 20.30 10.23
CA VAL D 259 10.63 20.66 11.63
C VAL D 259 11.88 20.25 12.39
N LEU D 260 12.49 21.19 13.09
CA LEU D 260 13.74 20.92 13.77
C LEU D 260 13.49 20.19 15.08
N LYS D 261 14.37 19.25 15.40
CA LYS D 261 14.33 18.61 16.70
C LYS D 261 14.59 19.66 17.77
N PRO D 262 13.73 19.78 18.79
CA PRO D 262 13.98 20.77 19.85
C PRO D 262 15.32 20.60 20.54
N GLU D 263 15.90 19.39 20.54
CA GLU D 263 17.23 19.19 21.10
C GLU D 263 18.33 19.82 20.26
N TYR D 264 18.02 20.23 19.02
CA TYR D 264 18.99 20.88 18.15
C TYR D 264 18.87 22.39 18.13
N ALA D 265 17.94 22.95 18.92
CA ALA D 265 17.70 24.39 18.86
C ALA D 265 18.89 25.20 19.38
N LYS D 266 19.69 24.62 20.28
CA LYS D 266 20.83 25.31 20.86
C LYS D 266 22.10 24.52 20.65
N ARG D 267 22.24 23.89 19.47
CA ARG D 267 23.40 23.06 19.20
C ARG D 267 24.64 23.88 18.85
N TYR D 268 24.46 25.04 18.22
CA TYR D 268 25.57 25.88 17.77
C TYR D 268 25.42 27.27 18.41
N PRO D 269 25.92 27.43 19.64
CA PRO D 269 25.73 28.69 20.35
C PRO D 269 26.85 29.71 20.19
N SER D 270 27.97 29.35 19.60
CA SER D 270 29.09 30.26 19.46
C SER D 270 28.86 31.24 18.33
N LYS D 271 29.22 32.50 18.56
CA LYS D 271 29.06 33.55 17.57
C LYS D 271 29.83 33.26 16.28
N PRO E 47 -27.99 -36.86 0.29
CA PRO E 47 -28.77 -36.98 -0.95
C PRO E 47 -28.74 -35.69 -1.78
N ASN E 48 -27.95 -35.69 -2.84
CA ASN E 48 -27.82 -34.50 -3.69
C ASN E 48 -29.04 -34.36 -4.59
N PHE E 49 -29.49 -33.12 -4.76
CA PHE E 49 -30.65 -32.81 -5.59
C PHE E 49 -30.20 -32.45 -7.00
N VAL E 50 -30.69 -33.19 -7.99
CA VAL E 50 -30.40 -32.92 -9.40
C VAL E 50 -31.56 -32.16 -9.99
N GLY E 51 -31.27 -31.21 -10.87
CA GLY E 51 -32.30 -30.47 -11.54
C GLY E 51 -31.78 -29.76 -12.76
N ARG E 52 -32.55 -28.76 -13.20
CA ARG E 52 -32.18 -27.89 -14.30
C ARG E 52 -32.48 -26.44 -13.90
N ASP E 53 -31.63 -25.52 -14.35
CA ASP E 53 -31.83 -24.12 -14.03
C ASP E 53 -32.70 -23.46 -15.11
N ALA E 54 -32.81 -22.14 -15.06
CA ALA E 54 -33.66 -21.42 -16.02
C ALA E 54 -33.13 -21.56 -17.44
N ASP E 55 -31.82 -21.66 -17.61
CA ASP E 55 -31.24 -21.86 -18.93
C ASP E 55 -31.25 -23.28 -19.43
N GLY E 56 -31.74 -24.22 -18.62
CA GLY E 56 -31.73 -25.62 -18.99
C GLY E 56 -30.46 -26.36 -18.66
N ASN E 57 -29.55 -25.73 -17.91
CA ASN E 57 -28.29 -26.38 -17.55
C ASN E 57 -28.49 -27.33 -16.38
N VAL E 58 -27.67 -28.39 -16.36
CA VAL E 58 -27.71 -29.33 -15.26
C VAL E 58 -27.29 -28.63 -13.97
N THR E 59 -28.01 -28.90 -12.89
CA THR E 59 -27.66 -28.40 -11.57
C THR E 59 -27.63 -29.55 -10.58
N VAL E 60 -26.69 -29.48 -9.64
CA VAL E 60 -26.62 -30.42 -8.52
C VAL E 60 -26.50 -29.60 -7.24
N ASP E 61 -27.51 -29.68 -6.39
CA ASP E 61 -27.61 -28.86 -5.20
C ASP E 61 -27.42 -27.37 -5.51
N GLY E 62 -28.06 -26.91 -6.58
CA GLY E 62 -28.09 -25.51 -6.94
C GLY E 62 -26.98 -25.06 -7.87
N ARG E 63 -25.80 -25.66 -7.77
CA ARG E 63 -24.67 -25.27 -8.61
C ARG E 63 -24.86 -25.78 -10.03
N SER E 64 -24.64 -24.89 -11.00
CA SER E 64 -24.85 -25.21 -12.40
C SER E 64 -23.60 -25.82 -13.02
N TYR E 65 -23.81 -26.76 -13.94
CA TYR E 65 -22.73 -27.44 -14.64
C TYR E 65 -23.02 -27.36 -16.14
N PRO E 66 -22.63 -26.26 -16.80
CA PRO E 66 -22.96 -26.10 -18.22
C PRO E 66 -22.25 -27.11 -19.11
N MET E 67 -21.15 -27.71 -18.65
CA MET E 67 -20.46 -28.72 -19.44
C MET E 67 -21.21 -30.05 -19.48
N ALA E 68 -22.23 -30.23 -18.64
CA ALA E 68 -22.84 -31.53 -18.43
C ALA E 68 -24.06 -31.73 -19.31
N GLU E 69 -24.06 -32.84 -20.06
CA GLU E 69 -25.28 -33.25 -20.77
C GLU E 69 -26.31 -33.81 -19.79
N SER E 70 -25.85 -34.58 -18.81
CA SER E 70 -26.72 -35.18 -17.79
C SER E 70 -25.83 -35.69 -16.67
N VAL E 71 -26.47 -36.13 -15.59
CA VAL E 71 -25.79 -36.68 -14.43
C VAL E 71 -25.79 -38.19 -14.52
N VAL E 72 -24.61 -38.80 -14.36
CA VAL E 72 -24.50 -40.25 -14.27
C VAL E 72 -24.69 -40.72 -12.83
N ALA E 73 -24.03 -40.05 -11.89
CA ALA E 73 -24.15 -40.38 -10.47
C ALA E 73 -23.66 -39.19 -9.66
N THR E 74 -24.46 -38.76 -8.69
CA THR E 74 -24.03 -37.72 -7.78
C THR E 74 -23.13 -38.30 -6.70
N GLU E 75 -22.54 -37.42 -5.90
CA GLU E 75 -21.58 -37.83 -4.88
C GLU E 75 -22.20 -38.80 -3.89
N SER E 76 -23.43 -38.53 -3.44
CA SER E 76 -24.08 -39.40 -2.47
C SER E 76 -24.31 -40.79 -3.05
N THR E 77 -24.67 -40.85 -4.33
CA THR E 77 -24.81 -42.15 -4.99
C THR E 77 -23.46 -42.86 -5.11
N ILE E 78 -22.41 -42.11 -5.45
CA ILE E 78 -21.09 -42.71 -5.62
C ILE E 78 -20.57 -43.27 -4.31
N HIS E 79 -20.72 -42.50 -3.22
CA HIS E 79 -20.17 -42.94 -1.95
C HIS E 79 -20.99 -44.06 -1.32
N ARG E 80 -22.30 -44.12 -1.61
CA ARG E 80 -23.07 -45.29 -1.20
C ARG E 80 -22.59 -46.54 -1.92
N SER E 81 -22.36 -46.43 -3.23
CA SER E 81 -21.82 -47.56 -3.99
C SER E 81 -20.39 -47.88 -3.56
N MET E 82 -19.62 -46.88 -3.16
CA MET E 82 -18.24 -47.14 -2.74
C MET E 82 -18.20 -47.81 -1.38
N LYS E 83 -19.10 -47.43 -0.47
CA LYS E 83 -19.15 -48.06 0.84
C LYS E 83 -19.63 -49.51 0.73
N GLU E 84 -20.58 -49.77 -0.17
CA GLU E 84 -21.02 -51.14 -0.41
C GLU E 84 -19.89 -51.96 -1.05
N MET E 85 -19.11 -51.34 -1.93
CA MET E 85 -18.00 -52.05 -2.55
C MET E 85 -16.91 -52.38 -1.55
N ALA E 86 -16.66 -51.47 -0.60
CA ALA E 86 -15.66 -51.74 0.43
C ALA E 86 -16.06 -52.93 1.29
N GLN E 87 -17.36 -53.06 1.58
CA GLN E 87 -17.82 -54.23 2.32
C GLN E 87 -17.69 -55.50 1.48
N THR E 88 -17.96 -55.40 0.17
CA THR E 88 -17.73 -56.54 -0.71
C THR E 88 -16.27 -56.95 -0.72
N LEU E 89 -15.37 -55.98 -0.80
CA LEU E 89 -13.93 -56.29 -0.78
C LEU E 89 -13.52 -56.88 0.56
N ALA E 90 -14.01 -56.31 1.66
CA ALA E 90 -13.69 -56.85 2.97
C ALA E 90 -14.18 -58.28 3.12
N ASN E 91 -15.40 -58.56 2.65
CA ASN E 91 -15.92 -59.93 2.73
C ASN E 91 -15.10 -60.89 1.90
N ALA E 92 -14.52 -60.42 0.80
CA ALA E 92 -13.80 -61.30 -0.11
C ALA E 92 -12.37 -61.59 0.36
N TYR E 93 -11.75 -60.66 1.08
CA TYR E 93 -10.32 -60.74 1.37
C TYR E 93 -9.97 -60.98 2.83
N LYS E 94 -10.82 -60.55 3.78
CA LYS E 94 -10.40 -60.48 5.17
C LYS E 94 -10.01 -61.84 5.74
N THR E 95 -10.58 -62.92 5.21
CA THR E 95 -10.31 -64.26 5.73
C THR E 95 -9.38 -65.06 4.83
N LEU E 96 -8.75 -64.43 3.84
CA LEU E 96 -7.82 -65.14 2.98
C LEU E 96 -6.39 -65.06 3.52
N LYS E 97 -5.56 -65.97 3.05
CA LYS E 97 -4.16 -66.04 3.45
C LYS E 97 -3.27 -66.05 2.21
N HIS E 98 -2.08 -65.46 2.35
CA HIS E 98 -1.10 -65.40 1.27
C HIS E 98 0.30 -65.52 1.89
N ARG E 99 1.33 -65.37 1.05
CA ARG E 99 2.69 -65.63 1.50
C ARG E 99 3.13 -64.65 2.58
N ASP E 100 3.76 -65.19 3.62
CA ASP E 100 4.28 -64.39 4.72
C ASP E 100 5.66 -63.87 4.36
N THR E 101 5.74 -62.58 4.02
CA THR E 101 7.02 -61.92 3.82
C THR E 101 7.49 -61.18 5.07
N HIS E 102 6.65 -61.07 6.09
CA HIS E 102 7.07 -60.47 7.35
C HIS E 102 7.98 -61.42 8.13
N ASN E 103 7.66 -62.71 8.12
CA ASN E 103 8.46 -63.75 8.76
C ASN E 103 8.68 -64.81 7.69
N LYS E 104 9.81 -64.72 6.99
CA LYS E 104 10.08 -65.60 5.86
C LYS E 104 10.50 -67.01 6.28
N GLY E 105 10.86 -67.21 7.54
CA GLY E 105 11.03 -68.56 8.03
C GLY E 105 9.73 -69.34 8.14
N ASN E 106 8.59 -68.66 8.04
CA ASN E 106 7.30 -69.32 8.13
C ASN E 106 7.00 -70.09 6.85
N SER E 107 6.57 -71.33 7.00
CA SER E 107 6.18 -72.16 5.86
C SER E 107 4.73 -71.97 5.48
N ALA E 108 3.84 -71.86 6.47
CA ALA E 108 2.42 -71.75 6.20
C ALA E 108 2.07 -70.36 5.69
N LEU E 109 0.95 -70.27 4.97
CA LEU E 109 0.44 -68.98 4.53
C LEU E 109 0.01 -68.17 5.75
N ALA E 110 0.07 -66.85 5.62
CA ALA E 110 -0.30 -65.97 6.71
C ALA E 110 -1.55 -65.18 6.37
N PRO E 111 -2.38 -64.86 7.38
CA PRO E 111 -3.58 -64.08 7.11
C PRO E 111 -3.24 -62.65 6.71
N ILE E 112 -4.23 -61.98 6.13
CA ILE E 112 -4.07 -60.59 5.73
C ILE E 112 -4.07 -59.71 6.97
N THR E 113 -2.88 -59.26 7.37
CA THR E 113 -2.72 -58.45 8.57
C THR E 113 -1.94 -57.18 8.23
N ASP E 114 -1.57 -56.41 9.25
CA ASP E 114 -0.65 -55.30 9.03
C ASP E 114 0.76 -55.80 8.70
N GLU E 115 1.07 -57.05 9.03
CA GLU E 115 2.36 -57.63 8.68
C GLU E 115 2.40 -58.12 7.24
N ASN E 116 1.27 -58.60 6.72
CA ASN E 116 1.17 -59.02 5.32
C ASN E 116 -0.14 -58.48 4.75
N PRO E 117 -0.19 -57.19 4.44
CA PRO E 117 -1.45 -56.56 4.03
C PRO E 117 -1.79 -56.84 2.58
N LEU E 118 -3.04 -56.53 2.24
CA LEU E 118 -3.47 -56.55 0.85
C LEU E 118 -2.68 -55.51 0.05
N ILE E 119 -2.12 -55.94 -1.07
CA ILE E 119 -1.37 -55.04 -1.94
C ILE E 119 -2.36 -54.39 -2.91
N ILE E 120 -2.39 -53.07 -2.90
CA ILE E 120 -3.26 -52.30 -3.78
C ILE E 120 -2.39 -51.54 -4.77
N ILE E 121 -2.71 -51.68 -6.06
CA ILE E 121 -2.02 -50.96 -7.12
C ILE E 121 -3.00 -49.97 -7.73
N SER E 122 -2.70 -48.68 -7.59
CA SER E 122 -3.57 -47.61 -8.07
C SER E 122 -2.96 -47.00 -9.34
N VAL E 123 -3.80 -46.81 -10.35
CA VAL E 123 -3.35 -46.38 -11.67
C VAL E 123 -3.51 -44.87 -11.76
N LEU E 124 -2.40 -44.15 -11.79
CA LEU E 124 -2.41 -42.70 -11.94
C LEU E 124 -2.70 -42.32 -13.40
N LYS E 125 -3.34 -41.16 -13.59
CA LYS E 125 -3.71 -40.23 -12.52
C LYS E 125 -5.17 -40.38 -12.11
N GLY E 126 -5.97 -41.01 -12.98
CA GLY E 126 -7.41 -40.94 -12.86
C GLY E 126 -7.99 -41.63 -11.64
N SER E 127 -7.23 -42.52 -11.00
N SER E 127 -7.23 -42.52 -11.00
CA SER E 127 -7.74 -43.33 -9.90
CA SER E 127 -7.74 -43.32 -9.91
C SER E 127 -7.33 -42.81 -8.53
C SER E 127 -7.33 -42.81 -8.53
N TYR E 128 -6.61 -41.68 -8.46
CA TYR E 128 -6.04 -41.27 -7.17
C TYR E 128 -7.11 -40.76 -6.20
N ILE E 129 -8.15 -40.10 -6.69
CA ILE E 129 -9.24 -39.70 -5.79
C ILE E 129 -10.06 -40.91 -5.39
N PHE E 130 -10.41 -41.74 -6.37
CA PHE E 130 -11.09 -43.00 -6.10
C PHE E 130 -10.34 -43.84 -5.08
N THR E 131 -9.02 -43.94 -5.23
CA THR E 131 -8.22 -44.74 -4.31
C THR E 131 -8.20 -44.15 -2.91
N ALA E 132 -8.05 -42.83 -2.81
CA ALA E 132 -7.98 -42.18 -1.49
C ALA E 132 -9.26 -42.42 -0.70
N ASP E 133 -10.41 -42.38 -1.36
CA ASP E 133 -11.67 -42.64 -0.66
C ASP E 133 -11.83 -44.12 -0.32
N MET E 134 -11.46 -45.00 -1.25
CA MET E 134 -11.73 -46.43 -1.08
C MET E 134 -10.88 -47.02 0.04
N VAL E 135 -9.59 -46.67 0.12
CA VAL E 135 -8.74 -47.24 1.15
C VAL E 135 -9.15 -46.78 2.54
N ARG E 136 -9.76 -45.59 2.63
CA ARG E 136 -10.30 -45.16 3.92
C ARG E 136 -11.54 -45.96 4.28
N TYR E 137 -12.40 -46.24 3.29
CA TYR E 137 -13.53 -47.12 3.52
C TYR E 137 -13.06 -48.53 3.88
N LEU E 138 -11.98 -49.00 3.26
CA LEU E 138 -11.43 -50.31 3.60
C LEU E 138 -10.91 -50.32 5.03
N GLY E 139 -10.34 -49.21 5.50
CA GLY E 139 -9.94 -49.12 6.90
C GLY E 139 -11.13 -49.18 7.83
N ASP E 140 -12.25 -48.58 7.45
CA ASP E 140 -13.47 -48.71 8.24
C ASP E 140 -13.91 -50.16 8.35
N CYS E 141 -13.73 -50.93 7.28
CA CYS E 141 -14.07 -52.35 7.28
C CYS E 141 -12.99 -53.21 7.91
N GLY E 142 -11.89 -52.62 8.37
CA GLY E 142 -10.85 -53.37 9.06
C GLY E 142 -10.02 -54.26 8.16
N LEU E 143 -9.76 -53.84 6.92
CA LEU E 143 -8.94 -54.63 6.01
C LEU E 143 -7.60 -53.95 5.82
N PRO E 144 -6.51 -54.48 6.39
CA PRO E 144 -5.20 -53.85 6.21
C PRO E 144 -4.75 -53.90 4.76
N ASN E 145 -4.17 -52.79 4.30
CA ASN E 145 -3.77 -52.67 2.90
C ASN E 145 -2.65 -51.64 2.79
N VAL E 146 -1.89 -51.77 1.71
CA VAL E 146 -0.87 -50.79 1.33
C VAL E 146 -1.08 -50.45 -0.13
N VAL E 147 -0.69 -49.24 -0.51
CA VAL E 147 -0.94 -48.70 -1.85
C VAL E 147 0.39 -48.33 -2.50
N ASP E 148 0.58 -48.78 -3.73
CA ASP E 148 1.61 -48.25 -4.62
C ASP E 148 0.94 -47.75 -5.89
N PHE E 149 1.67 -46.91 -6.63
CA PHE E 149 1.13 -46.25 -7.80
C PHE E 149 1.90 -46.66 -9.05
N ILE E 150 1.17 -46.72 -10.16
CA ILE E 150 1.76 -46.88 -11.48
C ILE E 150 1.09 -45.86 -12.40
N ARG E 151 1.86 -45.40 -13.39
CA ARG E 151 1.32 -44.52 -14.42
C ARG E 151 1.45 -45.21 -15.77
N ILE E 152 0.41 -45.07 -16.59
CA ILE E 152 0.34 -45.78 -17.86
C ILE E 152 0.40 -44.80 -19.03
N ASP E 169 5.34 -44.62 -15.17
CA ASP E 169 5.99 -44.77 -13.87
C ASP E 169 5.77 -46.18 -13.33
N ASN E 170 6.86 -46.92 -13.16
CA ASN E 170 6.76 -48.34 -12.82
C ASN E 170 6.48 -48.52 -11.33
N LEU E 171 6.14 -49.76 -10.97
CA LEU E 171 5.95 -50.14 -9.59
C LEU E 171 7.24 -49.97 -8.79
N ARG E 172 7.09 -49.79 -7.47
CA ARG E 172 8.20 -49.86 -6.54
C ARG E 172 8.07 -50.99 -5.53
N PHE E 173 6.87 -51.50 -5.30
CA PHE E 173 6.72 -52.79 -4.66
C PHE E 173 7.28 -53.88 -5.58
N THR E 174 8.08 -54.78 -5.02
CA THR E 174 8.68 -55.87 -5.77
C THR E 174 8.30 -57.25 -5.28
N GLU E 175 7.71 -57.37 -4.09
CA GLU E 175 7.38 -58.69 -3.53
C GLU E 175 5.88 -58.94 -3.64
N LEU E 176 5.44 -59.12 -4.88
CA LEU E 176 4.04 -59.41 -5.17
C LEU E 176 3.79 -60.91 -5.38
N THR E 177 4.84 -61.73 -5.38
CA THR E 177 4.68 -63.14 -5.63
C THR E 177 3.97 -63.82 -4.47
N GLY E 178 2.89 -64.53 -4.78
CA GLY E 178 2.12 -65.21 -3.74
C GLY E 178 1.35 -64.28 -2.84
N LYS E 179 1.12 -63.05 -3.25
CA LYS E 179 0.32 -62.10 -2.49
C LYS E 179 -1.01 -61.85 -3.21
N HIS E 180 -2.01 -61.46 -2.43
CA HIS E 180 -3.28 -61.02 -3.01
C HIS E 180 -3.15 -59.55 -3.39
N VAL E 181 -3.37 -59.25 -4.66
CA VAL E 181 -3.17 -57.90 -5.20
C VAL E 181 -4.49 -57.43 -5.81
N LEU E 182 -4.83 -56.17 -5.53
CA LEU E 182 -6.03 -55.54 -6.06
C LEU E 182 -5.64 -54.29 -6.83
N ILE E 183 -6.11 -54.19 -8.08
CA ILE E 183 -5.85 -53.02 -8.92
C ILE E 183 -7.04 -52.08 -8.80
N MET E 184 -6.75 -50.81 -8.48
CA MET E 184 -7.78 -49.77 -8.43
C MET E 184 -7.64 -48.93 -9.70
N GLU E 185 -8.66 -48.99 -10.55
CA GLU E 185 -8.67 -48.29 -11.82
C GLU E 185 -9.92 -47.41 -11.91
N ASP E 186 -9.77 -46.26 -12.57
CA ASP E 186 -10.89 -45.34 -12.67
C ASP E 186 -12.01 -45.91 -13.54
N ILE E 187 -11.67 -46.42 -14.72
CA ILE E 187 -12.70 -46.87 -15.66
C ILE E 187 -12.11 -47.93 -16.58
N ALA E 188 -12.96 -48.87 -16.98
CA ALA E 188 -12.66 -49.85 -18.01
C ALA E 188 -13.61 -49.61 -19.17
N ASP E 189 -13.06 -49.29 -20.34
CA ASP E 189 -13.86 -49.00 -21.52
C ASP E 189 -13.59 -50.11 -22.53
N THR E 190 -12.58 -49.98 -23.39
CA THR E 190 -12.26 -51.06 -24.30
C THR E 190 -11.63 -52.24 -23.58
N GLY E 191 -11.09 -52.04 -22.38
CA GLY E 191 -10.43 -53.09 -21.65
C GLY E 191 -9.03 -53.41 -22.13
N ARG E 192 -8.54 -52.75 -23.17
CA ARG E 192 -7.25 -53.11 -23.75
C ARG E 192 -6.10 -52.76 -22.81
N THR E 193 -6.18 -51.59 -22.16
CA THR E 193 -5.06 -51.16 -21.31
C THR E 193 -5.00 -51.97 -20.03
N MET E 194 -6.14 -52.42 -19.51
CA MET E 194 -6.15 -53.18 -18.27
C MET E 194 -5.92 -54.67 -18.51
N LYS E 195 -6.33 -55.18 -19.66
CA LYS E 195 -5.99 -56.56 -20.01
C LYS E 195 -4.49 -56.74 -20.13
N LEU E 196 -3.80 -55.77 -20.75
CA LEU E 196 -2.35 -55.82 -20.82
C LEU E 196 -1.71 -55.68 -19.45
N LEU E 197 -2.32 -54.88 -18.57
CA LEU E 197 -1.73 -54.63 -17.25
C LEU E 197 -1.80 -55.88 -16.38
N VAL E 198 -2.97 -56.53 -16.33
CA VAL E 198 -3.09 -57.73 -15.50
C VAL E 198 -2.22 -58.85 -16.03
N GLU E 199 -2.12 -58.97 -17.36
CA GLU E 199 -1.28 -60.01 -17.94
C GLU E 199 0.19 -59.76 -17.62
N LYS E 200 0.61 -58.50 -17.63
CA LYS E 200 1.99 -58.17 -17.29
C LYS E 200 2.29 -58.50 -15.83
N ILE E 201 1.40 -58.08 -14.92
CA ILE E 201 1.64 -58.30 -13.50
C ILE E 201 1.60 -59.79 -13.18
N ARG E 202 0.69 -60.54 -13.79
CA ARG E 202 0.60 -61.97 -13.51
C ARG E 202 1.82 -62.71 -14.04
N ARG E 203 2.34 -62.31 -15.20
CA ARG E 203 3.41 -63.07 -15.84
C ARG E 203 4.79 -62.76 -15.27
N GLU E 204 4.95 -61.62 -14.58
CA GLU E 204 6.24 -61.27 -14.01
C GLU E 204 6.26 -61.26 -12.50
N TYR E 205 5.13 -61.45 -11.84
CA TYR E 205 5.10 -61.56 -10.39
C TYR E 205 4.43 -62.82 -9.90
N ARG E 206 3.40 -63.31 -10.60
CA ARG E 206 2.57 -64.44 -10.19
C ARG E 206 1.98 -64.20 -8.80
N PRO E 207 1.06 -63.26 -8.64
CA PRO E 207 0.41 -63.07 -7.35
C PRO E 207 -0.50 -64.24 -7.03
N ALA E 208 -0.77 -64.40 -5.72
CA ALA E 208 -1.72 -65.42 -5.30
C ALA E 208 -3.10 -65.18 -5.90
N SER E 209 -3.48 -63.91 -6.03
CA SER E 209 -4.69 -63.55 -6.76
C SER E 209 -4.56 -62.11 -7.21
N LEU E 210 -5.05 -61.82 -8.42
CA LEU E 210 -5.03 -60.48 -8.97
C LEU E 210 -6.42 -60.14 -9.48
N LYS E 211 -7.02 -59.10 -8.91
CA LYS E 211 -8.36 -58.66 -9.28
C LYS E 211 -8.35 -57.16 -9.50
N VAL E 212 -9.37 -56.68 -10.20
CA VAL E 212 -9.48 -55.27 -10.59
C VAL E 212 -10.76 -54.69 -9.99
N CYS E 213 -10.62 -53.55 -9.33
CA CYS E 213 -11.76 -52.78 -8.85
C CYS E 213 -11.81 -51.47 -9.63
N VAL E 214 -12.90 -51.24 -10.35
CA VAL E 214 -13.07 -50.05 -11.17
C VAL E 214 -14.19 -49.21 -10.60
N LEU E 215 -14.04 -47.89 -10.69
CA LEU E 215 -15.11 -46.99 -10.27
C LEU E 215 -16.25 -47.00 -11.28
N VAL E 216 -15.92 -46.93 -12.56
CA VAL E 216 -16.90 -46.95 -13.63
C VAL E 216 -16.53 -48.05 -14.61
N ASP E 217 -17.52 -48.83 -15.02
CA ASP E 217 -17.35 -49.81 -16.09
C ASP E 217 -18.30 -49.46 -17.23
N LYS E 218 -17.79 -49.54 -18.46
CA LYS E 218 -18.59 -49.29 -19.67
C LYS E 218 -18.56 -50.57 -20.49
N PRO E 219 -19.39 -51.56 -20.13
CA PRO E 219 -19.32 -52.85 -20.81
C PRO E 219 -19.64 -52.79 -22.30
N GLY E 220 -20.37 -51.78 -22.74
CA GLY E 220 -20.68 -51.66 -24.15
C GLY E 220 -19.50 -51.36 -25.04
N GLY E 221 -18.39 -50.91 -24.46
CA GLY E 221 -17.20 -50.59 -25.22
C GLY E 221 -16.14 -51.66 -25.22
N ARG E 222 -16.37 -52.77 -24.52
CA ARG E 222 -15.36 -53.81 -24.40
C ARG E 222 -15.09 -54.47 -25.76
N VAL E 223 -13.83 -54.50 -26.15
CA VAL E 223 -13.42 -55.14 -27.40
C VAL E 223 -12.49 -56.31 -27.18
N VAL E 224 -11.96 -56.50 -25.98
CA VAL E 224 -11.11 -57.63 -25.64
C VAL E 224 -11.71 -58.32 -24.41
N ASP E 225 -11.20 -59.51 -24.11
CA ASP E 225 -11.70 -60.29 -22.99
C ASP E 225 -11.09 -59.76 -21.69
N PHE E 226 -11.81 -58.86 -21.05
CA PHE E 226 -11.42 -58.36 -19.74
C PHE E 226 -12.68 -58.04 -18.94
N LYS E 227 -12.79 -58.60 -17.75
CA LYS E 227 -13.95 -58.39 -16.89
C LYS E 227 -13.46 -58.01 -15.50
N PRO E 228 -13.63 -56.75 -15.08
CA PRO E 228 -13.27 -56.39 -13.70
C PRO E 228 -14.17 -57.09 -12.70
N GLU E 229 -13.56 -57.60 -11.64
CA GLU E 229 -14.32 -58.39 -10.67
C GLU E 229 -15.17 -57.51 -9.75
N PHE E 230 -14.75 -56.26 -9.53
CA PHE E 230 -15.45 -55.36 -8.61
C PHE E 230 -15.76 -54.07 -9.36
N VAL E 231 -17.05 -53.79 -9.55
CA VAL E 231 -17.51 -52.65 -10.32
C VAL E 231 -18.43 -51.82 -9.44
N CYS E 232 -18.10 -50.54 -9.27
CA CYS E 232 -18.95 -49.65 -8.50
C CYS E 232 -20.11 -49.11 -9.33
N LEU E 233 -19.80 -48.51 -10.49
CA LEU E 233 -20.81 -47.91 -11.35
C LEU E 233 -20.69 -48.47 -12.76
N THR E 234 -21.84 -48.63 -13.43
CA THR E 234 -21.90 -49.06 -14.81
C THR E 234 -22.51 -47.93 -15.64
N ALA E 235 -21.80 -47.51 -16.67
CA ALA E 235 -22.16 -46.35 -17.47
C ALA E 235 -22.23 -46.72 -18.94
N PRO E 236 -22.99 -45.96 -19.73
CA PRO E 236 -22.99 -46.18 -21.19
C PRO E 236 -21.69 -45.69 -21.81
N THR E 237 -21.53 -46.00 -23.10
CA THR E 237 -20.31 -45.62 -23.83
C THR E 237 -20.39 -44.15 -24.23
N ARG E 238 -20.39 -43.29 -23.21
CA ARG E 238 -20.36 -41.85 -23.37
C ARG E 238 -19.18 -41.31 -22.58
N TYR E 239 -18.66 -40.16 -23.01
CA TYR E 239 -17.53 -39.57 -22.30
C TYR E 239 -17.98 -38.98 -20.97
N VAL E 240 -17.32 -39.38 -19.89
CA VAL E 240 -17.66 -38.97 -18.54
C VAL E 240 -16.62 -37.99 -18.03
N VAL E 241 -17.07 -37.07 -17.18
CA VAL E 241 -16.17 -36.15 -16.46
C VAL E 241 -16.62 -36.07 -15.01
N GLY E 242 -15.71 -35.62 -14.16
CA GLY E 242 -16.00 -35.47 -12.76
C GLY E 242 -15.50 -36.64 -11.94
N TYR E 243 -15.13 -36.35 -10.68
CA TYR E 243 -14.66 -37.34 -9.72
C TYR E 243 -13.63 -38.29 -10.33
N GLY E 244 -12.51 -37.71 -10.77
CA GLY E 244 -11.42 -38.45 -11.35
C GLY E 244 -11.36 -38.42 -12.86
N PHE E 245 -12.50 -38.22 -13.52
CA PHE E 245 -12.55 -38.15 -14.97
C PHE E 245 -12.46 -36.70 -15.44
N GLU E 246 -11.82 -36.49 -16.58
CA GLU E 246 -11.41 -35.15 -16.94
C GLU E 246 -11.40 -34.95 -18.45
N VAL E 247 -11.39 -33.68 -18.83
CA VAL E 247 -11.11 -33.24 -20.20
C VAL E 247 -9.86 -32.38 -20.11
N ASN E 248 -8.72 -32.94 -20.53
CA ASN E 248 -7.41 -32.32 -20.36
C ASN E 248 -7.23 -31.80 -18.94
N ASP E 249 -7.52 -32.68 -17.97
CA ASP E 249 -7.35 -32.47 -16.54
C ASP E 249 -8.42 -31.56 -15.94
N ARG E 250 -9.29 -30.98 -16.77
CA ARG E 250 -10.37 -30.17 -16.25
C ARG E 250 -11.50 -31.05 -15.73
N TYR E 251 -12.19 -30.55 -14.70
CA TYR E 251 -13.39 -31.13 -14.09
C TYR E 251 -13.12 -32.35 -13.23
N ARG E 252 -11.87 -32.80 -13.09
CA ARG E 252 -11.64 -34.04 -12.36
C ARG E 252 -11.79 -33.89 -10.85
N ASN E 253 -11.85 -32.67 -10.34
CA ASN E 253 -12.07 -32.43 -8.92
C ASN E 253 -13.54 -32.25 -8.57
N TYR E 254 -14.44 -32.41 -9.54
CA TYR E 254 -15.87 -32.32 -9.25
C TYR E 254 -16.32 -33.52 -8.44
N ARG E 255 -17.36 -33.34 -7.63
CA ARG E 255 -17.83 -34.38 -6.73
C ARG E 255 -18.80 -35.35 -7.38
N HIS E 256 -19.28 -35.05 -8.59
CA HIS E 256 -20.24 -35.90 -9.28
C HIS E 256 -19.69 -36.28 -10.65
N VAL E 257 -20.22 -37.37 -11.20
CA VAL E 257 -19.85 -37.85 -12.53
C VAL E 257 -20.92 -37.43 -13.52
N PHE E 258 -20.51 -36.77 -14.59
CA PHE E 258 -21.42 -36.26 -15.60
C PHE E 258 -21.14 -36.92 -16.94
N VAL E 259 -22.14 -36.93 -17.81
CA VAL E 259 -21.94 -37.15 -19.24
C VAL E 259 -21.62 -35.81 -19.86
N LEU E 260 -20.46 -35.70 -20.49
CA LEU E 260 -20.00 -34.43 -21.04
C LEU E 260 -20.69 -34.13 -22.36
N LYS E 261 -21.08 -32.87 -22.53
CA LYS E 261 -21.59 -32.43 -23.82
C LYS E 261 -20.50 -32.62 -24.89
N PRO E 262 -20.83 -33.18 -26.05
CA PRO E 262 -19.80 -33.40 -27.07
C PRO E 262 -19.10 -32.13 -27.51
N GLU E 263 -19.79 -30.99 -27.55
CA GLU E 263 -19.17 -29.75 -27.97
C GLU E 263 -18.10 -29.27 -26.99
N TYR E 264 -18.15 -29.72 -25.74
CA TYR E 264 -17.16 -29.34 -24.74
C TYR E 264 -15.92 -30.20 -24.77
N ALA E 265 -15.87 -31.23 -25.63
CA ALA E 265 -14.75 -32.17 -25.61
C ALA E 265 -13.45 -31.52 -26.03
N LYS E 266 -13.50 -30.52 -26.92
CA LYS E 266 -12.32 -29.83 -27.40
C LYS E 266 -12.25 -28.40 -26.87
N ARG E 267 -12.71 -28.18 -25.63
CA ARG E 267 -12.77 -26.84 -25.07
C ARG E 267 -11.39 -26.33 -24.66
N TYR E 268 -10.51 -27.21 -24.18
CA TYR E 268 -9.18 -26.83 -23.71
C TYR E 268 -8.15 -27.62 -24.50
N PRO E 269 -7.86 -27.22 -25.74
CA PRO E 269 -6.98 -28.03 -26.59
C PRO E 269 -5.49 -27.81 -26.34
N SER E 270 -5.11 -26.73 -25.68
CA SER E 270 -3.69 -26.44 -25.49
C SER E 270 -3.06 -27.43 -24.52
N LYS E 271 -1.79 -27.75 -24.78
CA LYS E 271 -1.06 -28.70 -23.94
C LYS E 271 -1.11 -28.27 -22.49
N LEU E 272 -1.27 -29.25 -21.60
CA LEU E 272 -1.45 -29.06 -20.16
C LEU E 272 -2.83 -28.52 -19.81
N PRO F 47 18.43 20.73 -21.67
CA PRO F 47 19.09 21.46 -22.75
C PRO F 47 18.19 22.52 -23.38
N ASN F 48 18.69 23.75 -23.46
CA ASN F 48 17.90 24.87 -23.96
C ASN F 48 18.14 25.05 -25.46
N PHE F 49 17.06 25.37 -26.17
CA PHE F 49 17.11 25.58 -27.61
C PHE F 49 17.33 27.06 -27.89
N VAL F 50 18.43 27.38 -28.59
CA VAL F 50 18.77 28.75 -28.94
C VAL F 50 18.46 28.97 -30.41
N GLY F 51 17.78 30.06 -30.72
CA GLY F 51 17.42 30.36 -32.09
C GLY F 51 17.24 31.83 -32.38
N ARG F 52 16.53 32.14 -33.46
CA ARG F 52 16.27 33.51 -33.87
C ARG F 52 14.82 33.63 -34.32
N ASP F 53 14.12 34.65 -33.82
CA ASP F 53 12.72 34.85 -34.19
C ASP F 53 12.65 35.50 -35.58
N ALA F 54 11.42 35.87 -35.99
CA ALA F 54 11.25 36.46 -37.30
C ALA F 54 11.95 37.81 -37.40
N ASP F 55 11.89 38.60 -36.33
CA ASP F 55 12.53 39.92 -36.31
C ASP F 55 14.04 39.84 -36.13
N GLY F 56 14.61 38.64 -36.01
CA GLY F 56 16.03 38.48 -35.86
C GLY F 56 16.55 38.52 -34.44
N ASN F 57 15.66 38.50 -33.45
CA ASN F 57 16.09 38.56 -32.05
C ASN F 57 16.46 37.17 -31.55
N VAL F 58 17.32 37.15 -30.53
CA VAL F 58 17.73 35.91 -29.90
C VAL F 58 16.53 35.28 -29.19
N THR F 59 16.33 33.99 -29.41
CA THR F 59 15.32 33.23 -28.69
C THR F 59 15.97 32.08 -27.95
N VAL F 60 15.50 31.83 -26.72
CA VAL F 60 15.89 30.67 -25.95
C VAL F 60 14.62 29.96 -25.49
N ASP F 61 14.40 28.74 -25.97
CA ASP F 61 13.20 27.97 -25.67
C ASP F 61 11.93 28.73 -26.09
N GLY F 62 11.96 29.33 -27.28
CA GLY F 62 10.82 30.04 -27.81
C GLY F 62 10.61 31.43 -27.26
N ARG F 63 11.32 31.82 -26.20
CA ARG F 63 11.17 33.13 -25.61
C ARG F 63 12.16 34.11 -26.24
N SER F 64 11.65 35.26 -26.69
CA SER F 64 12.49 36.25 -27.35
C SER F 64 13.18 37.14 -26.32
N TYR F 65 14.43 37.49 -26.60
CA TYR F 65 15.22 38.40 -25.77
C TYR F 65 15.74 39.51 -26.67
N PRO F 66 14.96 40.55 -26.89
CA PRO F 66 15.38 41.61 -27.83
C PRO F 66 16.63 42.36 -27.41
N MET F 67 16.94 42.38 -26.11
CA MET F 67 18.13 43.07 -25.63
C MET F 67 19.41 42.31 -25.90
N ALA F 68 19.33 41.04 -26.30
CA ALA F 68 20.49 40.16 -26.39
C ALA F 68 21.12 40.22 -27.78
N GLU F 69 22.44 40.37 -27.81
CA GLU F 69 23.17 40.23 -29.07
C GLU F 69 23.46 38.77 -29.37
N SER F 70 23.78 37.99 -28.35
CA SER F 70 24.03 36.55 -28.48
C SER F 70 23.99 35.95 -27.09
N VAL F 71 23.96 34.61 -27.05
CA VAL F 71 23.93 33.88 -25.79
C VAL F 71 25.35 33.51 -25.40
N VAL F 72 25.75 33.88 -24.18
CA VAL F 72 27.02 33.42 -23.64
C VAL F 72 26.90 31.99 -23.13
N ALA F 73 25.88 31.74 -22.32
CA ALA F 73 25.63 30.40 -21.79
C ALA F 73 24.17 30.30 -21.40
N THR F 74 23.52 29.21 -21.80
CA THR F 74 22.15 28.96 -21.41
C THR F 74 22.09 28.41 -19.98
N GLU F 75 20.88 28.31 -19.45
CA GLU F 75 20.70 27.86 -18.07
C GLU F 75 21.28 26.46 -17.86
N SER F 76 21.09 25.57 -18.83
CA SER F 76 21.58 24.19 -18.67
C SER F 76 23.10 24.14 -18.63
N THR F 77 23.77 24.96 -19.45
CA THR F 77 25.22 25.02 -19.40
C THR F 77 25.71 25.71 -18.13
N ILE F 78 24.97 26.71 -17.65
CA ILE F 78 25.35 27.39 -16.41
C ILE F 78 25.35 26.41 -15.25
N HIS F 79 24.22 25.73 -15.03
CA HIS F 79 24.10 24.84 -13.88
C HIS F 79 24.98 23.60 -14.01
N ARG F 80 25.32 23.18 -15.23
CA ARG F 80 26.26 22.09 -15.40
C ARG F 80 27.64 22.47 -14.86
N SER F 81 28.13 23.64 -15.26
CA SER F 81 29.43 24.10 -14.75
C SER F 81 29.38 24.38 -13.26
N MET F 82 28.24 24.87 -12.76
CA MET F 82 28.12 25.13 -11.33
C MET F 82 28.09 23.83 -10.53
N LYS F 83 27.41 22.80 -11.05
CA LYS F 83 27.43 21.51 -10.40
C LYS F 83 28.85 20.95 -10.34
N GLU F 84 29.58 21.06 -11.45
CA GLU F 84 30.96 20.59 -11.46
C GLU F 84 31.85 21.44 -10.56
N MET F 85 31.61 22.74 -10.53
CA MET F 85 32.38 23.61 -9.63
C MET F 85 32.12 23.25 -8.17
N ALA F 86 30.89 22.87 -7.84
CA ALA F 86 30.57 22.47 -6.47
C ALA F 86 31.40 21.26 -6.04
N GLN F 87 31.60 20.31 -6.97
CA GLN F 87 32.39 19.14 -6.64
C GLN F 87 33.85 19.50 -6.39
N THR F 88 34.42 20.35 -7.26
CA THR F 88 35.80 20.78 -7.04
C THR F 88 35.94 21.61 -5.78
N LEU F 89 34.91 22.38 -5.43
CA LEU F 89 34.95 23.13 -4.17
C LEU F 89 34.91 22.19 -2.98
N ALA F 90 34.04 21.17 -3.02
CA ALA F 90 33.99 20.20 -1.93
C ALA F 90 35.33 19.47 -1.80
N ASN F 91 35.88 19.02 -2.94
CA ASN F 91 37.16 18.30 -2.90
C ASN F 91 38.28 19.19 -2.38
N ALA F 92 38.23 20.49 -2.66
CA ALA F 92 39.30 21.39 -2.22
C ALA F 92 39.19 21.78 -0.75
N TYR F 93 38.01 21.62 -0.14
CA TYR F 93 37.81 22.01 1.25
C TYR F 93 37.46 20.86 2.18
N LYS F 94 37.16 19.67 1.64
CA LYS F 94 36.65 18.59 2.48
C LYS F 94 37.61 18.21 3.59
N THR F 95 38.91 18.18 3.30
CA THR F 95 39.91 17.69 4.24
C THR F 95 40.70 18.81 4.92
N LEU F 96 40.35 20.07 4.67
CA LEU F 96 41.11 21.16 5.26
C LEU F 96 40.71 21.37 6.73
N LYS F 97 41.60 22.05 7.45
CA LYS F 97 41.40 22.32 8.87
C LYS F 97 41.59 23.80 9.14
N HIS F 98 40.85 24.32 10.12
CA HIS F 98 40.98 25.70 10.53
C HIS F 98 40.64 25.82 12.01
N ARG F 99 40.63 27.05 12.51
CA ARG F 99 40.48 27.29 13.94
C ARG F 99 39.11 26.85 14.42
N ASP F 100 39.08 26.22 15.59
CA ASP F 100 37.84 25.76 16.21
C ASP F 100 37.29 26.87 17.09
N THR F 101 36.09 27.35 16.76
CA THR F 101 35.37 28.31 17.59
C THR F 101 34.14 27.71 18.23
N HIS F 102 33.80 26.45 17.90
CA HIS F 102 32.72 25.75 18.58
C HIS F 102 33.18 25.22 19.94
N ASN F 103 34.40 24.70 20.00
CA ASN F 103 35.05 24.32 21.25
C ASN F 103 36.20 25.31 21.45
N LYS F 104 35.93 26.38 22.20
CA LYS F 104 36.86 27.50 22.27
C LYS F 104 38.21 27.08 22.82
N GLY F 105 38.23 26.26 23.87
CA GLY F 105 39.47 25.84 24.50
C GLY F 105 40.39 25.04 23.59
N ASN F 106 39.89 24.51 22.48
CA ASN F 106 40.71 23.72 21.57
C ASN F 106 41.66 24.64 20.80
N SER F 107 42.96 24.47 21.02
CA SER F 107 43.96 25.20 20.26
C SER F 107 44.36 24.50 18.98
N ALA F 108 44.23 23.18 18.93
CA ALA F 108 44.46 22.46 17.69
C ALA F 108 43.42 22.84 16.64
N LEU F 109 43.76 22.61 15.39
CA LEU F 109 42.85 22.93 14.31
C LEU F 109 41.76 21.86 14.20
N ALA F 110 40.65 22.24 13.57
CA ALA F 110 39.47 21.40 13.48
C ALA F 110 39.02 21.28 12.03
N PRO F 111 38.42 20.15 11.66
CA PRO F 111 37.93 19.99 10.28
C PRO F 111 36.73 20.89 10.01
N ILE F 112 36.33 20.94 8.75
CA ILE F 112 35.17 21.70 8.32
C ILE F 112 33.93 20.85 8.60
N THR F 113 33.16 21.24 9.62
CA THR F 113 31.97 20.52 10.05
C THR F 113 30.83 21.51 10.22
N ASP F 114 29.66 21.01 10.62
CA ASP F 114 28.58 21.90 11.01
C ASP F 114 28.94 22.72 12.24
N GLU F 115 29.93 22.27 13.02
CA GLU F 115 30.39 23.05 14.17
C GLU F 115 31.32 24.19 13.74
N ASN F 116 32.16 23.95 12.74
CA ASN F 116 33.08 24.96 12.20
C ASN F 116 32.98 24.95 10.68
N PRO F 117 31.92 25.51 10.12
CA PRO F 117 31.70 25.41 8.68
C PRO F 117 32.61 26.34 7.88
N LEU F 118 32.63 26.10 6.58
CA LEU F 118 33.29 27.01 5.65
C LEU F 118 32.54 28.34 5.65
N ILE F 119 33.29 29.43 5.74
CA ILE F 119 32.71 30.77 5.74
C ILE F 119 32.61 31.26 4.31
N ILE F 120 31.40 31.57 3.87
CA ILE F 120 31.14 32.03 2.51
C ILE F 120 30.71 33.49 2.58
N ILE F 121 31.43 34.36 1.88
CA ILE F 121 31.11 35.78 1.81
C ILE F 121 30.56 36.05 0.41
N SER F 122 29.26 36.35 0.33
CA SER F 122 28.59 36.65 -0.92
C SER F 122 28.56 38.16 -1.12
N VAL F 123 28.95 38.61 -2.30
CA VAL F 123 29.03 40.04 -2.61
C VAL F 123 27.72 40.47 -3.26
N LEU F 124 26.97 41.32 -2.57
CA LEU F 124 25.72 41.84 -3.08
C LEU F 124 25.96 42.99 -4.06
N LYS F 125 25.06 43.15 -5.03
CA LYS F 125 23.86 42.33 -5.18
C LYS F 125 24.02 41.28 -6.28
N GLY F 126 25.04 41.45 -7.10
CA GLY F 126 25.17 40.68 -8.34
C GLY F 126 25.37 39.19 -8.15
N SER F 127 25.65 38.72 -6.93
CA SER F 127 25.99 37.32 -6.73
C SER F 127 25.00 36.58 -5.85
N TYR F 128 23.83 37.16 -5.56
CA TYR F 128 22.92 36.50 -4.63
C TYR F 128 22.21 35.31 -5.27
N ILE F 129 21.90 35.38 -6.57
CA ILE F 129 21.31 34.22 -7.24
C ILE F 129 22.36 33.15 -7.46
N PHE F 130 23.56 33.54 -7.89
CA PHE F 130 24.67 32.61 -8.00
C PHE F 130 24.95 31.91 -6.67
N THR F 131 24.88 32.66 -5.56
CA THR F 131 25.17 32.08 -4.26
C THR F 131 24.06 31.14 -3.81
N ALA F 132 22.80 31.52 -4.04
CA ALA F 132 21.69 30.69 -3.62
C ALA F 132 21.71 29.33 -4.32
N ASP F 133 22.08 29.31 -5.60
CA ASP F 133 22.21 28.04 -6.30
C ASP F 133 23.44 27.28 -5.84
N MET F 134 24.54 27.99 -5.58
CA MET F 134 25.81 27.34 -5.29
C MET F 134 25.78 26.64 -3.94
N VAL F 135 25.23 27.29 -2.90
CA VAL F 135 25.25 26.70 -1.58
C VAL F 135 24.37 25.46 -1.52
N ARG F 136 23.35 25.39 -2.38
CA ARG F 136 22.53 24.18 -2.45
C ARG F 136 23.26 23.05 -3.16
N TYR F 137 24.10 23.38 -4.16
CA TYR F 137 24.94 22.34 -4.77
C TYR F 137 26.02 21.87 -3.81
N LEU F 138 26.59 22.79 -3.03
CA LEU F 138 27.54 22.40 -2.00
C LEU F 138 26.90 21.51 -0.95
N GLY F 139 25.62 21.76 -0.65
CA GLY F 139 24.90 20.86 0.25
C GLY F 139 24.77 19.47 -0.31
N ASP F 140 24.50 19.36 -1.61
CA ASP F 140 24.47 18.05 -2.26
C ASP F 140 25.82 17.35 -2.15
N CYS F 141 26.91 18.12 -2.15
CA CYS F 141 28.25 17.55 -2.04
C CYS F 141 28.70 17.34 -0.59
N GLY F 142 27.90 17.78 0.39
CA GLY F 142 28.24 17.55 1.77
C GLY F 142 29.27 18.48 2.36
N LEU F 143 29.36 19.72 1.85
CA LEU F 143 30.30 20.69 2.37
C LEU F 143 29.57 21.64 3.31
N PRO F 144 29.72 21.52 4.63
CA PRO F 144 29.04 22.44 5.54
C PRO F 144 29.55 23.86 5.38
N ASN F 145 28.62 24.81 5.30
CA ASN F 145 28.97 26.20 5.02
C ASN F 145 27.91 27.12 5.60
N VAL F 146 28.32 28.36 5.86
CA VAL F 146 27.42 29.43 6.27
C VAL F 146 27.72 30.65 5.43
N VAL F 147 26.69 31.43 5.13
CA VAL F 147 26.79 32.56 4.22
C VAL F 147 26.49 33.85 4.98
N ASP F 148 27.35 34.84 4.80
CA ASP F 148 27.05 36.23 5.14
C ASP F 148 27.22 37.07 3.89
N PHE F 149 26.73 38.30 3.96
CA PHE F 149 26.70 39.19 2.81
C PHE F 149 27.49 40.45 3.08
N ILE F 150 28.12 40.97 2.02
CA ILE F 150 28.74 42.29 2.03
C ILE F 150 28.27 43.01 0.77
N ARG F 151 27.96 44.30 0.91
CA ARG F 151 27.53 45.11 -0.22
C ARG F 151 28.62 46.14 -0.50
N ILE F 152 29.09 46.15 -1.74
CA ILE F 152 30.10 47.12 -2.16
C ILE F 152 29.61 47.88 -3.39
N GLN F 166 35.71 50.93 -0.31
CA GLN F 166 34.30 50.92 -0.71
C GLN F 166 33.57 49.75 -0.07
N VAL F 167 32.88 50.02 1.05
CA VAL F 167 32.04 49.03 1.72
C VAL F 167 30.79 49.75 2.20
N LEU F 168 29.63 49.38 1.65
CA LEU F 168 28.37 50.00 2.02
C LEU F 168 27.67 49.27 3.16
N ASP F 169 27.62 47.95 3.11
CA ASP F 169 27.02 47.13 4.15
C ASP F 169 28.05 46.08 4.57
N ASN F 170 28.45 46.11 5.83
CA ASN F 170 29.54 45.29 6.32
C ASN F 170 29.04 43.90 6.74
N LEU F 171 30.01 43.02 7.01
CA LEU F 171 29.70 41.68 7.51
C LEU F 171 29.14 41.78 8.92
N ARG F 172 28.29 40.81 9.25
CA ARG F 172 27.89 40.60 10.64
C ARG F 172 28.73 39.54 11.34
N PHE F 173 29.25 38.57 10.59
CA PHE F 173 30.21 37.63 11.13
C PHE F 173 31.45 38.37 11.62
N THR F 174 31.95 37.99 12.79
CA THR F 174 33.14 38.60 13.35
C THR F 174 34.24 37.61 13.70
N GLU F 175 33.95 36.31 13.73
CA GLU F 175 34.94 35.30 14.11
C GLU F 175 35.48 34.61 12.86
N LEU F 176 36.26 35.38 12.10
CA LEU F 176 36.84 34.91 10.86
C LEU F 176 38.34 34.66 10.96
N THR F 177 38.96 34.97 12.09
CA THR F 177 40.39 34.76 12.26
C THR F 177 40.71 33.26 12.21
N GLY F 178 41.69 32.90 11.39
CA GLY F 178 42.08 31.51 11.28
C GLY F 178 41.03 30.62 10.65
N LYS F 179 40.08 31.19 9.93
CA LYS F 179 39.03 30.43 9.26
C LYS F 179 39.30 30.35 7.77
N HIS F 180 38.80 29.29 7.14
CA HIS F 180 38.81 29.19 5.69
C HIS F 180 37.62 29.98 5.15
N VAL F 181 37.90 30.99 4.33
CA VAL F 181 36.89 31.92 3.84
C VAL F 181 36.84 31.84 2.32
N LEU F 182 35.64 31.75 1.78
CA LEU F 182 35.42 31.72 0.33
C LEU F 182 34.56 32.91 -0.04
N ILE F 183 35.02 33.69 -1.01
CA ILE F 183 34.27 34.84 -1.53
C ILE F 183 33.57 34.40 -2.81
N MET F 184 32.27 34.67 -2.89
CA MET F 184 31.47 34.39 -4.07
C MET F 184 31.13 35.70 -4.75
N GLU F 185 31.65 35.89 -5.97
CA GLU F 185 31.42 37.10 -6.74
C GLU F 185 30.84 36.74 -8.11
N ASP F 186 30.03 37.64 -8.65
CA ASP F 186 29.41 37.40 -9.95
C ASP F 186 30.44 37.35 -11.07
N ILE F 187 31.35 38.33 -11.11
CA ILE F 187 32.25 38.45 -12.26
C ILE F 187 33.52 39.18 -11.83
N ALA F 188 34.61 38.86 -12.52
CA ALA F 188 35.88 39.56 -12.40
C ALA F 188 36.30 40.04 -13.78
N ASP F 189 36.42 41.36 -13.94
CA ASP F 189 36.79 41.95 -15.21
C ASP F 189 38.16 42.58 -15.06
N THR F 190 38.25 43.87 -14.70
CA THR F 190 39.55 44.48 -14.49
C THR F 190 40.28 43.88 -13.29
N GLY F 191 39.55 43.27 -12.36
CA GLY F 191 40.15 42.70 -11.18
C GLY F 191 40.47 43.70 -10.08
N ARG F 192 40.28 44.99 -10.32
CA ARG F 192 40.60 46.00 -9.31
C ARG F 192 39.70 45.87 -8.09
N THR F 193 38.40 45.63 -8.31
CA THR F 193 37.46 45.54 -7.19
C THR F 193 37.81 44.38 -6.26
N MET F 194 38.00 43.19 -6.82
CA MET F 194 38.21 42.02 -5.99
C MET F 194 39.62 41.98 -5.41
N LYS F 195 40.61 42.52 -6.13
CA LYS F 195 41.97 42.57 -5.58
C LYS F 195 42.01 43.41 -4.31
N LEU F 196 41.36 44.58 -4.33
CA LEU F 196 41.31 45.42 -3.14
C LEU F 196 40.39 44.83 -2.08
N LEU F 197 39.32 44.15 -2.50
CA LEU F 197 38.41 43.53 -1.54
C LEU F 197 39.08 42.38 -0.80
N VAL F 198 39.89 41.59 -1.51
CA VAL F 198 40.63 40.51 -0.87
C VAL F 198 41.68 41.08 0.08
N GLU F 199 42.28 42.22 -0.25
CA GLU F 199 43.25 42.86 0.64
C GLU F 199 42.59 43.29 1.95
N LYS F 200 41.42 43.93 1.85
CA LYS F 200 40.77 44.46 3.04
C LYS F 200 40.29 43.33 3.96
N ILE F 201 39.70 42.28 3.39
CA ILE F 201 39.24 41.17 4.22
C ILE F 201 40.41 40.47 4.89
N ARG F 202 41.54 40.36 4.18
CA ARG F 202 42.72 39.72 4.77
C ARG F 202 43.30 40.54 5.91
N ARG F 203 43.39 41.86 5.74
CA ARG F 203 43.95 42.73 6.77
C ARG F 203 42.99 42.92 7.94
N GLU F 204 41.69 42.77 7.73
CA GLU F 204 40.71 43.01 8.78
C GLU F 204 40.48 41.77 9.65
N TYR F 205 40.50 40.59 9.05
CA TYR F 205 40.11 39.37 9.76
C TYR F 205 41.22 38.33 9.89
N ARG F 206 42.27 38.39 9.06
CA ARG F 206 43.36 37.42 9.07
C ARG F 206 42.84 35.98 8.98
N PRO F 207 42.22 35.60 7.87
CA PRO F 207 41.73 34.23 7.76
C PRO F 207 42.86 33.25 7.49
N ALA F 208 42.58 31.97 7.77
CA ALA F 208 43.55 30.92 7.46
C ALA F 208 43.81 30.84 5.96
N SER F 209 42.76 30.94 5.16
CA SER F 209 42.88 30.98 3.72
C SER F 209 41.74 31.82 3.17
N LEU F 210 41.97 32.45 2.01
CA LEU F 210 40.99 33.32 1.39
C LEU F 210 41.04 33.09 -0.12
N LYS F 211 40.00 32.46 -0.65
CA LYS F 211 39.90 32.17 -2.07
C LYS F 211 38.62 32.79 -2.63
N VAL F 212 38.60 32.95 -3.94
CA VAL F 212 37.50 33.62 -4.63
C VAL F 212 36.92 32.65 -5.66
N CYS F 213 35.59 32.52 -5.65
CA CYS F 213 34.85 31.74 -6.64
C CYS F 213 33.96 32.69 -7.42
N VAL F 214 34.25 32.86 -8.70
CA VAL F 214 33.50 33.77 -9.56
C VAL F 214 32.66 32.96 -10.53
N LEU F 215 31.46 33.47 -10.84
CA LEU F 215 30.61 32.84 -11.83
C LEU F 215 31.18 33.02 -13.24
N VAL F 216 31.60 34.24 -13.56
CA VAL F 216 32.14 34.58 -14.87
C VAL F 216 33.48 35.26 -14.68
N ASP F 217 34.49 34.79 -15.40
CA ASP F 217 35.79 35.44 -15.42
C ASP F 217 36.03 36.01 -16.81
N LYS F 218 36.45 37.28 -16.88
CA LYS F 218 36.80 37.94 -18.12
C LYS F 218 38.28 38.29 -18.05
N PRO F 219 39.18 37.33 -18.31
CA PRO F 219 40.61 37.58 -18.12
C PRO F 219 41.17 38.63 -19.08
N GLY F 220 40.54 38.84 -20.23
CA GLY F 220 41.04 39.81 -21.18
C GLY F 220 40.93 41.25 -20.71
N GLY F 221 40.13 41.48 -19.67
CA GLY F 221 39.92 42.81 -19.14
C GLY F 221 40.81 43.20 -17.98
N ARG F 222 41.76 42.35 -17.60
CA ARG F 222 42.58 42.61 -16.42
C ARG F 222 43.44 43.85 -16.61
N VAL F 223 43.39 44.75 -15.62
CA VAL F 223 44.37 45.82 -15.50
C VAL F 223 45.28 45.61 -14.30
N VAL F 224 44.92 44.73 -13.37
CA VAL F 224 45.75 44.34 -12.24
C VAL F 224 45.82 42.82 -12.22
N ASP F 225 46.84 42.29 -11.54
CA ASP F 225 47.00 40.85 -11.43
C ASP F 225 46.04 40.32 -10.38
N PHE F 226 44.98 39.65 -10.84
CA PHE F 226 44.04 38.99 -9.94
C PHE F 226 43.55 37.73 -10.63
N LYS F 227 43.81 36.58 -10.03
CA LYS F 227 43.39 35.30 -10.59
C LYS F 227 42.50 34.58 -9.59
N PRO F 228 41.18 34.52 -9.83
CA PRO F 228 40.31 33.79 -8.92
C PRO F 228 40.60 32.30 -8.96
N GLU F 229 40.58 31.66 -7.78
CA GLU F 229 40.95 30.26 -7.68
C GLU F 229 39.90 29.36 -8.33
N PHE F 230 38.65 29.78 -8.37
CA PHE F 230 37.56 28.97 -8.88
C PHE F 230 36.76 29.79 -9.88
N VAL F 231 36.62 29.29 -11.10
CA VAL F 231 35.94 29.99 -12.18
C VAL F 231 34.96 29.02 -12.83
N CYS F 232 33.68 29.40 -12.84
CA CYS F 232 32.66 28.57 -13.49
C CYS F 232 32.71 28.72 -15.01
N LEU F 233 32.56 29.95 -15.50
CA LEU F 233 32.58 30.23 -16.93
C LEU F 233 33.58 31.34 -17.22
N THR F 234 34.21 31.24 -18.39
CA THR F 234 35.11 32.27 -18.89
C THR F 234 34.48 32.91 -20.12
N ALA F 235 34.40 34.23 -20.13
CA ALA F 235 33.69 34.98 -21.13
C ALA F 235 34.60 36.02 -21.76
N PRO F 236 34.30 36.48 -22.98
CA PRO F 236 35.08 37.55 -23.59
C PRO F 236 34.79 38.89 -22.92
N THR F 237 35.56 39.90 -23.33
CA THR F 237 35.43 41.25 -22.77
C THR F 237 34.25 41.97 -23.40
N ARG F 238 33.06 41.48 -23.08
CA ARG F 238 31.82 42.11 -23.50
C ARG F 238 30.89 42.22 -22.29
N TYR F 239 30.05 43.25 -22.29
CA TYR F 239 29.11 43.41 -21.20
C TYR F 239 28.02 42.35 -21.28
N VAL F 240 27.80 41.65 -20.16
CA VAL F 240 26.84 40.55 -20.13
C VAL F 240 25.71 40.88 -19.19
N VAL F 241 24.53 40.34 -19.50
CA VAL F 241 23.33 40.50 -18.70
C VAL F 241 22.74 39.12 -18.44
N GLY F 242 21.86 39.07 -17.46
CA GLY F 242 21.16 37.83 -17.16
C GLY F 242 21.87 37.01 -16.09
N TYR F 243 21.08 36.22 -15.38
CA TYR F 243 21.53 35.37 -14.27
C TYR F 243 22.45 36.14 -13.33
N GLY F 244 21.88 37.17 -12.69
CA GLY F 244 22.59 38.00 -11.76
C GLY F 244 23.22 39.23 -12.35
N PHE F 245 23.44 39.26 -13.66
CA PHE F 245 24.00 40.42 -14.34
C PHE F 245 22.88 41.27 -14.92
N GLU F 246 23.12 42.59 -14.97
CA GLU F 246 22.04 43.52 -15.23
C GLU F 246 22.57 44.80 -15.86
N VAL F 247 21.63 45.62 -16.34
CA VAL F 247 21.88 47.02 -16.68
C VAL F 247 20.84 47.84 -15.92
N ASN F 248 21.30 48.64 -14.96
CA ASN F 248 20.43 49.38 -14.05
C ASN F 248 19.35 48.45 -13.47
N ASP F 249 19.80 47.29 -13.00
CA ASP F 249 19.03 46.28 -12.28
C ASP F 249 18.04 45.53 -13.15
N ARG F 250 17.97 45.79 -14.46
CA ARG F 250 17.09 45.05 -15.35
C ARG F 250 17.80 43.81 -15.88
N TYR F 251 16.99 42.77 -16.16
CA TYR F 251 17.41 41.48 -16.71
C TYR F 251 18.13 40.59 -15.71
N ARG F 252 18.18 40.99 -14.43
CA ARG F 252 18.94 40.22 -13.45
C ARG F 252 18.29 38.85 -13.18
N ASN F 253 16.98 38.73 -13.41
CA ASN F 253 16.25 37.51 -13.09
C ASN F 253 16.14 36.56 -14.27
N TYR F 254 16.88 36.79 -15.34
CA TYR F 254 16.83 35.90 -16.49
C TYR F 254 17.66 34.65 -16.23
N ARG F 255 17.24 33.53 -16.81
CA ARG F 255 17.88 32.25 -16.54
C ARG F 255 19.13 32.01 -17.39
N HIS F 256 19.40 32.86 -18.38
CA HIS F 256 20.55 32.70 -19.25
C HIS F 256 21.41 33.95 -19.21
N VAL F 257 22.67 33.79 -19.62
CA VAL F 257 23.62 34.89 -19.69
C VAL F 257 23.78 35.28 -21.16
N PHE F 258 23.52 36.56 -21.47
CA PHE F 258 23.57 37.06 -22.82
C PHE F 258 24.64 38.13 -22.95
N VAL F 259 25.07 38.36 -24.19
CA VAL F 259 25.81 39.56 -24.53
C VAL F 259 24.78 40.64 -24.85
N LEU F 260 24.85 41.77 -24.13
CA LEU F 260 23.89 42.83 -24.35
C LEU F 260 24.22 43.60 -25.62
N LYS F 261 23.17 44.00 -26.35
CA LYS F 261 23.37 44.86 -27.50
C LYS F 261 23.88 46.21 -27.04
N PRO F 262 24.86 46.80 -27.76
CA PRO F 262 25.34 48.13 -27.37
C PRO F 262 24.26 49.20 -27.33
N GLU F 263 23.21 49.06 -28.15
CA GLU F 263 22.14 50.05 -28.15
C GLU F 263 21.26 49.98 -26.90
N TYR F 264 21.46 48.98 -26.04
CA TYR F 264 20.72 48.85 -24.79
C TYR F 264 21.51 49.32 -23.59
N ALA F 265 22.74 49.80 -23.78
CA ALA F 265 23.63 50.08 -22.65
C ALA F 265 23.06 51.15 -21.74
N LYS F 266 22.49 52.21 -22.32
CA LYS F 266 21.95 53.32 -21.54
C LYS F 266 20.44 53.46 -21.73
N ARG F 267 19.74 52.33 -21.87
CA ARG F 267 18.32 52.37 -22.18
C ARG F 267 17.48 52.81 -20.97
N TYR F 268 17.94 52.53 -19.76
CA TYR F 268 17.19 52.83 -18.54
C TYR F 268 18.06 53.66 -17.60
N PRO F 269 18.25 54.96 -17.91
CA PRO F 269 19.17 55.77 -17.12
C PRO F 269 18.55 56.38 -15.86
N SER F 270 17.23 56.41 -15.74
CA SER F 270 16.60 57.04 -14.59
C SER F 270 16.92 56.28 -13.31
N LYS F 271 17.15 57.03 -12.23
CA LYS F 271 17.56 56.42 -10.98
C LYS F 271 16.43 55.59 -10.39
N LEU F 272 16.78 54.41 -9.88
CA LEU F 272 15.84 53.57 -9.16
C LEU F 272 15.81 53.94 -7.69
P XMP G . -26.58 -11.88 9.01
O1P XMP G . -28.00 -11.38 9.17
O2P XMP G . -26.38 -13.13 9.86
O5' XMP G . -25.50 -10.68 9.52
O3P XMP G . -26.31 -12.20 7.56
C5' XMP G . -25.86 -9.90 10.67
C4' XMP G . -24.62 -9.45 11.38
O4' XMP G . -24.05 -10.44 11.98
C1' XMP G . -22.58 -10.06 12.02
N9 XMP G . -21.81 -11.11 11.71
C4 XMP G . -20.53 -11.26 12.07
N3 XMP G . -19.59 -10.42 12.84
N1 XMP G . -17.80 -12.14 12.51
C2 XMP G . -18.17 -10.82 13.11
O2 XMP G . -17.42 -10.15 13.73
C6 XMP G . -18.73 -12.93 11.77
O6 XMP G . -18.40 -13.97 11.31
C5 XMP G . -20.13 -12.45 11.55
N7 XMP G . -21.17 -12.98 10.90
C8 XMP G . -22.19 -12.16 11.01
C2' XMP G . -22.42 -8.89 10.94
O2' XMP G . -22.26 -7.55 11.63
C3' XMP G . -23.47 -8.90 10.31
O3' XMP G . -23.82 -7.53 9.83
MG MG H . -7.03 -9.41 23.01
MG MG I . -23.40 -5.19 9.72
P XMP J . -15.71 24.79 12.24
O1P XMP J . -16.79 24.82 13.31
O2P XMP J . -15.57 26.18 11.63
O5' XMP J . -16.16 23.70 11.04
O3P XMP J . -14.40 24.37 12.86
C5' XMP J . -17.54 23.59 10.72
C4' XMP J . -17.70 22.63 9.58
O4' XMP J . -17.49 23.23 8.47
C1' XMP J . -16.79 22.22 7.58
N9 XMP J . -15.68 22.76 7.04
C4 XMP J . -15.15 22.43 5.86
N3 XMP J . -15.55 21.46 4.83
N1 XMP J . -13.57 22.14 3.44
C2 XMP J . -14.77 21.27 3.55
O2 XMP J . -15.08 20.49 2.71
C6 XMP J . -13.21 23.08 4.48
O6 XMP J . -12.25 23.75 4.34
C5 XMP J . -14.04 23.20 5.70
N7 XMP J . -13.92 23.98 6.79
C8 XMP J . -14.93 23.69 7.60
C2' XMP J . -16.46 20.99 8.52
O2' XMP J . -17.48 19.90 8.34
C3' XMP J . -16.53 21.44 9.67
O3' XMP J . -16.95 20.38 10.63
P XMP K . 12.17 -33.09 5.73
O1P XMP K . 12.69 -33.08 7.15
O2P XMP K . 11.15 -31.98 5.56
O5' XMP K . 11.45 -34.59 5.43
O3P XMP K . 13.32 -32.87 4.77
C5' XMP K . 10.12 -34.62 4.92
C4' XMP K . 9.84 -36.02 4.44
O4' XMP K . 10.09 -36.86 5.38
C1' XMP K . 8.78 -37.52 5.76
N9 XMP K . 8.43 -37.23 7.02
C4 XMP K . 7.51 -37.90 7.74
N3 XMP K . 6.66 -39.06 7.44
N1 XMP K . 5.68 -38.92 9.75
C2 XMP K . 5.70 -39.64 8.43
O2 XMP K . 5.01 -40.58 8.21
C6 XMP K . 6.52 -37.78 10.00
O6 XMP K . 6.47 -37.24 11.04
C5 XMP K . 7.45 -37.28 8.95
N7 XMP K . 8.32 -36.26 8.93
C8 XMP K . 8.90 -36.25 7.76
C2' XMP K . 7.69 -37.00 4.73
O2' XMP K . 7.15 -38.14 3.89
C3' XMP K . 8.22 -36.16 4.01
O3' XMP K . 8.12 -36.56 2.58
P XMP L . 7.69 37.37 13.23
O1P XMP L . 7.79 38.80 13.75
O2P XMP L . 7.27 36.46 14.38
O5' XMP L . 9.20 36.87 12.65
O3P XMP L . 6.66 37.31 12.12
C5' XMP L . 10.33 37.07 13.50
C4' XMP L . 11.50 36.25 12.99
O4' XMP L . 11.57 35.14 13.60
C1' XMP L . 12.10 34.14 12.58
N9 XMP L . 11.34 33.04 12.56
C4 XMP L . 11.76 31.79 12.30
N3 XMP L . 13.07 31.23 11.94
N1 XMP L . 12.06 28.94 11.82
C2 XMP L . 13.30 29.76 11.68
O2 XMP L . 14.34 29.31 11.39
C6 XMP L . 10.79 29.52 12.17
O6 XMP L . 9.84 28.84 12.27
C5 XMP L . 10.67 30.99 12.41
N7 XMP L . 9.62 31.76 12.75
C8 XMP L . 10.04 32.99 12.84
C2' XMP L . 12.04 34.91 11.18
O2' XMP L . 13.42 35.37 10.76
C3' XMP L . 11.30 35.88 11.37
O3' XMP L . 11.71 37.03 10.51
MG MG M . 13.85 37.30 6.08
P XMP N . -9.42 -48.83 -22.02
O1P XMP N . -10.14 -49.63 -20.95
O2P XMP N . -10.42 -48.24 -23.01
O5' XMP N . -8.53 -47.59 -21.30
O3P XMP N . -8.46 -49.75 -22.77
C5' XMP N . -9.06 -46.96 -20.14
C4' XMP N . -8.67 -45.50 -20.21
O4' XMP N . -9.38 -44.92 -21.10
C1' XMP N . -9.81 -43.58 -20.51
N9 XMP N . -11.13 -43.43 -20.66
C4 XMP N . -11.85 -42.37 -20.26
N3 XMP N . -11.50 -41.13 -19.55
N1 XMP N . -13.90 -40.41 -19.62
C2 XMP N . -12.51 -40.07 -19.20
O2 XMP N . -12.23 -39.07 -18.64
C6 XMP N . -14.22 -41.64 -20.30
O6 XMP N . -15.33 -41.87 -20.60
C5 XMP N . -13.15 -42.63 -20.61
N7 XMP N . -13.16 -43.82 -21.22
C8 XMP N . -11.94 -44.30 -21.25
C2' XMP N . -9.37 -43.62 -18.98
O2' XMP N . -8.25 -42.63 -18.73
C3' XMP N . -8.99 -44.76 -18.74
O3' XMP N . -7.75 -44.74 -17.90
P XMP O . 36.03 44.60 -11.87
O1P XMP O . 36.58 45.44 -10.74
O2P XMP O . 36.25 45.33 -13.19
O5' XMP O . 34.38 44.35 -11.64
O3P XMP O . 36.74 43.25 -11.91
C5' XMP O . 33.64 45.35 -10.93
C4' XMP O . 32.20 45.34 -11.39
O4' XMP O . 32.10 45.58 -12.64
C1' XMP O . 30.81 44.89 -13.05
N9 XMP O . 30.97 44.26 -14.23
C4 XMP O . 29.97 43.79 -14.99
N3 XMP O . 28.51 43.78 -14.84
N1 XMP O . 28.30 42.59 -17.03
C2 XMP O . 27.58 43.17 -15.85
O2 XMP O . 26.41 43.15 -15.73
C6 XMP O . 29.73 42.61 -17.15
O6 XMP O . 30.24 42.14 -18.10
C5 XMP O . 30.56 43.24 -16.09
N7 XMP O . 31.89 43.39 -15.97
C8 XMP O . 32.12 44.02 -14.83
C2' XMP O . 30.50 43.86 -11.88
O2' XMP O . 29.36 44.36 -11.03
C3' XMP O . 31.53 43.81 -11.22
O3' XMP O . 31.21 43.54 -9.78
#